data_6T9R
#
_entry.id   6T9R
#
_cell.length_a   209.466
_cell.length_b   132.874
_cell.length_c   131.086
_cell.angle_alpha   90.000
_cell.angle_beta   102.524
_cell.angle_gamma   90.000
#
_symmetry.space_group_name_H-M   'C 1 2 1'
#
loop_
_entity.id
_entity.type
_entity.pdbx_description
1 polymer 'Acetylcholine binding protein'
2 non-polymer (1~{R},9~{S})-5-(3-oxidanylpropyl)-7,11-diazatricyclo[7.3.1.0^{2,7}]trideca-2,4-dien-6-one
3 non-polymer 2-acetamido-2-deoxy-beta-D-glucopyranose
4 non-polymer GLYCEROL
5 non-polymer 'PHOSPHATE ION'
6 non-polymer 'CHLORIDE ION'
7 non-polymer 'POTASSIUM ION'
8 water water
#
_entity_poly.entity_id   1
_entity_poly.type   'polypeptide(L)'
_entity_poly.pdbx_seq_one_letter_code
;MLVSVYLALLVACVGQAHSQANLMRLKSDLFNRSPMYPGPTKDDPLTVTLGFTLQDIVKVDSSTNEVDLVYYEQQRWKLN
SLMWDPNEYGNITDFRTSAADIWTPDITAYSSTRPVQVLSPQIAVVTHDGSVMFIPAQRLSFMCDPTGVDSEEGVTCAVK
FGSWVYSGFEIDLKTDTDQVDLSSYYASSKYEILSATQTRQVQHYSCCPEPYIDVNLVVKFRERRAGNGFFRNLFDENLY
FQGHHHHHH
;
_entity_poly.pdbx_strand_id   AAA,BBB,CCC,DDD,EEE,FFF,GGG,HHH,III,JJJ
#
loop_
_chem_comp.id
_chem_comp.type
_chem_comp.name
_chem_comp.formula
CL non-polymer 'CHLORIDE ION' 'Cl -1'
GOL non-polymer GLYCEROL 'C3 H8 O3'
K non-polymer 'POTASSIUM ION' 'K 1'
MXQ non-polymer (1~{R},9~{S})-5-(3-oxidanylpropyl)-7,11-diazatricyclo[7.3.1.0^{2,7}]trideca-2,4-dien-6-one 'C14 H20 N2 O2'
NAG D-saccharide, beta linking 2-acetamido-2-deoxy-beta-D-glucopyranose 'C8 H15 N O6'
PO4 non-polymer 'PHOSPHATE ION' 'O4 P -3'
#
# COMPACT_ATOMS: atom_id res chain seq x y z
N GLN A 20 -13.89 -26.45 -8.65
CA GLN A 20 -13.42 -27.83 -8.44
C GLN A 20 -14.48 -28.71 -7.81
N ALA A 21 -14.20 -29.99 -7.95
CA ALA A 21 -15.22 -31.05 -8.01
C ALA A 21 -15.89 -31.18 -6.65
N ASN A 22 -15.12 -31.18 -5.55
CA ASN A 22 -15.72 -31.44 -4.22
C ASN A 22 -16.68 -30.27 -3.87
N LEU A 23 -16.32 -29.04 -4.24
CA LEU A 23 -17.17 -27.86 -3.90
C LEU A 23 -18.42 -27.90 -4.74
N MET A 24 -18.30 -28.26 -6.01
CA MET A 24 -19.49 -28.33 -6.89
C MET A 24 -20.45 -29.38 -6.35
N ARG A 25 -19.93 -30.50 -5.89
CA ARG A 25 -20.75 -31.59 -5.27
C ARG A 25 -21.42 -31.08 -3.99
N LEU A 26 -20.68 -30.38 -3.13
CA LEU A 26 -21.24 -29.88 -1.84
C LEU A 26 -22.39 -28.90 -2.13
N LYS A 27 -22.17 -27.95 -3.05
CA LYS A 27 -23.21 -26.92 -3.34
C LYS A 27 -24.47 -27.60 -3.93
N SER A 28 -24.26 -28.56 -4.84
CA SER A 28 -25.38 -29.36 -5.42
C SER A 28 -26.19 -30.07 -4.31
N ASP A 29 -25.51 -30.69 -3.37
CA ASP A 29 -26.15 -31.38 -2.21
C ASP A 29 -26.88 -30.41 -1.29
N LEU A 30 -26.29 -29.25 -1.00
CA LEU A 30 -26.92 -28.28 -0.06
C LEU A 30 -28.09 -27.55 -0.74
N PHE A 31 -28.02 -27.25 -2.03
CA PHE A 31 -28.96 -26.30 -2.66
C PHE A 31 -29.94 -26.97 -3.63
N ASN A 32 -29.60 -28.08 -4.28
CA ASN A 32 -30.45 -28.65 -5.38
C ASN A 32 -31.35 -29.76 -4.87
N ARG A 33 -31.25 -30.20 -3.61
CA ARG A 33 -31.93 -31.44 -3.15
C ARG A 33 -33.12 -31.19 -2.22
N SER A 34 -33.18 -30.05 -1.54
CA SER A 34 -34.24 -29.71 -0.55
C SER A 34 -34.88 -28.38 -0.92
N PRO A 35 -36.09 -28.03 -0.43
CA PRO A 35 -36.60 -26.67 -0.63
C PRO A 35 -35.71 -25.69 0.12
N MET A 36 -35.78 -24.42 -0.27
CA MET A 36 -35.02 -23.41 0.52
CA MET A 36 -35.15 -23.28 0.47
C MET A 36 -35.62 -23.37 1.93
N TYR A 37 -34.75 -23.14 2.89
CA TYR A 37 -35.12 -22.78 4.28
C TYR A 37 -36.23 -21.73 4.22
N PRO A 38 -37.39 -21.90 4.90
CA PRO A 38 -38.49 -20.92 4.83
C PRO A 38 -38.43 -19.79 5.86
N GLY A 39 -37.27 -19.60 6.45
CA GLY A 39 -37.01 -18.57 7.46
C GLY A 39 -37.38 -19.14 8.82
N PRO A 40 -37.07 -18.38 9.88
CA PRO A 40 -37.32 -18.86 11.24
C PRO A 40 -38.81 -18.86 11.58
N THR A 41 -39.11 -19.59 12.65
CA THR A 41 -40.46 -19.75 13.22
C THR A 41 -40.40 -19.68 14.74
N LYS A 42 -41.56 -19.59 15.37
CA LYS A 42 -41.66 -19.61 16.85
C LYS A 42 -41.07 -20.92 17.39
N ASP A 43 -41.20 -22.03 16.66
CA ASP A 43 -40.71 -23.36 17.11
C ASP A 43 -39.21 -23.47 16.83
N ASP A 44 -38.67 -22.82 15.79
CA ASP A 44 -37.21 -22.85 15.50
CA ASP A 44 -37.23 -22.86 15.40
C ASP A 44 -36.73 -21.43 15.18
N PRO A 45 -36.61 -20.61 16.25
CA PRO A 45 -36.19 -19.23 16.10
C PRO A 45 -34.69 -19.13 15.87
N LEU A 46 -34.21 -17.97 15.46
CA LEU A 46 -32.74 -17.84 15.34
CA LEU A 46 -32.79 -17.71 15.09
C LEU A 46 -32.30 -16.49 15.88
N THR A 47 -31.02 -16.44 16.21
CA THR A 47 -30.32 -15.23 16.67
C THR A 47 -29.36 -14.77 15.58
N VAL A 48 -29.48 -13.51 15.19
CA VAL A 48 -28.57 -12.89 14.21
C VAL A 48 -27.63 -12.00 15.02
N THR A 49 -26.34 -12.14 14.81
CA THR A 49 -25.31 -11.26 15.42
C THR A 49 -25.09 -10.12 14.45
N LEU A 50 -25.11 -8.88 14.93
CA LEU A 50 -24.88 -7.71 14.05
C LEU A 50 -23.67 -6.95 14.57
N GLY A 51 -22.92 -6.33 13.68
CA GLY A 51 -21.95 -5.29 14.07
C GLY A 51 -21.64 -4.35 12.91
N PHE A 52 -21.23 -3.13 13.22
CA PHE A 52 -21.02 -2.12 12.18
C PHE A 52 -19.56 -1.74 12.12
N THR A 53 -19.07 -1.51 10.91
CA THR A 53 -17.78 -0.88 10.63
C THR A 53 -18.10 0.43 9.92
N LEU A 54 -18.01 1.57 10.61
CA LEU A 54 -18.39 2.87 10.01
C LEU A 54 -17.21 3.41 9.18
N GLN A 55 -17.40 3.58 7.87
CA GLN A 55 -16.33 4.06 6.97
C GLN A 55 -16.38 5.60 6.85
N ASP A 56 -17.56 6.21 6.79
CA ASP A 56 -17.66 7.66 6.53
C ASP A 56 -19.03 8.22 6.87
N ILE A 57 -19.08 9.39 7.52
CA ILE A 57 -20.28 10.28 7.45
C ILE A 57 -20.01 11.14 6.23
N VAL A 58 -20.72 10.86 5.15
CA VAL A 58 -20.44 11.42 3.80
CA VAL A 58 -20.35 11.45 3.84
C VAL A 58 -21.06 12.81 3.69
N LYS A 59 -22.28 12.93 4.16
CA LYS A 59 -23.06 14.15 3.87
C LYS A 59 -24.06 14.38 4.97
N VAL A 60 -24.29 15.67 5.19
CA VAL A 60 -25.32 16.17 6.13
CA VAL A 60 -25.28 16.21 6.15
C VAL A 60 -26.20 17.15 5.34
N ASP A 61 -27.50 17.04 5.48
CA ASP A 61 -28.48 17.94 4.80
C ASP A 61 -29.26 18.67 5.88
N SER A 62 -28.82 19.89 6.25
CA SER A 62 -29.51 20.70 7.29
C SER A 62 -30.90 21.18 6.81
N SER A 63 -31.22 21.15 5.52
CA SER A 63 -32.55 21.59 5.03
CA SER A 63 -32.54 21.56 4.99
C SER A 63 -33.58 20.46 5.20
N THR A 64 -33.14 19.18 5.26
CA THR A 64 -34.09 18.01 5.32
C THR A 64 -33.90 17.15 6.58
N ASN A 65 -32.89 17.44 7.40
CA ASN A 65 -32.46 16.63 8.55
C ASN A 65 -32.33 15.18 8.05
N GLU A 66 -31.50 15.01 7.05
CA GLU A 66 -31.03 13.72 6.55
C GLU A 66 -29.49 13.66 6.61
N VAL A 67 -28.95 12.56 7.11
CA VAL A 67 -27.49 12.31 7.14
C VAL A 67 -27.19 10.99 6.42
N ASP A 68 -26.07 10.99 5.70
CA ASP A 68 -25.68 9.83 4.87
C ASP A 68 -24.46 9.16 5.50
N LEU A 69 -24.56 7.86 5.74
CA LEU A 69 -23.47 7.02 6.30
C LEU A 69 -23.00 6.04 5.25
N VAL A 70 -21.69 5.73 5.22
CA VAL A 70 -21.16 4.56 4.46
C VAL A 70 -20.57 3.64 5.52
N TYR A 71 -20.96 2.36 5.49
CA TYR A 71 -20.56 1.38 6.51
C TYR A 71 -20.61 -0.02 5.89
N TYR A 72 -20.03 -0.99 6.58
CA TYR A 72 -20.41 -2.39 6.27
C TYR A 72 -20.92 -3.06 7.53
N GLU A 73 -21.92 -3.91 7.34
CA GLU A 73 -22.70 -4.51 8.44
C GLU A 73 -22.38 -6.01 8.45
N GLN A 74 -21.70 -6.51 9.48
CA GLN A 74 -21.39 -7.94 9.62
C GLN A 74 -22.63 -8.62 10.20
N GLN A 75 -23.16 -9.61 9.49
CA GLN A 75 -24.33 -10.39 9.92
C GLN A 75 -23.86 -11.84 10.07
N ARG A 76 -24.31 -12.52 11.11
CA ARG A 76 -23.95 -13.95 11.39
C ARG A 76 -25.19 -14.64 11.98
N TRP A 77 -25.47 -15.82 11.46
CA TRP A 77 -26.53 -16.72 11.96
C TRP A 77 -26.07 -18.17 11.66
N LYS A 78 -26.84 -19.15 12.09
CA LYS A 78 -26.50 -20.59 11.94
C LYS A 78 -27.77 -21.39 11.67
N LEU A 79 -27.75 -22.22 10.63
CA LEU A 79 -28.85 -23.14 10.25
C LEU A 79 -28.31 -24.58 10.31
N ASN A 80 -29.07 -25.48 10.93
CA ASN A 80 -28.80 -26.94 10.86
C ASN A 80 -28.79 -27.43 9.42
N SER A 81 -29.63 -26.87 8.57
CA SER A 81 -29.79 -27.25 7.15
C SER A 81 -28.55 -26.93 6.33
N LEU A 82 -27.63 -26.07 6.82
CA LEU A 82 -26.41 -25.76 6.04
C LEU A 82 -25.20 -26.55 6.56
N MET A 83 -25.39 -27.55 7.43
CA MET A 83 -24.30 -28.37 8.02
C MET A 83 -23.83 -29.43 7.02
N TRP A 84 -22.54 -29.69 7.00
CA TRP A 84 -21.97 -30.86 6.27
C TRP A 84 -20.77 -31.42 7.02
N ASP A 85 -20.44 -32.65 6.69
CA ASP A 85 -19.20 -33.31 7.21
C ASP A 85 -18.05 -33.03 6.25
N PRO A 86 -17.01 -32.25 6.61
CA PRO A 86 -15.92 -31.96 5.68
C PRO A 86 -15.25 -33.22 5.09
N ASN A 87 -15.21 -34.32 5.84
CA ASN A 87 -14.65 -35.63 5.41
CA ASN A 87 -14.60 -35.59 5.36
C ASN A 87 -15.33 -36.13 4.13
N GLU A 88 -16.63 -35.84 3.93
CA GLU A 88 -17.39 -36.35 2.76
CA GLU A 88 -17.43 -36.30 2.76
C GLU A 88 -17.22 -35.38 1.55
N TYR A 89 -16.50 -34.26 1.72
CA TYR A 89 -16.35 -33.21 0.68
C TYR A 89 -14.93 -32.68 0.66
N GLY A 90 -13.95 -33.60 0.71
CA GLY A 90 -12.55 -33.22 0.41
C GLY A 90 -11.97 -32.25 1.42
N ASN A 91 -12.38 -32.36 2.68
CA ASN A 91 -11.89 -31.52 3.80
C ASN A 91 -12.35 -30.06 3.66
N ILE A 92 -13.32 -29.74 2.79
CA ILE A 92 -13.86 -28.34 2.67
C ILE A 92 -14.52 -27.96 3.98
N THR A 93 -14.09 -26.86 4.62
CA THR A 93 -14.64 -26.40 5.93
C THR A 93 -15.57 -25.17 5.74
N ASP A 94 -15.50 -24.49 4.62
CA ASP A 94 -16.33 -23.30 4.34
C ASP A 94 -16.28 -23.03 2.87
N PHE A 95 -17.21 -22.19 2.39
CA PHE A 95 -17.23 -21.77 0.97
C PHE A 95 -17.96 -20.42 0.83
N ARG A 96 -17.58 -19.72 -0.22
CA ARG A 96 -18.22 -18.47 -0.68
C ARG A 96 -19.38 -18.87 -1.56
N THR A 97 -20.48 -18.14 -1.47
CA THR A 97 -21.68 -18.40 -2.29
C THR A 97 -22.45 -17.10 -2.46
N SER A 98 -23.09 -16.96 -3.59
CA SER A 98 -24.08 -15.90 -3.85
C SER A 98 -25.11 -15.88 -2.71
N ALA A 99 -25.39 -14.72 -2.16
CA ALA A 99 -26.44 -14.51 -1.15
C ALA A 99 -27.81 -14.91 -1.70
N ALA A 100 -28.05 -14.92 -3.01
CA ALA A 100 -29.29 -15.46 -3.64
C ALA A 100 -29.50 -16.95 -3.36
N ASP A 101 -28.44 -17.72 -3.14
CA ASP A 101 -28.47 -19.19 -2.92
C ASP A 101 -29.09 -19.52 -1.57
N ILE A 102 -29.07 -18.60 -0.59
CA ILE A 102 -29.39 -18.91 0.81
C ILE A 102 -30.45 -17.94 1.30
N TRP A 103 -31.09 -18.33 2.38
CA TRP A 103 -31.90 -17.36 3.15
C TRP A 103 -30.96 -16.29 3.72
N THR A 104 -31.41 -15.03 3.77
CA THR A 104 -30.71 -13.95 4.48
C THR A 104 -31.74 -13.17 5.28
N PRO A 105 -31.35 -12.64 6.47
CA PRO A 105 -32.30 -11.97 7.32
C PRO A 105 -32.64 -10.59 6.74
N ASP A 106 -33.87 -10.17 6.99
CA ASP A 106 -34.49 -8.92 6.47
C ASP A 106 -34.13 -7.77 7.43
N ILE A 107 -32.85 -7.58 7.73
CA ILE A 107 -32.41 -6.48 8.65
C ILE A 107 -32.62 -5.16 7.90
N THR A 108 -33.28 -4.21 8.54
CA THR A 108 -33.80 -2.97 7.88
C THR A 108 -33.52 -1.81 8.84
N ALA A 109 -33.06 -0.69 8.30
CA ALA A 109 -32.93 0.58 9.03
C ALA A 109 -34.34 1.13 9.23
N TYR A 110 -34.74 1.46 10.45
CA TYR A 110 -36.14 1.85 10.75
CA TYR A 110 -36.15 1.85 10.74
C TYR A 110 -36.45 3.31 10.39
N SER A 111 -35.43 4.16 10.11
CA SER A 111 -35.59 5.62 9.89
CA SER A 111 -35.66 5.62 9.85
C SER A 111 -34.86 6.04 8.61
N SER A 112 -34.71 5.14 7.62
CA SER A 112 -34.12 5.47 6.31
C SER A 112 -35.07 6.44 5.59
N THR A 113 -34.53 7.26 4.72
CA THR A 113 -35.37 8.20 3.91
C THR A 113 -35.19 7.93 2.43
N ARG A 114 -34.39 6.95 2.08
CA ARG A 114 -34.20 6.55 0.67
CA ARG A 114 -34.10 6.57 0.69
C ARG A 114 -33.81 5.09 0.71
N PRO A 115 -34.02 4.33 -0.38
CA PRO A 115 -33.57 2.93 -0.38
C PRO A 115 -32.06 2.85 -0.15
N VAL A 116 -31.60 1.89 0.64
CA VAL A 116 -30.13 1.69 0.85
CA VAL A 116 -30.14 1.65 0.84
C VAL A 116 -29.47 1.41 -0.51
N GLN A 117 -28.29 1.94 -0.71
CA GLN A 117 -27.48 1.68 -1.91
C GLN A 117 -26.41 0.63 -1.55
N VAL A 118 -26.38 -0.47 -2.28
CA VAL A 118 -25.46 -1.60 -1.98
C VAL A 118 -24.10 -1.31 -2.64
N LEU A 119 -23.03 -1.40 -1.86
CA LEU A 119 -21.69 -1.03 -2.35
C LEU A 119 -20.76 -2.26 -2.48
N SER A 120 -21.18 -3.44 -2.06
CA SER A 120 -20.32 -4.65 -2.10
C SER A 120 -21.02 -5.80 -2.81
N PRO A 121 -20.24 -6.79 -3.31
CA PRO A 121 -20.80 -8.01 -3.89
C PRO A 121 -21.70 -8.74 -2.89
N GLN A 122 -22.78 -9.34 -3.37
CA GLN A 122 -23.82 -10.05 -2.60
CA GLN A 122 -23.74 -10.01 -2.46
C GLN A 122 -23.34 -11.50 -2.40
N ILE A 123 -22.27 -11.74 -1.63
CA ILE A 123 -21.60 -13.07 -1.53
C ILE A 123 -21.35 -13.30 -0.06
N ALA A 124 -21.81 -14.44 0.43
CA ALA A 124 -21.67 -14.78 1.86
C ALA A 124 -20.66 -15.94 1.98
N VAL A 125 -20.26 -16.25 3.21
CA VAL A 125 -19.45 -17.47 3.52
C VAL A 125 -20.24 -18.39 4.43
N VAL A 126 -20.42 -19.63 4.00
CA VAL A 126 -21.09 -20.71 4.77
C VAL A 126 -19.98 -21.64 5.30
N THR A 127 -20.02 -21.95 6.58
CA THR A 127 -19.09 -22.85 7.30
C THR A 127 -19.81 -24.17 7.60
N HIS A 128 -19.03 -25.23 7.77
CA HIS A 128 -19.52 -26.64 7.83
C HIS A 128 -20.41 -26.88 9.06
N ASP A 129 -20.29 -26.06 10.12
CA ASP A 129 -21.24 -26.13 11.26
C ASP A 129 -22.59 -25.46 10.91
N GLY A 130 -22.84 -25.02 9.67
CA GLY A 130 -24.09 -24.32 9.29
C GLY A 130 -24.08 -22.82 9.59
N SER A 131 -22.96 -22.26 10.07
CA SER A 131 -22.88 -20.81 10.34
C SER A 131 -22.67 -20.05 9.02
N VAL A 132 -23.26 -18.85 8.92
CA VAL A 132 -23.22 -18.00 7.72
C VAL A 132 -22.71 -16.63 8.21
N MET A 133 -21.76 -16.06 7.50
CA MET A 133 -21.34 -14.65 7.71
CA MET A 133 -21.32 -14.66 7.70
C MET A 133 -21.54 -13.89 6.40
N PHE A 134 -22.17 -12.71 6.48
CA PHE A 134 -22.52 -11.89 5.30
C PHE A 134 -22.27 -10.43 5.69
N ILE A 135 -21.46 -9.71 4.89
CA ILE A 135 -20.91 -8.39 5.33
C ILE A 135 -21.21 -7.39 4.23
N PRO A 136 -22.50 -7.02 4.02
CA PRO A 136 -22.86 -6.01 3.03
C PRO A 136 -22.39 -4.58 3.39
N ALA A 137 -21.74 -3.91 2.44
CA ALA A 137 -21.43 -2.48 2.49
C ALA A 137 -22.62 -1.69 1.91
N GLN A 138 -22.96 -0.58 2.54
CA GLN A 138 -24.18 0.19 2.24
C GLN A 138 -23.93 1.68 2.40
N ARG A 139 -24.65 2.46 1.58
CA ARG A 139 -24.86 3.90 1.84
C ARG A 139 -26.32 4.08 2.29
N LEU A 140 -26.52 4.68 3.47
CA LEU A 140 -27.83 4.87 4.12
C LEU A 140 -28.07 6.37 4.31
N SER A 141 -29.20 6.89 3.85
CA SER A 141 -29.74 8.22 4.23
C SER A 141 -30.71 7.97 5.37
N PHE A 142 -30.54 8.63 6.52
CA PHE A 142 -31.48 8.46 7.63
C PHE A 142 -31.79 9.79 8.31
N MET A 143 -32.79 9.73 9.18
CA MET A 143 -33.38 10.91 9.86
C MET A 143 -32.45 11.36 10.99
N CYS A 144 -31.86 12.56 10.82
CA CYS A 144 -30.84 13.07 11.75
C CYS A 144 -30.75 14.59 11.60
N ASP A 145 -30.93 15.30 12.69
CA ASP A 145 -30.86 16.78 12.74
C ASP A 145 -29.42 17.17 13.03
N PRO A 146 -28.66 17.70 12.05
CA PRO A 146 -27.27 18.04 12.29
C PRO A 146 -27.00 19.40 12.94
N THR A 147 -28.02 20.05 13.47
CA THR A 147 -27.88 21.41 14.04
C THR A 147 -26.91 21.30 15.20
N GLY A 148 -25.80 22.03 15.15
CA GLY A 148 -24.77 22.02 16.22
C GLY A 148 -23.57 21.17 15.85
N VAL A 149 -23.54 20.59 14.65
CA VAL A 149 -22.42 19.74 14.22
C VAL A 149 -21.12 20.58 14.14
N ASP A 150 -21.23 21.88 13.83
CA ASP A 150 -20.04 22.79 13.75
C ASP A 150 -19.54 23.20 15.13
N SER A 151 -20.11 22.73 16.22
CA SER A 151 -19.68 23.01 17.62
C SER A 151 -18.71 21.94 18.15
N GLU A 152 -18.03 22.28 19.25
CA GLU A 152 -17.08 21.38 19.96
C GLU A 152 -17.82 20.15 20.48
N GLU A 153 -19.05 20.30 20.94
CA GLU A 153 -19.88 19.25 21.56
C GLU A 153 -20.48 18.35 20.44
N GLY A 154 -20.65 18.89 19.23
CA GLY A 154 -21.22 18.16 18.08
C GLY A 154 -22.67 17.74 18.32
N VAL A 155 -23.10 16.68 17.64
CA VAL A 155 -24.51 16.23 17.58
CA VAL A 155 -24.52 16.22 17.61
C VAL A 155 -24.53 14.71 17.77
N THR A 156 -25.66 14.18 18.23
CA THR A 156 -25.94 12.75 18.37
C THR A 156 -27.08 12.41 17.43
N CYS A 157 -26.90 11.37 16.61
CA CYS A 157 -27.96 10.78 15.77
C CYS A 157 -28.02 9.27 16.02
N ALA A 158 -29.16 8.67 15.76
CA ALA A 158 -29.43 7.25 16.06
C ALA A 158 -30.29 6.67 14.97
N VAL A 159 -30.06 5.41 14.67
CA VAL A 159 -30.90 4.64 13.72
C VAL A 159 -30.94 3.19 14.19
N LYS A 160 -32.16 2.65 14.25
CA LYS A 160 -32.41 1.25 14.65
C LYS A 160 -32.31 0.34 13.43
N PHE A 161 -31.69 -0.80 13.61
CA PHE A 161 -31.64 -1.89 12.60
C PHE A 161 -32.27 -3.14 13.18
N GLY A 162 -33.22 -3.73 12.46
CA GLY A 162 -33.89 -4.95 12.91
C GLY A 162 -34.67 -5.59 11.81
N SER A 163 -35.25 -6.75 12.10
CA SER A 163 -36.22 -7.40 11.19
C SER A 163 -37.40 -6.44 10.98
N TRP A 164 -37.86 -6.30 9.73
CA TRP A 164 -39.08 -5.54 9.42
C TRP A 164 -40.30 -6.40 9.81
N VAL A 165 -40.25 -7.72 9.61
CA VAL A 165 -41.47 -8.60 9.69
C VAL A 165 -41.44 -9.66 10.80
N TYR A 166 -40.29 -9.96 11.42
CA TYR A 166 -40.16 -11.04 12.42
C TYR A 166 -40.03 -10.41 13.80
N SER A 167 -40.91 -10.79 14.71
CA SER A 167 -40.80 -10.45 16.14
C SER A 167 -39.60 -11.17 16.80
N GLY A 168 -39.33 -10.82 18.05
CA GLY A 168 -38.39 -11.51 18.96
C GLY A 168 -38.71 -13.01 19.13
N PHE A 169 -39.92 -13.48 18.86
CA PHE A 169 -40.23 -14.93 18.89
C PHE A 169 -39.64 -15.68 17.69
N GLU A 170 -39.22 -15.02 16.60
CA GLU A 170 -38.59 -15.70 15.45
C GLU A 170 -37.16 -15.24 15.25
N ILE A 171 -36.89 -13.93 15.36
CA ILE A 171 -35.52 -13.35 15.21
C ILE A 171 -35.15 -12.60 16.47
N ASP A 172 -34.13 -13.07 17.17
CA ASP A 172 -33.46 -12.28 18.22
C ASP A 172 -32.19 -11.72 17.57
N LEU A 173 -31.67 -10.67 18.14
CA LEU A 173 -30.37 -10.06 17.74
C LEU A 173 -29.45 -10.03 18.95
N LYS A 174 -28.16 -10.02 18.63
CA LYS A 174 -27.07 -9.72 19.58
CA LYS A 174 -27.09 -9.67 19.59
C LYS A 174 -25.96 -8.94 18.86
N THR A 175 -25.13 -8.24 19.63
CA THR A 175 -23.83 -7.72 19.19
C THR A 175 -22.74 -8.57 19.87
N ASP A 176 -21.56 -8.67 19.27
CA ASP A 176 -20.33 -9.22 19.92
C ASP A 176 -19.70 -8.16 20.83
N THR A 177 -19.92 -6.87 20.53
CA THR A 177 -19.40 -5.70 21.29
C THR A 177 -20.42 -4.57 21.11
N ASP A 178 -20.52 -3.65 22.07
CA ASP A 178 -21.32 -2.42 21.89
C ASP A 178 -20.50 -1.29 21.24
N GLN A 179 -19.24 -1.49 20.91
CA GLN A 179 -18.41 -0.46 20.26
C GLN A 179 -18.42 -0.69 18.74
N VAL A 180 -18.88 0.29 18.00
CA VAL A 180 -18.81 0.24 16.51
C VAL A 180 -17.32 0.18 16.16
N ASP A 181 -16.98 -0.51 15.09
CA ASP A 181 -15.58 -0.59 14.63
C ASP A 181 -15.29 0.68 13.81
N LEU A 182 -14.35 1.47 14.31
CA LEU A 182 -13.89 2.73 13.72
C LEU A 182 -12.49 2.59 13.14
N SER A 183 -11.95 1.38 13.08
CA SER A 183 -10.58 1.07 12.58
C SER A 183 -10.45 1.43 11.10
N SER A 184 -11.53 1.50 10.35
CA SER A 184 -11.50 1.89 8.92
C SER A 184 -12.25 3.22 8.68
N TYR A 185 -12.39 4.10 9.67
CA TYR A 185 -13.09 5.39 9.46
C TYR A 185 -12.17 6.32 8.62
N TYR A 186 -12.72 6.92 7.57
CA TYR A 186 -12.01 7.80 6.62
C TYR A 186 -11.34 8.95 7.40
N ALA A 187 -10.01 9.00 7.37
CA ALA A 187 -9.23 9.96 8.19
C ALA A 187 -9.46 11.39 7.71
N SER A 188 -9.86 11.62 6.46
CA SER A 188 -10.09 13.00 5.94
C SER A 188 -11.58 13.31 5.77
N SER A 189 -12.48 12.60 6.47
CA SER A 189 -13.93 12.90 6.46
C SER A 189 -14.13 14.35 6.89
N LYS A 190 -15.20 15.00 6.45
CA LYS A 190 -15.65 16.28 7.04
C LYS A 190 -16.00 16.11 8.50
N TYR A 191 -16.37 14.91 8.96
CA TYR A 191 -16.85 14.69 10.34
C TYR A 191 -15.91 13.74 11.08
N GLU A 192 -15.58 14.13 12.30
CA GLU A 192 -14.85 13.34 13.33
CA GLU A 192 -14.85 13.28 13.28
C GLU A 192 -15.87 12.58 14.16
N ILE A 193 -15.63 11.33 14.46
CA ILE A 193 -16.54 10.55 15.35
C ILE A 193 -16.09 10.78 16.78
N LEU A 194 -17.00 11.22 17.62
CA LEU A 194 -16.72 11.38 19.07
C LEU A 194 -17.08 10.08 19.76
N SER A 195 -18.17 9.42 19.39
CA SER A 195 -18.48 8.07 19.90
C SER A 195 -19.41 7.36 18.93
N ALA A 196 -19.35 6.03 18.93
CA ALA A 196 -20.24 5.19 18.09
C ALA A 196 -20.50 3.87 18.80
N THR A 197 -21.75 3.62 19.18
CA THR A 197 -22.20 2.44 19.93
C THR A 197 -23.29 1.73 19.15
N GLN A 198 -23.38 0.43 19.40
CA GLN A 198 -24.34 -0.51 18.77
C GLN A 198 -24.93 -1.35 19.90
N THR A 199 -26.22 -1.20 20.19
CA THR A 199 -26.80 -1.76 21.43
C THR A 199 -28.12 -2.44 21.11
N ARG A 200 -28.25 -3.70 21.52
CA ARG A 200 -29.56 -4.42 21.44
C ARG A 200 -30.65 -3.66 22.19
N GLN A 201 -31.85 -3.59 21.64
CA GLN A 201 -33.03 -3.01 22.36
CA GLN A 201 -33.04 -2.86 22.17
C GLN A 201 -34.32 -3.66 21.87
N VAL A 202 -35.32 -3.54 22.72
CA VAL A 202 -36.69 -4.06 22.51
C VAL A 202 -37.60 -2.87 22.14
N GLN A 203 -38.42 -3.02 21.09
CA GLN A 203 -39.45 -2.03 20.70
C GLN A 203 -40.80 -2.75 20.52
N HIS A 204 -41.90 -2.01 20.70
CA HIS A 204 -43.28 -2.45 20.36
C HIS A 204 -43.82 -1.49 19.30
N TYR A 205 -44.71 -1.99 18.44
CA TYR A 205 -45.34 -1.26 17.31
C TYR A 205 -46.87 -1.38 17.44
N SER A 206 -47.62 -0.43 16.87
CA SER A 206 -49.10 -0.33 17.01
C SER A 206 -49.79 -1.60 16.48
N CYS A 207 -49.29 -2.18 15.37
CA CYS A 207 -49.95 -3.31 14.67
C CYS A 207 -50.05 -4.58 15.53
N CYS A 208 -49.13 -4.81 16.47
CA CYS A 208 -48.69 -6.17 16.92
C CYS A 208 -48.40 -6.08 18.42
N PRO A 209 -48.87 -7.00 19.32
CA PRO A 209 -48.42 -6.99 20.72
C PRO A 209 -46.98 -7.47 21.00
N GLU A 210 -46.34 -8.20 20.06
CA GLU A 210 -45.06 -8.91 20.39
C GLU A 210 -43.88 -7.92 20.39
N PRO A 211 -42.82 -8.21 21.19
CA PRO A 211 -41.60 -7.39 21.18
C PRO A 211 -40.83 -7.61 19.87
N TYR A 212 -40.31 -6.53 19.29
CA TYR A 212 -39.44 -6.52 18.08
C TYR A 212 -38.07 -6.09 18.59
N ILE A 213 -37.04 -6.73 18.07
CA ILE A 213 -35.67 -6.49 18.57
C ILE A 213 -34.97 -5.64 17.52
N ASP A 214 -34.16 -4.71 17.97
CA ASP A 214 -33.28 -3.97 17.05
C ASP A 214 -31.93 -3.78 17.70
N VAL A 215 -30.97 -3.40 16.87
CA VAL A 215 -29.66 -2.88 17.32
C VAL A 215 -29.69 -1.39 17.02
N ASN A 216 -29.53 -0.59 18.05
CA ASN A 216 -29.56 0.88 17.95
C ASN A 216 -28.11 1.38 17.73
N LEU A 217 -27.87 1.93 16.55
CA LEU A 217 -26.58 2.56 16.16
C LEU A 217 -26.63 4.02 16.57
N VAL A 218 -25.84 4.40 17.58
CA VAL A 218 -25.83 5.80 18.12
C VAL A 218 -24.45 6.41 17.84
N VAL A 219 -24.42 7.47 17.04
CA VAL A 219 -23.17 8.12 16.56
C VAL A 219 -23.20 9.57 17.02
N LYS A 220 -22.19 9.97 17.77
CA LYS A 220 -21.95 11.40 18.15
C LYS A 220 -20.78 11.89 17.31
N PHE A 221 -20.95 13.00 16.60
CA PHE A 221 -19.96 13.49 15.63
C PHE A 221 -19.96 15.02 15.59
N ARG A 222 -18.89 15.56 14.99
CA ARG A 222 -18.74 17.02 14.78
C ARG A 222 -17.88 17.29 13.56
N GLU A 223 -17.95 18.50 13.06
CA GLU A 223 -17.06 18.94 11.96
C GLU A 223 -15.60 18.80 12.39
N ARG A 224 -14.77 18.23 11.52
CA ARG A 224 -13.28 18.15 11.66
C ARG A 224 -12.71 19.57 11.52
N GLN B 20 -60.10 -17.43 -8.63
CA GLN B 20 -61.44 -17.95 -8.93
C GLN B 20 -61.64 -18.58 -10.29
N ALA B 21 -62.48 -19.61 -10.26
CA ALA B 21 -62.29 -20.80 -11.12
C ALA B 21 -62.50 -20.41 -12.58
N ASN B 22 -63.58 -19.67 -12.88
CA ASN B 22 -63.93 -19.29 -14.27
C ASN B 22 -62.83 -18.35 -14.83
N LEU B 23 -62.41 -17.34 -14.07
CA LEU B 23 -61.37 -16.39 -14.55
C LEU B 23 -60.03 -17.15 -14.74
N MET B 24 -59.65 -18.05 -13.82
CA MET B 24 -58.35 -18.79 -13.98
C MET B 24 -58.38 -19.61 -15.27
N ARG B 25 -59.56 -20.18 -15.57
CA ARG B 25 -59.79 -20.98 -16.81
C ARG B 25 -59.68 -20.09 -18.04
N LEU B 26 -60.29 -18.91 -18.03
CA LEU B 26 -60.22 -17.97 -19.16
C LEU B 26 -58.77 -17.53 -19.40
N LYS B 27 -58.06 -17.11 -18.38
CA LYS B 27 -56.69 -16.60 -18.57
C LYS B 27 -55.78 -17.75 -19.05
N SER B 28 -55.97 -18.95 -18.50
CA SER B 28 -55.18 -20.14 -18.94
C SER B 28 -55.45 -20.41 -20.43
N ASP B 29 -56.71 -20.37 -20.83
CA ASP B 29 -57.13 -20.54 -22.26
C ASP B 29 -56.59 -19.43 -23.15
N LEU B 30 -56.66 -18.16 -22.74
CA LEU B 30 -56.22 -17.03 -23.63
C LEU B 30 -54.70 -17.00 -23.74
N PHE B 31 -53.99 -17.23 -22.66
CA PHE B 31 -52.54 -16.90 -22.52
C PHE B 31 -51.64 -18.14 -22.58
N ASN B 32 -52.08 -19.34 -22.18
CA ASN B 32 -51.16 -20.51 -22.08
C ASN B 32 -51.19 -21.40 -23.32
N ARG B 33 -52.07 -21.20 -24.30
CA ARG B 33 -52.29 -22.22 -25.39
C ARG B 33 -51.66 -21.85 -26.75
N SER B 34 -51.36 -20.58 -27.01
CA SER B 34 -50.94 -20.05 -28.34
C SER B 34 -49.75 -19.13 -28.12
N PRO B 35 -48.88 -18.84 -29.14
CA PRO B 35 -47.81 -17.85 -28.93
C PRO B 35 -48.43 -16.49 -28.64
N MET B 36 -47.67 -15.58 -28.05
CA MET B 36 -48.18 -14.18 -27.89
CA MET B 36 -47.98 -14.12 -27.93
C MET B 36 -48.49 -13.66 -29.30
N TYR B 37 -49.47 -12.79 -29.35
CA TYR B 37 -49.76 -11.97 -30.55
C TYR B 37 -48.44 -11.32 -30.96
N PRO B 38 -48.02 -11.43 -32.24
CA PRO B 38 -46.73 -10.85 -32.68
C PRO B 38 -46.76 -9.37 -33.08
N GLY B 39 -47.84 -8.66 -32.70
CA GLY B 39 -48.10 -7.26 -33.02
C GLY B 39 -48.74 -7.11 -34.39
N PRO B 40 -49.13 -5.88 -34.74
CA PRO B 40 -49.80 -5.63 -36.00
C PRO B 40 -48.90 -5.79 -37.21
N THR B 41 -49.53 -5.93 -38.38
CA THR B 41 -48.85 -6.05 -39.69
C THR B 41 -49.60 -5.29 -40.73
N LYS B 42 -49.02 -5.14 -41.92
CA LYS B 42 -49.70 -4.47 -43.08
C LYS B 42 -51.01 -5.24 -43.40
N ASP B 43 -51.01 -6.56 -43.28
CA ASP B 43 -52.18 -7.44 -43.55
C ASP B 43 -53.25 -7.28 -42.47
N ASP B 44 -52.86 -7.07 -41.19
CA ASP B 44 -53.77 -7.00 -40.01
C ASP B 44 -53.39 -5.78 -39.17
N PRO B 45 -53.65 -4.56 -39.70
CA PRO B 45 -53.35 -3.32 -38.99
C PRO B 45 -54.26 -3.10 -37.79
N LEU B 46 -53.84 -2.17 -36.91
CA LEU B 46 -54.76 -1.76 -35.81
CA LEU B 46 -54.53 -1.78 -35.65
C LEU B 46 -54.73 -0.25 -35.61
N THR B 47 -55.79 0.21 -34.99
CA THR B 47 -55.97 1.64 -34.63
C THR B 47 -55.89 1.68 -33.11
N VAL B 48 -55.01 2.54 -32.59
CA VAL B 48 -54.94 2.80 -31.13
C VAL B 48 -55.62 4.16 -30.89
N THR B 49 -56.58 4.22 -29.96
CA THR B 49 -57.19 5.49 -29.49
C THR B 49 -56.35 5.99 -28.31
N LEU B 50 -55.98 7.26 -28.33
CA LEU B 50 -55.23 7.89 -27.22
C LEU B 50 -56.03 9.10 -26.72
N GLY B 51 -55.90 9.38 -25.42
CA GLY B 51 -56.36 10.64 -24.84
C GLY B 51 -55.60 10.88 -23.55
N PHE B 52 -55.42 12.13 -23.21
CA PHE B 52 -54.65 12.56 -22.03
C PHE B 52 -55.54 13.24 -21.03
N THR B 53 -55.20 13.00 -19.78
CA THR B 53 -55.69 13.72 -18.60
C THR B 53 -54.47 14.35 -17.96
N LEU B 54 -54.33 15.68 -18.08
CA LEU B 54 -53.13 16.37 -17.60
C LEU B 54 -53.37 16.66 -16.12
N GLN B 55 -52.50 16.12 -15.25
CA GLN B 55 -52.64 16.34 -13.78
C GLN B 55 -51.80 17.53 -13.31
N ASP B 56 -50.60 17.75 -13.85
CA ASP B 56 -49.72 18.78 -13.29
C ASP B 56 -48.61 19.10 -14.29
N ILE B 57 -48.28 20.39 -14.41
CA ILE B 57 -46.96 20.85 -14.93
C ILE B 57 -46.11 21.06 -13.69
N VAL B 58 -45.22 20.13 -13.41
CA VAL B 58 -44.45 20.06 -12.12
CA VAL B 58 -44.50 20.10 -12.09
C VAL B 58 -43.35 21.11 -12.12
N LYS B 59 -42.60 21.13 -13.19
CA LYS B 59 -41.29 21.81 -13.20
C LYS B 59 -41.02 22.33 -14.59
N VAL B 60 -40.31 23.43 -14.61
CA VAL B 60 -39.80 24.12 -15.83
CA VAL B 60 -39.80 24.07 -15.85
C VAL B 60 -38.30 24.34 -15.59
N ASP B 61 -37.41 24.01 -16.56
CA ASP B 61 -35.95 24.22 -16.46
C ASP B 61 -35.55 25.20 -17.55
N SER B 62 -35.43 26.49 -17.20
CA SER B 62 -35.10 27.54 -18.19
C SER B 62 -33.63 27.43 -18.60
N SER B 63 -32.75 26.75 -17.86
CA SER B 63 -31.33 26.56 -18.26
CA SER B 63 -31.33 26.59 -18.29
C SER B 63 -31.23 25.51 -19.39
N THR B 64 -32.15 24.54 -19.46
CA THR B 64 -32.09 23.41 -20.42
C THR B 64 -33.26 23.32 -21.39
N ASN B 65 -34.30 24.15 -21.24
CA ASN B 65 -35.51 24.09 -22.07
C ASN B 65 -36.09 22.66 -21.94
N GLU B 66 -36.28 22.24 -20.70
CA GLU B 66 -37.02 21.01 -20.34
C GLU B 66 -38.17 21.37 -19.42
N VAL B 67 -39.31 20.74 -19.69
CA VAL B 67 -40.51 20.89 -18.85
C VAL B 67 -41.01 19.49 -18.48
N ASP B 68 -41.52 19.36 -17.26
CA ASP B 68 -41.94 18.06 -16.71
C ASP B 68 -43.46 18.03 -16.48
N LEU B 69 -44.15 17.11 -17.15
CA LEU B 69 -45.61 16.90 -17.07
C LEU B 69 -45.90 15.63 -16.28
N VAL B 70 -46.99 15.62 -15.50
CA VAL B 70 -47.59 14.40 -14.96
C VAL B 70 -49.01 14.28 -15.53
N TYR B 71 -49.34 13.13 -16.11
CA TYR B 71 -50.61 12.87 -16.80
C TYR B 71 -50.90 11.36 -16.75
N TYR B 72 -52.13 11.00 -17.06
CA TYR B 72 -52.43 9.60 -17.45
C TYR B 72 -52.99 9.60 -18.86
N GLU B 73 -52.59 8.57 -19.56
CA GLU B 73 -52.79 8.41 -21.00
C GLU B 73 -53.68 7.18 -21.19
N GLN B 74 -54.88 7.41 -21.69
CA GLN B 74 -55.85 6.34 -21.96
C GLN B 74 -55.51 5.79 -23.33
N GLN B 75 -55.22 4.49 -23.42
CA GLN B 75 -54.93 3.77 -24.68
C GLN B 75 -56.03 2.71 -24.87
N ARG B 76 -56.50 2.56 -26.09
CA ARG B 76 -57.52 1.54 -26.39
C ARG B 76 -57.19 0.92 -27.75
N TRP B 77 -57.33 -0.38 -27.82
CA TRP B 77 -57.22 -1.10 -29.11
C TRP B 77 -58.04 -2.39 -29.03
N LYS B 78 -58.07 -3.16 -30.10
CA LYS B 78 -58.91 -4.37 -30.14
C LYS B 78 -58.22 -5.47 -30.96
N LEU B 79 -58.11 -6.64 -30.38
CA LEU B 79 -57.51 -7.86 -30.99
C LEU B 79 -58.58 -8.99 -31.07
N ASN B 80 -58.79 -9.56 -32.26
CA ASN B 80 -59.60 -10.80 -32.41
C ASN B 80 -59.09 -11.93 -31.52
N SER B 81 -57.79 -12.04 -31.27
CA SER B 81 -57.17 -13.12 -30.47
C SER B 81 -57.49 -12.96 -28.98
N LEU B 82 -58.02 -11.82 -28.52
CA LEU B 82 -58.42 -11.69 -27.08
C LEU B 82 -59.92 -11.88 -26.90
N MET B 83 -60.65 -12.33 -27.92
CA MET B 83 -62.11 -12.52 -27.82
C MET B 83 -62.43 -13.80 -27.06
N TRP B 84 -63.53 -13.80 -26.32
CA TRP B 84 -64.13 -15.04 -25.81
C TRP B 84 -65.65 -14.92 -25.75
N ASP B 85 -66.28 -16.08 -25.61
CA ASP B 85 -67.73 -16.19 -25.34
C ASP B 85 -67.95 -16.21 -23.83
N PRO B 86 -68.56 -15.17 -23.22
CA PRO B 86 -68.80 -15.16 -21.78
C PRO B 86 -69.58 -16.38 -21.25
N ASN B 87 -70.44 -16.98 -22.09
CA ASN B 87 -71.23 -18.18 -21.70
CA ASN B 87 -71.22 -18.21 -21.75
C ASN B 87 -70.28 -19.37 -21.39
N GLU B 88 -69.11 -19.47 -22.03
CA GLU B 88 -68.15 -20.57 -21.76
C GLU B 88 -67.33 -20.31 -20.47
N TYR B 89 -67.44 -19.12 -19.85
CA TYR B 89 -66.55 -18.67 -18.75
C TYR B 89 -67.36 -17.97 -17.66
N GLY B 90 -68.44 -18.63 -17.25
CA GLY B 90 -69.28 -18.18 -16.15
C GLY B 90 -69.80 -16.75 -16.33
N ASN B 91 -70.10 -16.30 -17.55
CA ASN B 91 -70.63 -14.92 -17.85
C ASN B 91 -69.59 -13.83 -17.56
N ILE B 92 -68.30 -14.16 -17.52
CA ILE B 92 -67.24 -13.10 -17.37
C ILE B 92 -67.26 -12.26 -18.64
N THR B 93 -67.40 -10.93 -18.52
CA THR B 93 -67.40 -10.02 -19.70
C THR B 93 -66.06 -9.25 -19.82
N ASP B 94 -65.32 -9.11 -18.73
CA ASP B 94 -63.99 -8.45 -18.77
C ASP B 94 -63.14 -8.92 -17.61
N PHE B 95 -61.86 -8.57 -17.63
CA PHE B 95 -60.97 -8.87 -16.50
C PHE B 95 -59.76 -7.93 -16.53
N ARG B 96 -59.22 -7.71 -15.35
CA ARG B 96 -57.96 -6.99 -15.17
C ARG B 96 -56.83 -7.99 -15.33
N THR B 97 -55.75 -7.59 -15.98
CA THR B 97 -54.57 -8.44 -16.15
C THR B 97 -53.30 -7.56 -16.22
N SER B 98 -52.21 -8.14 -15.76
CA SER B 98 -50.85 -7.56 -15.95
C SER B 98 -50.67 -7.19 -17.41
N ALA B 99 -50.18 -5.98 -17.64
CA ALA B 99 -49.86 -5.53 -19.01
C ALA B 99 -48.74 -6.40 -19.58
N ALA B 100 -47.96 -7.11 -18.77
CA ALA B 100 -46.96 -8.10 -19.26
C ALA B 100 -47.61 -9.28 -20.01
N ASP B 101 -48.88 -9.60 -19.76
CA ASP B 101 -49.54 -10.81 -20.30
C ASP B 101 -49.96 -10.60 -21.75
N ILE B 102 -50.03 -9.34 -22.20
CA ILE B 102 -50.65 -8.98 -23.50
C ILE B 102 -49.67 -8.16 -24.30
N TRP B 103 -49.87 -8.11 -25.60
CA TRP B 103 -49.21 -7.08 -26.43
C TRP B 103 -49.69 -5.67 -25.98
N THR B 104 -48.78 -4.69 -25.96
CA THR B 104 -49.16 -3.26 -25.73
C THR B 104 -48.43 -2.42 -26.77
N PRO B 105 -49.06 -1.34 -27.28
CA PRO B 105 -48.45 -0.51 -28.32
C PRO B 105 -47.22 0.23 -27.76
N ASP B 106 -46.24 0.41 -28.61
CA ASP B 106 -44.97 1.13 -28.27
C ASP B 106 -45.16 2.66 -28.41
N ILE B 107 -46.13 3.23 -27.71
CA ILE B 107 -46.42 4.70 -27.81
C ILE B 107 -45.27 5.44 -27.10
N THR B 108 -44.57 6.28 -27.84
CA THR B 108 -43.31 6.93 -27.43
C THR B 108 -43.46 8.44 -27.60
N ALA B 109 -43.02 9.22 -26.61
CA ALA B 109 -42.85 10.69 -26.73
C ALA B 109 -41.63 10.97 -27.62
N TYR B 110 -41.76 11.75 -28.67
CA TYR B 110 -40.70 11.93 -29.69
CA TYR B 110 -40.70 11.93 -29.70
C TYR B 110 -39.64 12.95 -29.25
N SER B 111 -39.90 13.74 -28.22
CA SER B 111 -38.95 14.79 -27.78
C SER B 111 -38.74 14.69 -26.28
N SER B 112 -38.78 13.48 -25.73
CA SER B 112 -38.41 13.23 -24.31
C SER B 112 -36.90 13.52 -24.15
N THR B 113 -36.48 13.92 -22.95
CA THR B 113 -35.04 14.16 -22.66
C THR B 113 -34.60 13.24 -21.54
N ARG B 114 -35.50 12.43 -20.99
CA ARG B 114 -35.26 11.47 -19.89
CA ARG B 114 -35.19 11.43 -19.94
C ARG B 114 -36.19 10.28 -20.12
N PRO B 115 -35.87 9.06 -19.66
CA PRO B 115 -36.82 7.93 -19.73
C PRO B 115 -38.07 8.35 -18.95
N VAL B 116 -39.20 8.06 -19.54
CA VAL B 116 -40.53 8.30 -18.87
CA VAL B 116 -40.52 8.33 -18.88
C VAL B 116 -40.57 7.53 -17.56
N GLN B 117 -41.12 8.13 -16.50
CA GLN B 117 -41.24 7.46 -15.20
C GLN B 117 -42.71 6.97 -15.07
N VAL B 118 -42.88 5.74 -14.66
CA VAL B 118 -44.23 5.10 -14.55
C VAL B 118 -44.74 5.32 -13.15
N LEU B 119 -45.96 5.87 -13.01
CA LEU B 119 -46.50 6.27 -11.69
C LEU B 119 -47.67 5.37 -11.31
N SER B 120 -48.08 4.44 -12.15
CA SER B 120 -49.29 3.61 -11.90
C SER B 120 -48.96 2.14 -12.16
N PRO B 121 -49.72 1.21 -11.57
CA PRO B 121 -49.58 -0.23 -11.84
C PRO B 121 -49.80 -0.56 -13.32
N GLN B 122 -49.03 -1.47 -13.84
CA GLN B 122 -49.03 -1.92 -15.25
CA GLN B 122 -49.12 -1.80 -15.29
C GLN B 122 -50.13 -2.98 -15.40
N ILE B 123 -51.38 -2.59 -15.35
CA ILE B 123 -52.59 -3.47 -15.33
C ILE B 123 -53.57 -2.87 -16.33
N ALA B 124 -54.01 -3.70 -17.27
CA ALA B 124 -54.98 -3.34 -18.32
C ALA B 124 -56.29 -4.12 -18.07
N VAL B 125 -57.37 -3.68 -18.72
CA VAL B 125 -58.67 -4.41 -18.70
C VAL B 125 -58.92 -4.94 -20.11
N VAL B 126 -59.20 -6.24 -20.21
CA VAL B 126 -59.57 -6.90 -21.51
C VAL B 126 -61.08 -7.18 -21.43
N THR B 127 -61.80 -6.88 -22.49
CA THR B 127 -63.25 -7.10 -22.60
C THR B 127 -63.45 -8.23 -23.62
N HIS B 128 -64.57 -8.96 -23.49
CA HIS B 128 -64.85 -10.22 -24.23
C HIS B 128 -64.87 -10.01 -25.74
N ASP B 129 -65.14 -8.80 -26.22
CA ASP B 129 -65.06 -8.48 -27.69
C ASP B 129 -63.59 -8.34 -28.16
N GLY B 130 -62.60 -8.53 -27.27
CA GLY B 130 -61.17 -8.43 -27.62
C GLY B 130 -60.64 -7.01 -27.47
N SER B 131 -61.45 -6.08 -26.96
CA SER B 131 -60.99 -4.68 -26.73
C SER B 131 -60.18 -4.62 -25.42
N VAL B 132 -59.18 -3.74 -25.42
CA VAL B 132 -58.27 -3.55 -24.28
C VAL B 132 -58.29 -2.06 -23.97
N MET B 133 -58.30 -1.74 -22.69
CA MET B 133 -58.05 -0.37 -22.22
CA MET B 133 -58.10 -0.36 -22.18
C MET B 133 -56.93 -0.41 -21.20
N PHE B 134 -55.99 0.51 -21.33
CA PHE B 134 -54.77 0.60 -20.52
C PHE B 134 -54.50 2.09 -20.28
N ILE B 135 -54.31 2.47 -19.01
CA ILE B 135 -54.32 3.90 -18.63
C ILE B 135 -53.09 4.16 -17.76
N PRO B 136 -51.87 4.12 -18.33
CA PRO B 136 -50.66 4.43 -17.56
C PRO B 136 -50.57 5.92 -17.14
N ALA B 137 -50.22 6.15 -15.90
CA ALA B 137 -49.81 7.46 -15.37
C ALA B 137 -48.28 7.57 -15.57
N GLN B 138 -47.85 8.72 -16.06
CA GLN B 138 -46.43 8.97 -16.43
C GLN B 138 -45.97 10.35 -15.95
N ARG B 139 -44.67 10.45 -15.66
CA ARG B 139 -43.99 11.76 -15.61
C ARG B 139 -42.98 11.85 -16.75
N LEU B 140 -43.14 12.87 -17.59
CA LEU B 140 -42.38 13.10 -18.83
C LEU B 140 -41.56 14.38 -18.70
N SER B 141 -40.25 14.33 -19.00
CA SER B 141 -39.41 15.53 -19.29
C SER B 141 -39.30 15.67 -20.79
N PHE B 142 -39.75 16.77 -21.35
CA PHE B 142 -39.69 17.02 -22.81
C PHE B 142 -39.14 18.41 -23.13
N MET B 143 -38.80 18.55 -24.42
CA MET B 143 -38.16 19.78 -24.98
C MET B 143 -39.21 20.88 -25.10
N CYS B 144 -39.04 21.93 -24.28
CA CYS B 144 -40.01 23.04 -24.21
C CYS B 144 -39.26 24.28 -23.70
N ASP B 145 -39.38 25.40 -24.41
CA ASP B 145 -38.70 26.67 -24.06
C ASP B 145 -39.68 27.45 -23.20
N PRO B 146 -39.46 27.58 -21.90
CA PRO B 146 -40.40 28.31 -21.05
C PRO B 146 -40.18 29.82 -20.97
N THR B 147 -39.33 30.41 -21.80
CA THR B 147 -39.18 31.89 -21.87
C THR B 147 -40.54 32.56 -22.00
N GLY B 148 -40.92 33.41 -21.02
CA GLY B 148 -42.21 34.13 -21.07
C GLY B 148 -43.30 33.40 -20.30
N VAL B 149 -42.98 32.29 -19.63
CA VAL B 149 -43.99 31.56 -18.80
C VAL B 149 -44.49 32.50 -17.68
N ASP B 150 -43.67 33.45 -17.23
CA ASP B 150 -44.09 34.39 -16.16
C ASP B 150 -44.91 35.58 -16.71
N SER B 151 -45.30 35.60 -17.96
CA SER B 151 -46.07 36.67 -18.58
C SER B 151 -47.56 36.34 -18.47
N GLU B 152 -48.39 37.34 -18.75
CA GLU B 152 -49.86 37.17 -18.78
C GLU B 152 -50.22 36.19 -19.90
N GLU B 153 -49.53 36.22 -21.03
CA GLU B 153 -49.87 35.36 -22.19
C GLU B 153 -49.32 33.95 -21.99
N GLY B 154 -48.23 33.77 -21.23
CA GLY B 154 -47.57 32.46 -21.09
C GLY B 154 -46.89 31.94 -22.33
N VAL B 155 -46.78 30.61 -22.43
CA VAL B 155 -45.96 29.90 -23.46
CA VAL B 155 -45.94 29.87 -23.41
C VAL B 155 -46.77 28.72 -24.00
N THR B 156 -46.39 28.26 -25.17
CA THR B 156 -46.97 27.09 -25.85
C THR B 156 -45.83 26.11 -26.00
N CYS B 157 -46.07 24.87 -25.68
CA CYS B 157 -45.12 23.76 -25.94
C CYS B 157 -45.92 22.62 -26.55
N ALA B 158 -45.20 21.69 -27.16
CA ALA B 158 -45.84 20.55 -27.84
C ALA B 158 -44.90 19.35 -27.77
N VAL B 159 -45.50 18.17 -27.73
CA VAL B 159 -44.77 16.87 -27.79
C VAL B 159 -45.66 15.89 -28.55
N LYS B 160 -45.05 15.15 -29.47
CA LYS B 160 -45.70 14.14 -30.32
C LYS B 160 -45.58 12.75 -29.68
N PHE B 161 -46.69 12.03 -29.64
CA PHE B 161 -46.74 10.65 -29.09
C PHE B 161 -47.13 9.71 -30.23
N GLY B 162 -46.34 8.65 -30.43
CA GLY B 162 -46.67 7.71 -31.52
C GLY B 162 -45.84 6.48 -31.43
N SER B 163 -46.15 5.49 -32.27
CA SER B 163 -45.28 4.30 -32.36
C SER B 163 -43.86 4.76 -32.76
N TRP B 164 -42.84 4.18 -32.13
CA TRP B 164 -41.42 4.35 -32.54
C TRP B 164 -41.13 3.57 -33.84
N VAL B 165 -41.74 2.39 -33.98
CA VAL B 165 -41.26 1.39 -34.99
C VAL B 165 -42.31 1.05 -36.03
N TYR B 166 -43.59 1.31 -35.80
CA TYR B 166 -44.68 0.91 -36.75
C TYR B 166 -45.14 2.13 -37.51
N SER B 167 -45.17 2.04 -38.83
CA SER B 167 -45.75 3.08 -39.72
C SER B 167 -47.27 3.05 -39.62
N GLY B 168 -47.90 4.02 -40.26
CA GLY B 168 -49.37 4.10 -40.42
C GLY B 168 -49.99 2.88 -41.10
N PHE B 169 -49.20 2.11 -41.85
CA PHE B 169 -49.65 0.81 -42.42
C PHE B 169 -49.81 -0.29 -41.36
N GLU B 170 -49.26 -0.18 -40.14
CA GLU B 170 -49.47 -1.20 -39.08
C GLU B 170 -50.21 -0.60 -37.89
N ILE B 171 -49.85 0.62 -37.50
CA ILE B 171 -50.53 1.32 -36.36
C ILE B 171 -51.04 2.66 -36.84
N ASP B 172 -52.34 2.82 -36.80
CA ASP B 172 -53.00 4.12 -36.95
C ASP B 172 -53.39 4.59 -35.55
N LEU B 173 -53.55 5.89 -35.40
CA LEU B 173 -53.98 6.49 -34.13
C LEU B 173 -55.23 7.34 -34.34
N LYS B 174 -56.04 7.49 -33.29
CA LYS B 174 -57.06 8.54 -33.29
C LYS B 174 -57.25 9.03 -31.87
N THR B 175 -57.99 10.12 -31.75
CA THR B 175 -58.48 10.62 -30.46
C THR B 175 -60.00 10.56 -30.51
N ASP B 176 -60.65 10.41 -29.37
CA ASP B 176 -62.14 10.55 -29.29
C ASP B 176 -62.49 12.04 -29.30
N THR B 177 -61.60 12.92 -28.82
CA THR B 177 -61.80 14.39 -28.81
C THR B 177 -60.41 15.03 -28.96
N ASP B 178 -60.34 16.19 -29.54
CA ASP B 178 -59.08 16.98 -29.65
C ASP B 178 -58.87 17.79 -28.36
N GLN B 179 -59.84 17.81 -27.47
CA GLN B 179 -59.74 18.56 -26.19
C GLN B 179 -59.16 17.65 -25.12
N VAL B 180 -58.02 18.05 -24.55
CA VAL B 180 -57.34 17.30 -23.44
C VAL B 180 -58.25 17.42 -22.21
N ASP B 181 -58.24 16.41 -21.35
CA ASP B 181 -59.05 16.44 -20.11
C ASP B 181 -58.26 17.24 -19.08
N LEU B 182 -58.75 18.41 -18.73
CA LEU B 182 -58.12 19.31 -17.72
C LEU B 182 -58.96 19.41 -16.46
N SER B 183 -59.97 18.58 -16.34
CA SER B 183 -60.93 18.68 -15.20
CA SER B 183 -60.94 18.68 -15.22
C SER B 183 -60.30 18.13 -13.92
N SER B 184 -59.19 17.40 -14.00
CA SER B 184 -58.43 16.88 -12.81
C SER B 184 -57.06 17.56 -12.66
N TYR B 185 -56.85 18.72 -13.27
CA TYR B 185 -55.56 19.45 -13.19
C TYR B 185 -55.39 19.94 -11.74
N TYR B 186 -54.21 19.78 -11.19
CA TYR B 186 -53.85 20.23 -9.82
C TYR B 186 -54.04 21.75 -9.70
N ALA B 187 -54.99 22.15 -8.87
CA ALA B 187 -55.47 23.56 -8.70
C ALA B 187 -54.40 24.45 -8.05
N SER B 188 -53.46 23.89 -7.28
CA SER B 188 -52.36 24.68 -6.65
C SER B 188 -51.02 24.45 -7.36
N SER B 189 -50.98 23.93 -8.59
CA SER B 189 -49.74 23.86 -9.39
C SER B 189 -49.04 25.22 -9.42
N LYS B 190 -47.73 25.19 -9.62
CA LYS B 190 -46.98 26.44 -9.94
C LYS B 190 -47.46 27.04 -11.25
N TYR B 191 -48.00 26.21 -12.16
CA TYR B 191 -48.33 26.62 -13.55
C TYR B 191 -49.83 26.46 -13.74
N GLU B 192 -50.46 27.52 -14.26
CA GLU B 192 -51.89 27.50 -14.67
CA GLU B 192 -51.87 27.55 -14.68
C GLU B 192 -51.93 27.01 -16.11
N ILE B 193 -52.83 26.07 -16.38
CA ILE B 193 -53.10 25.55 -17.74
CA ILE B 193 -53.06 25.58 -17.77
C ILE B 193 -54.14 26.46 -18.40
N LEU B 194 -53.84 27.06 -19.55
CA LEU B 194 -54.83 27.86 -20.29
C LEU B 194 -55.67 26.94 -21.16
N SER B 195 -55.02 26.12 -21.96
CA SER B 195 -55.68 25.16 -22.88
C SER B 195 -54.69 24.05 -23.24
N ALA B 196 -55.22 22.96 -23.75
CA ALA B 196 -54.42 21.83 -24.21
C ALA B 196 -55.24 21.01 -25.22
N THR B 197 -54.59 20.65 -26.32
CA THR B 197 -55.19 19.92 -27.45
C THR B 197 -54.40 18.62 -27.65
N GLN B 198 -55.06 17.66 -28.28
CA GLN B 198 -54.47 16.35 -28.64
C GLN B 198 -54.97 16.04 -30.04
N THR B 199 -54.11 16.10 -31.02
CA THR B 199 -54.51 16.11 -32.43
C THR B 199 -53.68 15.10 -33.22
N ARG B 200 -54.37 14.21 -33.92
CA ARG B 200 -53.72 13.29 -34.89
C ARG B 200 -52.93 14.08 -35.94
N GLN B 201 -51.76 13.54 -36.30
CA GLN B 201 -50.84 14.14 -37.30
CA GLN B 201 -50.83 14.15 -37.27
C GLN B 201 -50.11 13.04 -38.06
N VAL B 202 -49.67 13.36 -39.28
CA VAL B 202 -48.84 12.48 -40.15
C VAL B 202 -47.43 13.08 -40.21
N GLN B 203 -46.39 12.27 -40.01
CA GLN B 203 -44.97 12.71 -40.18
C GLN B 203 -44.22 11.73 -41.08
N HIS B 204 -43.10 12.21 -41.65
CA HIS B 204 -42.11 11.36 -42.36
C HIS B 204 -40.76 11.54 -41.69
N TYR B 205 -39.96 10.49 -41.75
CA TYR B 205 -38.60 10.41 -41.16
C TYR B 205 -37.63 10.06 -42.28
N SER B 206 -36.36 10.46 -42.10
CA SER B 206 -35.26 10.26 -43.09
C SER B 206 -35.08 8.78 -43.44
N CYS B 207 -35.21 7.88 -42.46
CA CYS B 207 -34.86 6.44 -42.64
C CYS B 207 -35.77 5.74 -43.66
N CYS B 208 -37.02 6.20 -43.83
CA CYS B 208 -38.19 5.34 -44.20
C CYS B 208 -39.11 6.22 -45.06
N PRO B 209 -39.65 5.78 -46.22
CA PRO B 209 -40.64 6.59 -46.96
C PRO B 209 -42.10 6.56 -46.45
N GLU B 210 -42.45 5.61 -45.56
CA GLU B 210 -43.86 5.41 -45.10
C GLU B 210 -44.27 6.50 -44.10
N PRO B 211 -45.57 6.89 -44.07
CA PRO B 211 -46.07 7.85 -43.08
C PRO B 211 -46.12 7.22 -41.68
N TYR B 212 -45.72 7.99 -40.65
CA TYR B 212 -45.81 7.64 -39.23
C TYR B 212 -46.91 8.55 -38.63
N ILE B 213 -47.72 7.98 -37.77
CA ILE B 213 -48.85 8.70 -37.14
C ILE B 213 -48.47 9.08 -35.70
N ASP B 214 -48.80 10.30 -35.31
CA ASP B 214 -48.65 10.72 -33.89
C ASP B 214 -49.90 11.44 -33.46
N VAL B 215 -50.04 11.58 -32.15
CA VAL B 215 -50.96 12.54 -31.54
C VAL B 215 -50.10 13.62 -30.91
N ASN B 216 -50.36 14.85 -31.30
CA ASN B 216 -49.56 16.01 -30.89
C ASN B 216 -50.27 16.62 -29.72
N LEU B 217 -49.61 16.60 -28.56
CA LEU B 217 -50.08 17.20 -27.32
C LEU B 217 -49.51 18.62 -27.26
N VAL B 218 -50.39 19.62 -27.31
CA VAL B 218 -50.04 21.06 -27.26
C VAL B 218 -50.58 21.60 -25.95
N VAL B 219 -49.73 22.24 -25.17
CA VAL B 219 -50.12 22.81 -23.86
CA VAL B 219 -50.11 22.82 -23.85
C VAL B 219 -49.76 24.31 -23.89
N LYS B 220 -50.72 25.15 -23.51
CA LYS B 220 -50.54 26.60 -23.29
C LYS B 220 -50.69 26.86 -21.80
N PHE B 221 -49.66 27.43 -21.20
CA PHE B 221 -49.59 27.57 -19.72
C PHE B 221 -48.79 28.81 -19.33
N ARG B 222 -48.88 29.15 -18.05
CA ARG B 222 -48.17 30.34 -17.53
C ARG B 222 -48.01 30.12 -16.05
N GLU B 223 -47.13 30.89 -15.45
CA GLU B 223 -46.94 30.85 -13.98
C GLU B 223 -48.22 31.34 -13.30
N ARG B 224 -48.64 30.62 -12.25
CA ARG B 224 -49.79 31.05 -11.40
CA ARG B 224 -49.77 31.06 -11.39
C ARG B 224 -49.26 32.22 -10.55
N ARG B 225 -49.90 33.39 -10.66
CA ARG B 225 -49.68 34.56 -9.74
C ARG B 225 -50.99 34.85 -9.00
N GLY B 227 -54.15 36.10 -7.97
CA GLY B 227 -55.16 36.83 -8.77
C GLY B 227 -54.52 37.56 -9.93
N ASN B 228 -54.50 36.94 -11.11
CA ASN B 228 -54.02 37.51 -12.41
C ASN B 228 -55.08 37.12 -13.45
N GLY B 229 -55.65 38.08 -14.20
CA GLY B 229 -56.62 37.78 -15.27
C GLY B 229 -55.98 37.10 -16.48
N PHE B 230 -56.77 36.59 -17.43
CA PHE B 230 -56.29 35.80 -18.59
C PHE B 230 -56.34 36.58 -19.91
N PHE B 231 -56.61 37.88 -19.91
CA PHE B 231 -57.14 38.53 -21.14
C PHE B 231 -56.18 38.33 -22.35
N ARG B 232 -56.75 38.27 -23.57
CA ARG B 232 -56.01 38.12 -24.86
C ARG B 232 -56.13 39.43 -25.67
N GLN C 20 -22.03 -18.77 -36.28
CA GLN C 20 -21.32 -19.83 -37.05
C GLN C 20 -20.97 -21.05 -36.19
N ALA C 21 -20.87 -22.16 -36.92
CA ALA C 21 -21.23 -23.49 -36.41
C ALA C 21 -20.21 -23.92 -35.36
N ASN C 22 -18.91 -23.71 -35.61
CA ASN C 22 -17.86 -24.19 -34.68
C ASN C 22 -17.95 -23.41 -33.37
N LEU C 23 -18.19 -22.10 -33.45
CA LEU C 23 -18.28 -21.26 -32.22
C LEU C 23 -19.52 -21.69 -31.42
N MET C 24 -20.65 -21.93 -32.08
CA MET C 24 -21.87 -22.39 -31.37
C MET C 24 -21.58 -23.69 -30.63
N ARG C 25 -20.81 -24.59 -31.25
CA ARG C 25 -20.49 -25.92 -30.68
C ARG C 25 -19.55 -25.76 -29.50
N LEU C 26 -18.54 -24.89 -29.65
CA LEU C 26 -17.61 -24.60 -28.53
C LEU C 26 -18.37 -24.04 -27.32
N LYS C 27 -19.23 -23.04 -27.50
CA LYS C 27 -19.91 -22.42 -26.33
C LYS C 27 -20.85 -23.45 -25.69
N SER C 28 -21.52 -24.24 -26.52
CA SER C 28 -22.40 -25.32 -26.00
C SER C 28 -21.58 -26.30 -25.14
N ASP C 29 -20.39 -26.71 -25.61
CA ASP C 29 -19.51 -27.65 -24.88
C ASP C 29 -18.99 -27.02 -23.59
N LEU C 30 -18.53 -25.77 -23.64
CA LEU C 30 -18.01 -25.09 -22.42
C LEU C 30 -19.14 -24.77 -21.44
N PHE C 31 -20.31 -24.33 -21.89
CA PHE C 31 -21.31 -23.70 -20.99
C PHE C 31 -22.50 -24.63 -20.72
N ASN C 32 -23.04 -25.32 -21.72
CA ASN C 32 -24.31 -26.08 -21.56
C ASN C 32 -24.00 -27.45 -20.97
N ARG C 33 -22.87 -28.05 -21.33
CA ARG C 33 -22.57 -29.49 -21.06
C ARG C 33 -21.67 -29.60 -19.84
N SER C 34 -21.91 -28.78 -18.80
CA SER C 34 -21.04 -28.68 -17.60
C SER C 34 -21.64 -27.81 -16.50
N PRO C 35 -21.27 -28.06 -15.21
CA PRO C 35 -21.74 -27.25 -14.09
C PRO C 35 -20.92 -25.95 -13.98
N MET C 36 -21.47 -24.91 -13.35
CA MET C 36 -20.79 -23.59 -13.28
C MET C 36 -19.59 -23.73 -12.32
N TYR C 37 -18.46 -23.13 -12.71
CA TYR C 37 -17.25 -22.93 -11.87
C TYR C 37 -17.70 -22.28 -10.55
N PRO C 38 -17.42 -22.88 -9.38
CA PRO C 38 -17.84 -22.31 -8.09
C PRO C 38 -16.88 -21.29 -7.47
N GLY C 39 -16.00 -20.71 -8.28
CA GLY C 39 -15.00 -19.76 -7.82
C GLY C 39 -13.79 -20.47 -7.21
N PRO C 40 -12.74 -19.67 -6.87
CA PRO C 40 -11.50 -20.24 -6.36
C PRO C 40 -11.64 -20.73 -4.94
N THR C 41 -10.70 -21.59 -4.55
CA THR C 41 -10.59 -22.18 -3.20
C THR C 41 -9.14 -22.19 -2.78
N LYS C 42 -8.91 -22.48 -1.51
CA LYS C 42 -7.54 -22.59 -0.93
C LYS C 42 -6.75 -23.65 -1.70
N ASP C 43 -7.40 -24.74 -2.13
CA ASP C 43 -6.73 -25.84 -2.87
C ASP C 43 -6.57 -25.49 -4.35
N ASP C 44 -7.39 -24.60 -4.94
CA ASP C 44 -7.26 -24.15 -6.36
CA ASP C 44 -7.27 -24.16 -6.35
C ASP C 44 -7.38 -22.63 -6.42
N PRO C 45 -6.36 -21.87 -5.95
CA PRO C 45 -6.38 -20.42 -5.91
C PRO C 45 -6.16 -19.84 -7.31
N LEU C 46 -6.48 -18.55 -7.48
CA LEU C 46 -6.14 -17.90 -8.77
CA LEU C 46 -6.39 -17.79 -8.75
C LEU C 46 -5.59 -16.51 -8.52
N THR C 47 -4.84 -16.05 -9.52
CA THR C 47 -4.24 -14.73 -9.59
C THR C 47 -4.99 -13.95 -10.65
N VAL C 48 -5.50 -12.78 -10.27
CA VAL C 48 -6.15 -11.84 -11.20
C VAL C 48 -5.12 -10.73 -11.48
N THR C 49 -4.82 -10.46 -12.74
CA THR C 49 -3.99 -9.30 -13.12
C THR C 49 -4.94 -8.10 -13.29
N LEU C 50 -4.64 -6.97 -12.65
CA LEU C 50 -5.43 -5.71 -12.82
C LEU C 50 -4.56 -4.61 -13.43
N GLY C 51 -5.18 -3.79 -14.28
CA GLY C 51 -4.56 -2.54 -14.75
C GLY C 51 -5.63 -1.50 -15.03
N PHE C 52 -5.34 -0.25 -14.74
CA PHE C 52 -6.28 0.90 -14.95
C PHE C 52 -5.84 1.75 -16.11
N THR C 53 -6.83 2.18 -16.91
CA THR C 53 -6.71 3.25 -17.91
C THR C 53 -7.61 4.39 -17.45
N LEU C 54 -7.01 5.46 -16.91
CA LEU C 54 -7.74 6.59 -16.31
C LEU C 54 -8.14 7.53 -17.44
N GLN C 55 -9.46 7.72 -17.62
CA GLN C 55 -9.97 8.57 -18.72
C GLN C 55 -10.24 9.99 -18.21
N ASP C 56 -10.70 10.15 -16.97
CA ASP C 56 -11.12 11.50 -16.55
C ASP C 56 -11.28 11.55 -15.05
N ILE C 57 -10.80 12.60 -14.41
CA ILE C 57 -11.34 13.03 -13.10
C ILE C 57 -12.47 14.02 -13.47
N VAL C 58 -13.70 13.57 -13.30
CA VAL C 58 -14.93 14.28 -13.81
CA VAL C 58 -14.84 14.35 -13.88
C VAL C 58 -15.30 15.40 -12.85
N LYS C 59 -15.27 15.09 -11.55
CA LYS C 59 -15.95 15.96 -10.56
C LYS C 59 -15.28 15.83 -9.21
N VAL C 60 -15.23 16.92 -8.50
CA VAL C 60 -14.79 16.99 -7.08
CA VAL C 60 -14.82 16.92 -7.05
C VAL C 60 -15.96 17.59 -6.28
N ASP C 61 -16.19 17.12 -5.07
CA ASP C 61 -17.22 17.70 -4.18
C ASP C 61 -16.51 18.03 -2.89
N SER C 62 -16.18 19.31 -2.68
CA SER C 62 -15.46 19.73 -1.44
C SER C 62 -16.42 19.76 -0.25
N SER C 63 -17.73 19.73 -0.42
CA SER C 63 -18.65 19.66 0.76
CA SER C 63 -18.67 19.66 0.74
C SER C 63 -18.67 18.25 1.34
N THR C 64 -18.48 17.21 0.52
CA THR C 64 -18.63 15.79 0.95
C THR C 64 -17.32 14.99 0.91
N ASN C 65 -16.22 15.57 0.37
CA ASN C 65 -14.95 14.85 0.12
C ASN C 65 -15.26 13.57 -0.69
N GLU C 66 -15.88 13.77 -1.81
CA GLU C 66 -16.11 12.71 -2.82
C GLU C 66 -15.52 13.21 -4.12
N VAL C 67 -14.76 12.31 -4.79
CA VAL C 67 -14.26 12.55 -6.15
C VAL C 67 -14.73 11.46 -7.08
N ASP C 68 -15.03 11.86 -8.30
CA ASP C 68 -15.58 10.93 -9.34
C ASP C 68 -14.53 10.72 -10.42
N LEU C 69 -14.22 9.43 -10.69
CA LEU C 69 -13.29 9.01 -11.77
C LEU C 69 -14.07 8.24 -12.83
N VAL C 70 -13.66 8.37 -14.06
CA VAL C 70 -14.05 7.49 -15.20
C VAL C 70 -12.79 6.77 -15.65
N TYR C 71 -12.84 5.48 -15.70
CA TYR C 71 -11.66 4.66 -16.08
C TYR C 71 -12.17 3.34 -16.70
N TYR C 72 -11.25 2.58 -17.28
CA TYR C 72 -11.53 1.14 -17.51
C TYR C 72 -10.43 0.30 -16.89
N GLU C 73 -10.90 -0.82 -16.36
CA GLU C 73 -10.15 -1.72 -15.47
C GLU C 73 -9.94 -3.01 -16.25
N GLN C 74 -8.72 -3.29 -16.67
CA GLN C 74 -8.37 -4.55 -17.36
C GLN C 74 -8.18 -5.64 -16.31
N GLN C 75 -8.97 -6.71 -16.38
CA GLN C 75 -8.90 -7.87 -15.48
C GLN C 75 -8.50 -9.09 -16.30
N ARG C 76 -7.60 -9.90 -15.78
CA ARG C 76 -7.13 -11.13 -16.52
C ARG C 76 -6.97 -12.25 -15.49
N TRP C 77 -7.47 -13.44 -15.83
CA TRP C 77 -7.33 -14.67 -15.02
C TRP C 77 -7.39 -15.89 -15.95
N LYS C 78 -7.12 -17.05 -15.40
CA LYS C 78 -7.04 -18.27 -16.22
C LYS C 78 -7.67 -19.43 -15.48
N LEU C 79 -8.57 -20.17 -16.16
CA LEU C 79 -9.25 -21.37 -15.59
C LEU C 79 -8.99 -22.57 -16.50
N ASN C 80 -8.50 -23.67 -15.94
CA ASN C 80 -8.36 -24.95 -16.70
C ASN C 80 -9.71 -25.38 -17.33
N SER C 81 -10.83 -25.14 -16.63
CA SER C 81 -12.20 -25.46 -17.08
C SER C 81 -12.59 -24.68 -18.34
N LEU C 82 -11.89 -23.62 -18.76
CA LEU C 82 -12.23 -22.87 -20.01
C LEU C 82 -11.29 -23.23 -21.15
N MET C 83 -10.47 -24.28 -21.00
CA MET C 83 -9.50 -24.68 -22.04
C MET C 83 -10.21 -25.49 -23.13
N TRP C 84 -9.75 -25.35 -24.35
CA TRP C 84 -10.13 -26.24 -25.47
C TRP C 84 -8.96 -26.38 -26.44
N ASP C 85 -9.09 -27.38 -27.31
CA ASP C 85 -8.14 -27.61 -28.41
C ASP C 85 -8.71 -26.93 -29.65
N PRO C 86 -8.07 -25.87 -30.23
CA PRO C 86 -8.59 -25.22 -31.43
C PRO C 86 -8.79 -26.17 -32.62
N ASN C 87 -8.01 -27.26 -32.71
CA ASN C 87 -8.11 -28.24 -33.83
CA ASN C 87 -8.10 -28.29 -33.78
C ASN C 87 -9.50 -28.89 -33.82
N GLU C 88 -10.09 -29.11 -32.65
CA GLU C 88 -11.46 -29.67 -32.51
C GLU C 88 -12.57 -28.65 -32.86
N TYR C 89 -12.25 -27.36 -33.03
CA TYR C 89 -13.27 -26.27 -33.14
C TYR C 89 -12.88 -25.31 -34.25
N GLY C 90 -12.49 -25.85 -35.40
CA GLY C 90 -12.26 -25.09 -36.64
C GLY C 90 -11.17 -24.02 -36.46
N ASN C 91 -10.15 -24.30 -35.62
CA ASN C 91 -8.99 -23.41 -35.33
C ASN C 91 -9.42 -22.12 -34.59
N ILE C 92 -10.58 -22.10 -33.95
CA ILE C 92 -10.96 -20.94 -33.06
C ILE C 92 -9.97 -20.92 -31.89
N THR C 93 -9.30 -19.79 -31.68
CA THR C 93 -8.33 -19.59 -30.57
C THR C 93 -8.88 -18.71 -29.45
N ASP C 94 -9.94 -17.94 -29.69
CA ASP C 94 -10.57 -17.08 -28.66
C ASP C 94 -11.99 -16.76 -29.10
N PHE C 95 -12.81 -16.31 -28.16
CA PHE C 95 -14.18 -15.83 -28.49
C PHE C 95 -14.66 -14.77 -27.50
N ARG C 96 -15.59 -13.96 -27.99
CA ARG C 96 -16.35 -12.97 -27.17
C ARG C 96 -17.54 -13.69 -26.56
N THR C 97 -17.78 -13.48 -25.28
CA THR C 97 -18.99 -14.03 -24.60
C THR C 97 -19.50 -13.04 -23.55
N SER C 98 -20.81 -13.08 -23.32
CA SER C 98 -21.49 -12.39 -22.19
C SER C 98 -20.75 -12.74 -20.90
N ALA C 99 -20.44 -11.73 -20.09
CA ALA C 99 -19.80 -11.98 -18.78
C ALA C 99 -20.76 -12.76 -17.86
N ALA C 100 -22.06 -12.81 -18.13
CA ALA C 100 -23.04 -13.68 -17.40
C ALA C 100 -22.69 -15.17 -17.58
N ASP C 101 -22.10 -15.55 -18.71
CA ASP C 101 -21.78 -16.96 -19.05
C ASP C 101 -20.66 -17.53 -18.20
N ILE C 102 -19.82 -16.71 -17.54
CA ILE C 102 -18.58 -17.20 -16.90
C ILE C 102 -18.52 -16.65 -15.50
N TRP C 103 -17.71 -17.26 -14.68
CA TRP C 103 -17.31 -16.65 -13.39
C TRP C 103 -16.50 -15.38 -13.66
N THR C 104 -16.73 -14.32 -12.86
CA THR C 104 -15.90 -13.08 -12.92
C THR C 104 -15.53 -12.75 -11.48
N PRO C 105 -14.32 -12.18 -11.24
CA PRO C 105 -13.90 -11.88 -9.87
C PRO C 105 -14.69 -10.67 -9.30
N ASP C 106 -14.92 -10.71 -7.99
CA ASP C 106 -15.67 -9.69 -7.21
C ASP C 106 -14.72 -8.52 -6.86
N ILE C 107 -14.06 -7.94 -7.83
CA ILE C 107 -13.12 -6.80 -7.62
C ILE C 107 -13.97 -5.58 -7.22
N THR C 108 -13.71 -5.03 -6.04
CA THR C 108 -14.54 -4.00 -5.39
C THR C 108 -13.63 -2.83 -5.00
N ALA C 109 -14.10 -1.61 -5.19
CA ALA C 109 -13.47 -0.36 -4.66
C ALA C 109 -13.80 -0.30 -3.19
N TYR C 110 -12.82 -0.19 -2.31
CA TYR C 110 -13.01 -0.31 -0.86
C TYR C 110 -13.54 1.00 -0.25
N SER C 111 -13.53 2.12 -0.96
CA SER C 111 -13.94 3.41 -0.37
C SER C 111 -14.92 4.12 -1.31
N SER C 112 -15.68 3.35 -2.09
CA SER C 112 -16.77 3.91 -2.91
C SER C 112 -17.84 4.50 -1.97
N THR C 113 -18.52 5.55 -2.43
CA THR C 113 -19.63 6.19 -1.70
C THR C 113 -20.95 6.05 -2.43
N ARG C 114 -20.94 5.46 -3.61
CA ARG C 114 -22.11 5.27 -4.50
CA ARG C 114 -22.15 5.22 -4.42
C ARG C 114 -21.87 3.94 -5.18
N PRO C 115 -22.91 3.18 -5.59
CA PRO C 115 -22.67 2.05 -6.48
C PRO C 115 -21.94 2.50 -7.74
N VAL C 116 -21.00 1.69 -8.18
CA VAL C 116 -20.20 1.96 -9.42
CA VAL C 116 -20.21 2.01 -9.41
C VAL C 116 -21.20 1.96 -10.59
N GLN C 117 -21.06 2.86 -11.53
CA GLN C 117 -21.89 2.90 -12.74
C GLN C 117 -21.11 2.23 -13.87
N VAL C 118 -21.74 1.29 -14.56
CA VAL C 118 -21.11 0.54 -15.67
C VAL C 118 -21.31 1.28 -16.97
N LEU C 119 -20.23 1.53 -17.70
CA LEU C 119 -20.23 2.36 -18.93
C LEU C 119 -19.99 1.51 -20.17
N SER C 120 -19.65 0.24 -20.04
CA SER C 120 -19.30 -0.61 -21.21
C SER C 120 -20.10 -1.91 -21.17
N PRO C 121 -20.27 -2.55 -22.34
CA PRO C 121 -20.93 -3.86 -22.42
C PRO C 121 -20.24 -4.95 -21.60
N GLN C 122 -21.02 -5.78 -20.92
CA GLN C 122 -20.60 -6.88 -20.03
CA GLN C 122 -20.46 -6.82 -20.01
C GLN C 122 -20.19 -8.08 -20.89
N ILE C 123 -19.11 -7.97 -21.64
CA ILE C 123 -18.64 -8.99 -22.62
C ILE C 123 -17.14 -9.17 -22.37
N ALA C 124 -16.70 -10.41 -22.21
CA ALA C 124 -15.30 -10.82 -22.01
C ALA C 124 -14.80 -11.58 -23.21
N VAL C 125 -13.48 -11.76 -23.25
CA VAL C 125 -12.83 -12.58 -24.30
C VAL C 125 -12.20 -13.77 -23.59
N VAL C 126 -12.52 -14.98 -24.07
CA VAL C 126 -11.99 -16.25 -23.53
C VAL C 126 -11.02 -16.79 -24.59
N THR C 127 -9.82 -17.17 -24.18
CA THR C 127 -8.75 -17.72 -25.04
C THR C 127 -8.58 -19.21 -24.75
N HIS C 128 -8.12 -19.96 -25.76
CA HIS C 128 -8.10 -21.46 -25.72
C HIS C 128 -7.26 -22.07 -24.61
N ASP C 129 -6.34 -21.30 -24.01
CA ASP C 129 -5.55 -21.75 -22.83
C ASP C 129 -6.36 -21.58 -21.54
N GLY C 130 -7.62 -21.12 -21.62
CA GLY C 130 -8.49 -20.91 -20.46
C GLY C 130 -8.34 -19.51 -19.88
N SER C 131 -7.57 -18.64 -20.50
CA SER C 131 -7.32 -17.26 -20.01
C SER C 131 -8.53 -16.39 -20.44
N VAL C 132 -8.90 -15.48 -19.56
CA VAL C 132 -10.08 -14.58 -19.77
C VAL C 132 -9.58 -13.16 -19.60
N MET C 133 -10.04 -12.25 -20.45
CA MET C 133 -9.81 -10.81 -20.27
C MET C 133 -11.14 -10.09 -20.32
N PHE C 134 -11.34 -9.22 -19.34
CA PHE C 134 -12.60 -8.48 -19.17
C PHE C 134 -12.21 -7.03 -18.83
N ILE C 135 -12.76 -6.02 -19.52
CA ILE C 135 -12.29 -4.63 -19.40
C ILE C 135 -13.50 -3.72 -19.18
N PRO C 136 -14.14 -3.78 -17.98
CA PRO C 136 -15.25 -2.89 -17.66
C PRO C 136 -14.83 -1.42 -17.46
N ALA C 137 -15.53 -0.54 -18.17
CA ALA C 137 -15.50 0.93 -17.97
C ALA C 137 -16.48 1.27 -16.85
N GLN C 138 -16.04 2.12 -15.91
CA GLN C 138 -16.79 2.47 -14.69
C GLN C 138 -16.71 3.95 -14.42
N ARG C 139 -17.77 4.49 -13.81
CA ARG C 139 -17.69 5.77 -13.07
C ARG C 139 -17.79 5.47 -11.60
N LEU C 140 -16.83 5.95 -10.82
CA LEU C 140 -16.69 5.66 -9.39
C LEU C 140 -16.76 6.99 -8.64
N SER C 141 -17.55 7.04 -7.58
CA SER C 141 -17.45 8.11 -6.53
C SER C 141 -16.71 7.51 -5.35
N PHE C 142 -15.61 8.12 -4.90
CA PHE C 142 -14.86 7.58 -3.75
C PHE C 142 -14.43 8.70 -2.80
N MET C 143 -13.95 8.29 -1.64
CA MET C 143 -13.61 9.20 -0.52
C MET C 143 -12.24 9.84 -0.83
N CYS C 144 -12.25 11.15 -1.02
CA CYS C 144 -11.07 11.93 -1.42
C CYS C 144 -11.32 13.40 -1.01
N ASP C 145 -10.43 13.97 -0.22
CA ASP C 145 -10.47 15.39 0.19
C ASP C 145 -9.78 16.21 -0.89
N PRO C 146 -10.51 17.00 -1.74
CA PRO C 146 -9.90 17.77 -2.80
C PRO C 146 -9.35 19.15 -2.36
N THR C 147 -9.32 19.44 -1.05
CA THR C 147 -8.82 20.74 -0.50
C THR C 147 -7.40 20.96 -0.98
N GLY C 148 -7.14 22.09 -1.69
CA GLY C 148 -5.83 22.38 -2.27
C GLY C 148 -5.67 21.91 -3.72
N VAL C 149 -6.72 21.32 -4.34
CA VAL C 149 -6.60 20.95 -5.78
C VAL C 149 -6.31 22.20 -6.63
N ASP C 150 -6.74 23.38 -6.17
CA ASP C 150 -6.50 24.66 -6.91
C ASP C 150 -5.07 25.22 -6.69
N SER C 151 -4.13 24.46 -6.17
CA SER C 151 -2.74 24.89 -5.88
C SER C 151 -1.80 24.20 -6.87
N GLU C 152 -0.54 24.61 -6.87
CA GLU C 152 0.47 24.08 -7.80
C GLU C 152 0.82 22.66 -7.42
N GLU C 153 0.75 22.31 -6.15
CA GLU C 153 1.20 20.98 -5.66
C GLU C 153 0.02 20.00 -5.68
N GLY C 154 -1.21 20.48 -5.81
CA GLY C 154 -2.42 19.64 -5.94
C GLY C 154 -2.70 18.80 -4.73
N VAL C 155 -3.37 17.67 -4.97
CA VAL C 155 -3.85 16.76 -3.90
CA VAL C 155 -3.89 16.75 -3.93
C VAL C 155 -3.52 15.32 -4.35
N THR C 156 -3.38 14.46 -3.38
CA THR C 156 -3.22 12.99 -3.58
C THR C 156 -4.44 12.29 -2.99
N CYS C 157 -5.07 11.42 -3.76
CA CYS C 157 -6.14 10.53 -3.25
C CYS C 157 -5.79 9.11 -3.69
N ALA C 158 -6.38 8.17 -3.00
CA ALA C 158 -6.14 6.72 -3.23
C ALA C 158 -7.43 5.95 -2.98
N VAL C 159 -7.57 4.84 -3.72
CA VAL C 159 -8.70 3.89 -3.54
C VAL C 159 -8.12 2.50 -3.85
N LYS C 160 -8.46 1.54 -3.00
CA LYS C 160 -8.06 0.13 -3.09
C LYS C 160 -9.12 -0.65 -3.84
N PHE C 161 -8.67 -1.50 -4.76
CA PHE C 161 -9.50 -2.43 -5.54
C PHE C 161 -9.09 -3.86 -5.23
N GLY C 162 -10.03 -4.65 -4.74
CA GLY C 162 -9.71 -6.07 -4.49
C GLY C 162 -10.97 -6.86 -4.21
N SER C 163 -10.80 -8.15 -4.02
CA SER C 163 -11.92 -9.04 -3.69
C SER C 163 -12.54 -8.58 -2.38
N TRP C 164 -13.87 -8.56 -2.33
CA TRP C 164 -14.62 -8.28 -1.08
C TRP C 164 -14.58 -9.48 -0.13
N VAL C 165 -14.65 -10.70 -0.67
CA VAL C 165 -14.94 -11.91 0.15
C VAL C 165 -13.84 -12.99 0.09
N TYR C 166 -12.85 -12.90 -0.80
CA TYR C 166 -11.75 -13.92 -0.89
C TYR C 166 -10.44 -13.33 -0.40
N SER C 167 -9.80 -14.07 0.52
CA SER C 167 -8.47 -13.73 1.02
C SER C 167 -7.41 -14.06 -0.03
N GLY C 168 -6.19 -13.67 0.28
CA GLY C 168 -5.04 -13.94 -0.60
C GLY C 168 -4.77 -15.45 -0.77
N PHE C 169 -5.35 -16.29 0.07
CA PHE C 169 -5.31 -17.77 -0.10
C PHE C 169 -6.27 -18.26 -1.19
N GLU C 170 -7.25 -17.47 -1.66
CA GLU C 170 -8.06 -17.86 -2.84
C GLU C 170 -7.84 -16.94 -4.03
N ILE C 171 -7.81 -15.63 -3.81
CA ILE C 171 -7.55 -14.66 -4.91
C ILE C 171 -6.30 -13.88 -4.51
N ASP C 172 -5.28 -14.00 -5.34
CA ASP C 172 -4.13 -13.09 -5.34
C ASP C 172 -4.26 -12.13 -6.51
N LEU C 173 -3.58 -10.98 -6.43
CA LEU C 173 -3.58 -9.98 -7.51
C LEU C 173 -2.14 -9.67 -7.90
N LYS C 174 -2.02 -9.14 -9.08
CA LYS C 174 -0.77 -8.52 -9.57
C LYS C 174 -1.12 -7.42 -10.55
N THR C 175 -0.15 -6.56 -10.81
CA THR C 175 -0.13 -5.60 -11.92
C THR C 175 1.05 -5.97 -12.83
N ASP C 176 0.91 -5.73 -14.12
CA ASP C 176 2.04 -5.89 -15.06
C ASP C 176 2.99 -4.70 -14.93
N THR C 177 2.50 -3.53 -14.59
CA THR C 177 3.31 -2.32 -14.33
C THR C 177 2.70 -1.56 -13.16
N ASP C 178 3.50 -0.75 -12.48
CA ASP C 178 3.12 0.16 -11.36
CA ASP C 178 2.97 0.08 -11.37
C ASP C 178 2.48 1.44 -11.93
N GLN C 179 2.59 1.70 -13.24
CA GLN C 179 2.18 2.97 -13.91
CA GLN C 179 2.16 3.00 -13.84
C GLN C 179 0.77 2.81 -14.49
N VAL C 180 -0.18 3.62 -14.04
CA VAL C 180 -1.56 3.66 -14.64
C VAL C 180 -1.38 4.12 -16.08
N ASP C 181 -2.18 3.62 -16.98
CA ASP C 181 -2.16 4.06 -18.39
C ASP C 181 -2.90 5.42 -18.49
N LEU C 182 -2.21 6.48 -18.89
CA LEU C 182 -2.73 7.85 -18.99
C LEU C 182 -2.79 8.21 -20.46
N SER C 183 -2.62 7.24 -21.37
CA SER C 183 -2.56 7.54 -22.82
C SER C 183 -3.94 7.95 -23.37
N SER C 184 -5.05 7.68 -22.68
CA SER C 184 -6.41 8.12 -23.10
C SER C 184 -6.98 9.09 -22.07
N TYR C 185 -6.16 9.75 -21.23
CA TYR C 185 -6.69 10.74 -20.28
C TYR C 185 -7.25 11.94 -21.07
N TYR C 186 -8.44 12.40 -20.72
CA TYR C 186 -9.12 13.53 -21.39
C TYR C 186 -8.27 14.82 -21.29
N ALA C 187 -7.80 15.30 -22.43
CA ALA C 187 -6.84 16.44 -22.52
C ALA C 187 -7.50 17.74 -22.04
N SER C 188 -8.84 17.86 -22.08
CA SER C 188 -9.54 19.09 -21.60
C SER C 188 -10.29 18.85 -20.28
N SER C 189 -9.90 17.84 -19.49
CA SER C 189 -10.38 17.66 -18.10
C SER C 189 -10.16 18.97 -17.33
N LYS C 190 -10.99 19.22 -16.33
CA LYS C 190 -10.71 20.29 -15.32
C LYS C 190 -9.45 19.97 -14.54
N TYR C 191 -9.05 18.70 -14.48
CA TYR C 191 -7.93 18.25 -13.63
C TYR C 191 -6.83 17.71 -14.51
N GLU C 192 -5.60 18.12 -14.18
CA GLU C 192 -4.37 17.58 -14.76
C GLU C 192 -3.88 16.46 -13.83
N ILE C 193 -3.40 15.36 -14.38
CA ILE C 193 -2.74 14.29 -13.61
C ILE C 193 -1.25 14.58 -13.47
N LEU C 194 -0.78 14.61 -12.23
CA LEU C 194 0.65 14.75 -11.89
C LEU C 194 1.27 13.37 -11.74
N SER C 195 0.57 12.39 -11.21
CA SER C 195 1.07 10.98 -11.19
C SER C 195 -0.11 10.04 -10.94
N ALA C 196 -0.01 8.82 -11.43
CA ALA C 196 -1.04 7.79 -11.20
C ALA C 196 -0.34 6.43 -11.14
N THR C 197 -0.33 5.81 -9.98
CA THR C 197 0.30 4.48 -9.77
C THR C 197 -0.78 3.44 -9.38
N GLN C 198 -0.48 2.18 -9.63
CA GLN C 198 -1.34 1.01 -9.29
C GLN C 198 -0.44 -0.04 -8.64
N THR C 199 -0.61 -0.29 -7.34
CA THR C 199 0.38 -1.06 -6.57
C THR C 199 -0.32 -2.18 -5.81
N ARG C 200 0.20 -3.42 -5.93
CA ARG C 200 -0.24 -4.57 -5.13
C ARG C 200 0.04 -4.25 -3.67
N GLN C 201 -0.89 -4.60 -2.81
CA GLN C 201 -0.92 -4.22 -1.39
CA GLN C 201 -0.93 -4.20 -1.37
C GLN C 201 -1.59 -5.35 -0.62
N VAL C 202 -1.21 -5.52 0.63
CA VAL C 202 -1.81 -6.50 1.56
C VAL C 202 -2.49 -5.70 2.64
N GLN C 203 -3.67 -6.15 3.07
CA GLN C 203 -4.43 -5.51 4.16
C GLN C 203 -4.97 -6.63 5.03
N HIS C 204 -5.18 -6.30 6.31
CA HIS C 204 -5.95 -7.18 7.22
C HIS C 204 -7.20 -6.43 7.70
N TYR C 205 -8.21 -7.19 8.12
CA TYR C 205 -9.54 -6.70 8.50
C TYR C 205 -9.96 -7.35 9.82
N SER C 206 -10.75 -6.62 10.60
CA SER C 206 -11.18 -6.99 11.98
C SER C 206 -11.78 -8.40 11.98
N CYS C 207 -12.57 -8.77 10.98
CA CYS C 207 -13.39 -10.00 10.98
C CYS C 207 -12.54 -11.28 10.87
N CYS C 208 -11.34 -11.22 10.32
CA CYS C 208 -10.68 -12.40 9.67
C CYS C 208 -9.16 -12.34 9.91
N PRO C 209 -8.42 -13.44 10.24
CA PRO C 209 -6.97 -13.35 10.37
C PRO C 209 -6.18 -13.30 9.05
N GLU C 210 -6.76 -13.73 7.92
CA GLU C 210 -5.99 -13.93 6.66
C GLU C 210 -5.71 -12.59 5.97
N PRO C 211 -4.61 -12.46 5.19
CA PRO C 211 -4.36 -11.26 4.40
C PRO C 211 -5.29 -11.23 3.17
N TYR C 212 -5.82 -10.04 2.89
CA TYR C 212 -6.58 -9.71 1.67
C TYR C 212 -5.68 -8.89 0.77
N ILE C 213 -5.74 -9.13 -0.54
CA ILE C 213 -4.89 -8.43 -1.51
C ILE C 213 -5.74 -7.35 -2.21
N ASP C 214 -5.18 -6.17 -2.46
CA ASP C 214 -5.82 -5.12 -3.30
C ASP C 214 -4.75 -4.50 -4.19
N VAL C 215 -5.18 -3.80 -5.23
CA VAL C 215 -4.32 -2.90 -6.01
C VAL C 215 -4.73 -1.48 -5.58
N ASN C 216 -3.77 -0.74 -5.03
CA ASN C 216 -4.03 0.61 -4.52
C ASN C 216 -3.81 1.57 -5.68
N LEU C 217 -4.85 2.30 -6.09
CA LEU C 217 -4.78 3.32 -7.17
C LEU C 217 -4.51 4.64 -6.47
N VAL C 218 -3.36 5.26 -6.72
CA VAL C 218 -2.93 6.51 -6.04
C VAL C 218 -2.77 7.55 -7.15
N VAL C 219 -3.52 8.65 -7.06
CA VAL C 219 -3.62 9.69 -8.11
CA VAL C 219 -3.60 9.69 -8.12
C VAL C 219 -3.30 11.04 -7.47
N LYS C 220 -2.32 11.74 -8.03
CA LYS C 220 -1.98 13.13 -7.61
C LYS C 220 -2.46 13.98 -8.76
N PHE C 221 -3.26 15.01 -8.47
CA PHE C 221 -3.86 15.87 -9.50
C PHE C 221 -4.02 17.29 -8.96
N ARG C 222 -4.30 18.19 -9.90
CA ARG C 222 -4.54 19.63 -9.59
C ARG C 222 -5.42 20.19 -10.67
N GLU C 223 -6.02 21.35 -10.41
CA GLU C 223 -6.76 22.06 -11.48
C GLU C 223 -5.82 22.46 -12.61
N ARG C 224 -6.29 22.31 -13.84
CA ARG C 224 -5.48 22.48 -15.09
C ARG C 224 -5.04 23.94 -15.24
N ALA C 226 -3.49 26.91 -12.06
CA ALA C 226 -2.82 26.45 -10.82
C ALA C 226 -2.37 27.64 -9.96
N GLN D 20 -37.91 -25.27 8.49
CA GLN D 20 -38.58 -26.45 9.10
C GLN D 20 -39.72 -27.03 8.30
N ALA D 21 -39.92 -28.30 8.62
CA ALA D 21 -40.54 -29.30 7.76
C ALA D 21 -42.01 -28.91 7.59
N ASN D 22 -42.72 -28.56 8.67
CA ASN D 22 -44.18 -28.30 8.57
C ASN D 22 -44.43 -27.03 7.74
N LEU D 23 -43.60 -25.99 7.89
CA LEU D 23 -43.76 -24.74 7.10
C LEU D 23 -43.45 -25.01 5.62
N MET D 24 -42.41 -25.78 5.33
CA MET D 24 -42.06 -26.11 3.93
C MET D 24 -43.21 -26.81 3.25
N ARG D 25 -43.88 -27.71 3.97
CA ARG D 25 -45.02 -28.51 3.47
C ARG D 25 -46.22 -27.57 3.22
N LEU D 26 -46.51 -26.70 4.16
CA LEU D 26 -47.60 -25.69 4.01
C LEU D 26 -47.37 -24.81 2.79
N LYS D 27 -46.18 -24.24 2.66
CA LYS D 27 -45.88 -23.33 1.53
C LYS D 27 -45.99 -24.08 0.21
N SER D 28 -45.49 -25.31 0.16
CA SER D 28 -45.57 -26.13 -1.07
C SER D 28 -47.04 -26.40 -1.42
N ASP D 29 -47.86 -26.73 -0.42
CA ASP D 29 -49.30 -27.00 -0.62
C ASP D 29 -50.05 -25.74 -1.05
N LEU D 30 -49.78 -24.59 -0.43
CA LEU D 30 -50.44 -23.33 -0.85
C LEU D 30 -49.97 -22.84 -2.23
N PHE D 31 -48.69 -22.93 -2.58
CA PHE D 31 -48.10 -22.15 -3.71
C PHE D 31 -47.70 -23.00 -4.93
N ASN D 32 -47.44 -24.30 -4.80
CA ASN D 32 -47.00 -25.13 -5.96
C ASN D 32 -48.19 -25.78 -6.67
N ARG D 33 -49.37 -25.90 -6.05
CA ARG D 33 -50.47 -26.78 -6.56
C ARG D 33 -51.36 -26.05 -7.57
N SER D 34 -51.83 -24.84 -7.23
CA SER D 34 -52.93 -24.13 -7.93
C SER D 34 -52.37 -23.05 -8.84
N PRO D 35 -53.16 -22.50 -9.81
CA PRO D 35 -52.72 -21.34 -10.59
C PRO D 35 -52.72 -20.15 -9.62
N MET D 36 -52.05 -19.05 -9.97
CA MET D 36 -52.06 -17.92 -8.99
CA MET D 36 -52.02 -17.80 -9.15
C MET D 36 -53.49 -17.35 -9.00
N TYR D 37 -53.84 -16.79 -7.85
CA TYR D 37 -55.13 -16.10 -7.65
C TYR D 37 -55.19 -15.01 -8.72
N PRO D 38 -56.26 -14.92 -9.54
CA PRO D 38 -56.35 -13.93 -10.62
C PRO D 38 -56.84 -12.53 -10.19
N GLY D 39 -56.86 -12.25 -8.89
CA GLY D 39 -57.35 -10.98 -8.34
C GLY D 39 -58.87 -11.02 -8.16
N PRO D 40 -59.42 -9.99 -7.49
CA PRO D 40 -60.85 -9.95 -7.21
C PRO D 40 -61.67 -9.74 -8.49
N THR D 41 -62.94 -10.14 -8.42
CA THR D 41 -63.98 -9.92 -9.46
C THR D 41 -65.28 -9.47 -8.79
N LYS D 42 -66.24 -9.07 -9.62
CA LYS D 42 -67.59 -8.68 -9.14
C LYS D 42 -68.22 -9.86 -8.39
N ASP D 43 -67.95 -11.10 -8.79
CA ASP D 43 -68.54 -12.30 -8.15
C ASP D 43 -67.79 -12.64 -6.87
N ASP D 44 -66.52 -12.25 -6.75
CA ASP D 44 -65.64 -12.61 -5.61
CA ASP D 44 -65.59 -12.62 -5.65
C ASP D 44 -64.84 -11.36 -5.23
N PRO D 45 -65.52 -10.34 -4.66
CA PRO D 45 -64.89 -9.06 -4.34
C PRO D 45 -64.11 -9.13 -3.03
N LEU D 46 -63.21 -8.17 -2.78
CA LEU D 46 -62.50 -8.13 -1.47
CA LEU D 46 -62.28 -8.06 -1.61
C LEU D 46 -62.46 -6.71 -0.93
N THR D 47 -62.25 -6.66 0.36
CA THR D 47 -62.11 -5.42 1.16
C THR D 47 -60.65 -5.33 1.58
N VAL D 48 -60.01 -4.21 1.29
CA VAL D 48 -58.65 -3.92 1.78
C VAL D 48 -58.77 -2.89 2.88
N THR D 49 -58.28 -3.20 4.06
CA THR D 49 -58.17 -2.22 5.15
C THR D 49 -56.82 -1.50 5.00
N LEU D 50 -56.81 -0.17 5.10
CA LEU D 50 -55.60 0.67 5.00
C LEU D 50 -55.46 1.50 6.26
N GLY D 51 -54.23 1.73 6.65
CA GLY D 51 -53.89 2.72 7.69
C GLY D 51 -52.49 3.23 7.42
N PHE D 52 -52.21 4.44 7.81
CA PHE D 52 -50.88 5.06 7.60
C PHE D 52 -50.22 5.27 8.93
N THR D 53 -48.91 5.04 8.98
CA THR D 53 -48.02 5.48 10.09
C THR D 53 -47.07 6.52 9.48
N LEU D 54 -47.23 7.81 9.80
CA LEU D 54 -46.39 8.86 9.16
C LEU D 54 -45.11 8.99 9.98
N GLN D 55 -43.96 8.82 9.33
CA GLN D 55 -42.64 8.86 10.01
C GLN D 55 -42.00 10.25 9.83
N ASP D 56 -42.15 10.90 8.68
CA ASP D 56 -41.44 12.20 8.47
C ASP D 56 -42.02 12.92 7.26
N ILE D 57 -42.19 14.24 7.36
CA ILE D 57 -42.23 15.10 6.18
C ILE D 57 -40.75 15.52 5.98
N VAL D 58 -40.11 14.97 4.96
CA VAL D 58 -38.63 15.08 4.81
CA VAL D 58 -38.62 15.07 4.83
C VAL D 58 -38.30 16.38 4.08
N LYS D 59 -39.07 16.72 3.05
CA LYS D 59 -38.66 17.81 2.13
C LYS D 59 -39.92 18.51 1.62
N VAL D 60 -39.80 19.80 1.41
CA VAL D 60 -40.76 20.68 0.71
CA VAL D 60 -40.79 20.61 0.64
C VAL D 60 -40.03 21.29 -0.50
N ASP D 61 -40.63 21.36 -1.68
CA ASP D 61 -40.05 22.10 -2.81
C ASP D 61 -41.04 23.18 -3.24
N SER D 62 -40.79 24.46 -2.86
CA SER D 62 -41.67 25.60 -3.25
C SER D 62 -41.49 25.97 -4.72
N SER D 63 -40.45 25.48 -5.41
CA SER D 63 -40.25 25.75 -6.85
CA SER D 63 -40.26 25.78 -6.85
C SER D 63 -41.14 24.88 -7.73
N THR D 64 -41.59 23.75 -7.21
CA THR D 64 -42.35 22.73 -7.97
C THR D 64 -43.65 22.37 -7.26
N ASN D 65 -43.91 22.81 -6.01
CA ASN D 65 -45.08 22.40 -5.20
C ASN D 65 -45.15 20.86 -5.18
N GLU D 66 -44.07 20.27 -4.67
CA GLU D 66 -43.89 18.84 -4.35
C GLU D 66 -43.46 18.75 -2.90
N VAL D 67 -44.06 17.83 -2.16
CA VAL D 67 -43.65 17.51 -0.78
C VAL D 67 -43.33 16.02 -0.72
N ASP D 68 -42.41 15.64 0.15
CA ASP D 68 -41.87 14.24 0.27
C ASP D 68 -42.17 13.70 1.66
N LEU D 69 -42.97 12.63 1.71
CA LEU D 69 -43.35 11.96 2.96
C LEU D 69 -42.59 10.62 3.06
N VAL D 70 -42.28 10.20 4.28
CA VAL D 70 -41.84 8.83 4.58
C VAL D 70 -42.92 8.25 5.51
N TYR D 71 -43.47 7.11 5.16
CA TYR D 71 -44.55 6.48 5.96
C TYR D 71 -44.49 4.98 5.73
N TYR D 72 -45.23 4.23 6.55
CA TYR D 72 -45.57 2.84 6.19
C TYR D 72 -47.08 2.67 6.24
N GLU D 73 -47.56 1.93 5.25
CA GLU D 73 -48.96 1.70 4.93
C GLU D 73 -49.32 0.27 5.35
N GLN D 74 -50.15 0.11 6.37
CA GLN D 74 -50.69 -1.22 6.76
C GLN D 74 -51.82 -1.58 5.78
N GLN D 75 -51.68 -2.69 5.07
CA GLN D 75 -52.72 -3.26 4.18
C GLN D 75 -53.16 -4.61 4.74
N ARG D 76 -54.46 -4.87 4.75
CA ARG D 76 -54.99 -6.16 5.23
C ARG D 76 -56.11 -6.58 4.29
N TRP D 77 -56.13 -7.85 3.92
CA TRP D 77 -57.23 -8.48 3.16
C TRP D 77 -57.31 -9.97 3.49
N LYS D 78 -58.28 -10.68 2.89
CA LYS D 78 -58.52 -12.10 3.25
C LYS D 78 -58.93 -12.85 2.00
N LEU D 79 -58.26 -13.97 1.73
CA LEU D 79 -58.56 -14.84 0.57
C LEU D 79 -58.88 -16.24 1.08
N ASN D 80 -60.01 -16.84 0.64
CA ASN D 80 -60.34 -18.24 1.03
C ASN D 80 -59.25 -19.19 0.52
N SER D 81 -58.61 -18.85 -0.58
CA SER D 81 -57.54 -19.65 -1.20
C SER D 81 -56.25 -19.70 -0.36
N LEU D 82 -56.07 -18.87 0.68
CA LEU D 82 -54.87 -18.95 1.55
C LEU D 82 -55.22 -19.58 2.89
N MET D 83 -56.38 -20.22 3.03
CA MET D 83 -56.77 -20.86 4.32
C MET D 83 -56.08 -22.22 4.43
N TRP D 84 -55.75 -22.59 5.66
CA TRP D 84 -55.35 -23.98 6.01
C TRP D 84 -55.84 -24.31 7.40
N ASP D 85 -55.79 -25.60 7.70
CA ASP D 85 -56.08 -26.12 9.05
C ASP D 85 -54.77 -26.25 9.80
N PRO D 86 -54.52 -25.46 10.86
CA PRO D 86 -53.25 -25.58 11.60
C PRO D 86 -52.91 -27.01 12.06
N ASN D 87 -53.93 -27.85 12.29
CA ASN D 87 -53.78 -29.23 12.80
C ASN D 87 -53.02 -30.10 11.78
N GLU D 88 -53.21 -29.84 10.48
CA GLU D 88 -52.56 -30.58 9.40
C GLU D 88 -51.13 -30.08 9.15
N TYR D 89 -50.63 -29.05 9.86
CA TYR D 89 -49.30 -28.43 9.58
C TYR D 89 -48.64 -28.01 10.89
N GLY D 90 -48.62 -28.92 11.86
CA GLY D 90 -47.83 -28.73 13.09
C GLY D 90 -48.29 -27.56 13.93
N ASN D 91 -49.59 -27.23 13.89
CA ASN D 91 -50.23 -26.11 14.62
C ASN D 91 -49.70 -24.76 14.13
N ILE D 92 -49.13 -24.66 12.94
CA ILE D 92 -48.68 -23.32 12.41
C ILE D 92 -49.95 -22.48 12.18
N THR D 93 -50.05 -21.29 12.75
CA THR D 93 -51.24 -20.40 12.57
C THR D 93 -50.96 -19.22 11.62
N ASP D 94 -49.70 -18.92 11.34
CA ASP D 94 -49.32 -17.85 10.38
C ASP D 94 -47.89 -18.07 9.89
N PHE D 95 -47.51 -17.38 8.83
CA PHE D 95 -46.13 -17.42 8.33
C PHE D 95 -45.77 -16.16 7.54
N ARG D 96 -44.48 -15.84 7.55
CA ARG D 96 -43.89 -14.79 6.70
C ARG D 96 -43.64 -15.35 5.32
N THR D 97 -43.94 -14.59 4.29
CA THR D 97 -43.64 -15.01 2.90
C THR D 97 -43.31 -13.80 2.04
N SER D 98 -42.52 -14.02 1.00
CA SER D 98 -42.23 -13.04 -0.07
C SER D 98 -43.57 -12.54 -0.64
N ALA D 99 -43.75 -11.23 -0.72
CA ALA D 99 -44.95 -10.64 -1.37
C ALA D 99 -45.03 -11.10 -2.81
N ALA D 100 -43.97 -11.58 -3.45
CA ALA D 100 -44.03 -12.12 -4.84
C ALA D 100 -44.78 -13.46 -4.85
N ASP D 101 -44.94 -14.14 -3.71
CA ASP D 101 -45.62 -15.47 -3.68
C ASP D 101 -47.13 -15.29 -3.74
N ILE D 102 -47.67 -14.07 -3.48
CA ILE D 102 -49.14 -13.92 -3.29
C ILE D 102 -49.60 -12.73 -4.13
N TRP D 103 -50.88 -12.65 -4.30
CA TRP D 103 -51.52 -11.46 -4.92
C TRP D 103 -51.40 -10.33 -3.89
N THR D 104 -51.08 -9.12 -4.33
CA THR D 104 -51.11 -7.92 -3.46
C THR D 104 -51.94 -6.85 -4.17
N PRO D 105 -52.68 -6.00 -3.43
CA PRO D 105 -53.53 -4.99 -4.06
C PRO D 105 -52.73 -3.82 -4.67
N ASP D 106 -53.26 -3.25 -5.77
CA ASP D 106 -52.59 -2.20 -6.56
C ASP D 106 -52.93 -0.81 -5.99
N ILE D 107 -52.70 -0.64 -4.69
CA ILE D 107 -52.97 0.64 -3.97
C ILE D 107 -51.96 1.67 -4.47
N THR D 108 -52.45 2.78 -5.04
CA THR D 108 -51.68 3.79 -5.79
C THR D 108 -51.97 5.18 -5.18
N ALA D 109 -50.96 6.01 -4.98
CA ALA D 109 -51.15 7.45 -4.71
C ALA D 109 -51.64 8.11 -5.99
N TYR D 110 -52.73 8.87 -5.98
CA TYR D 110 -53.33 9.47 -7.19
CA TYR D 110 -53.32 9.46 -7.21
C TYR D 110 -52.56 10.72 -7.65
N SER D 111 -51.81 11.38 -6.79
CA SER D 111 -51.13 12.63 -7.16
C SER D 111 -49.63 12.56 -6.86
N SER D 112 -49.02 11.37 -6.97
CA SER D 112 -47.55 11.25 -6.91
C SER D 112 -46.93 11.99 -8.09
N THR D 113 -45.70 12.49 -7.93
CA THR D 113 -44.94 13.12 -9.04
C THR D 113 -43.68 12.34 -9.39
N ARG D 114 -43.40 11.27 -8.67
CA ARG D 114 -42.20 10.38 -8.82
CA ARG D 114 -42.27 10.36 -9.00
C ARG D 114 -42.67 8.97 -8.52
N PRO D 115 -42.05 7.90 -9.09
CA PRO D 115 -42.32 6.55 -8.60
C PRO D 115 -42.01 6.51 -7.10
N VAL D 116 -42.86 5.82 -6.36
CA VAL D 116 -42.64 5.63 -4.90
CA VAL D 116 -42.64 5.62 -4.90
C VAL D 116 -41.34 4.82 -4.71
N GLN D 117 -40.59 5.15 -3.68
CA GLN D 117 -39.35 4.41 -3.32
C GLN D 117 -39.70 3.48 -2.17
N VAL D 118 -39.39 2.19 -2.33
CA VAL D 118 -39.69 1.17 -1.30
C VAL D 118 -38.55 1.12 -0.28
N LEU D 119 -38.86 1.21 1.00
CA LEU D 119 -37.85 1.30 2.08
C LEU D 119 -37.81 0.04 2.94
N SER D 120 -38.72 -0.92 2.74
CA SER D 120 -38.87 -2.12 3.60
C SER D 120 -38.85 -3.36 2.72
N PRO D 121 -38.42 -4.49 3.29
CA PRO D 121 -38.50 -5.77 2.57
C PRO D 121 -39.93 -6.14 2.15
N GLN D 122 -40.04 -6.69 0.95
CA GLN D 122 -41.29 -7.12 0.28
CA GLN D 122 -41.38 -7.02 0.37
C GLN D 122 -41.75 -8.45 0.90
N ILE D 123 -42.16 -8.46 2.16
CA ILE D 123 -42.54 -9.69 2.91
C ILE D 123 -43.85 -9.39 3.61
N ALA D 124 -44.80 -10.32 3.52
CA ALA D 124 -46.13 -10.25 4.14
C ALA D 124 -46.28 -11.37 5.16
N VAL D 125 -47.33 -11.29 5.98
CA VAL D 125 -47.69 -12.37 6.94
C VAL D 125 -49.05 -12.90 6.55
N VAL D 126 -49.11 -14.19 6.26
CA VAL D 126 -50.36 -14.93 5.97
C VAL D 126 -50.82 -15.65 7.23
N THR D 127 -52.11 -15.57 7.54
CA THR D 127 -52.74 -16.24 8.69
C THR D 127 -53.67 -17.36 8.20
N HIS D 128 -53.89 -18.37 9.06
CA HIS D 128 -54.59 -19.64 8.68
C HIS D 128 -56.03 -19.41 8.25
N ASP D 129 -56.64 -18.30 8.64
CA ASP D 129 -57.99 -17.91 8.14
C ASP D 129 -57.93 -17.35 6.73
N GLY D 130 -56.75 -17.23 6.11
CA GLY D 130 -56.59 -16.66 4.77
C GLY D 130 -56.37 -15.14 4.80
N SER D 131 -56.27 -14.54 5.96
CA SER D 131 -56.03 -13.09 6.07
C SER D 131 -54.52 -12.81 5.82
N VAL D 132 -54.24 -11.70 5.19
CA VAL D 132 -52.87 -11.25 4.83
C VAL D 132 -52.68 -9.87 5.41
N MET D 133 -51.52 -9.61 6.01
CA MET D 133 -51.10 -8.25 6.41
C MET D 133 -49.75 -7.96 5.75
N PHE D 134 -49.64 -6.79 5.15
CA PHE D 134 -48.47 -6.32 4.38
C PHE D 134 -48.25 -4.86 4.74
N ILE D 135 -47.04 -4.47 5.17
CA ILE D 135 -46.81 -3.12 5.75
C ILE D 135 -45.61 -2.46 5.05
N PRO D 136 -45.73 -2.10 3.77
CA PRO D 136 -44.61 -1.51 3.06
C PRO D 136 -44.30 -0.08 3.51
N ALA D 137 -43.02 0.21 3.69
CA ALA D 137 -42.51 1.57 3.97
C ALA D 137 -42.15 2.23 2.65
N GLN D 138 -42.53 3.49 2.48
CA GLN D 138 -42.45 4.21 1.19
C GLN D 138 -41.95 5.64 1.41
N ARG D 139 -41.19 6.14 0.45
CA ARG D 139 -40.98 7.58 0.27
C ARG D 139 -41.77 8.01 -0.96
N LEU D 140 -42.61 9.03 -0.75
CA LEU D 140 -43.55 9.54 -1.78
C LEU D 140 -43.32 11.03 -1.97
N SER D 141 -43.16 11.46 -3.22
CA SER D 141 -43.26 12.87 -3.65
C SER D 141 -44.67 13.07 -4.18
N PHE D 142 -45.40 14.06 -3.67
CA PHE D 142 -46.77 14.33 -4.19
C PHE D 142 -47.03 15.85 -4.33
N MET D 143 -48.11 16.14 -5.03
CA MET D 143 -48.55 17.51 -5.38
C MET D 143 -49.03 18.23 -4.12
N CYS D 144 -48.31 19.27 -3.71
CA CYS D 144 -48.60 19.97 -2.45
C CYS D 144 -47.92 21.34 -2.53
N ASP D 145 -48.68 22.41 -2.31
CA ASP D 145 -48.14 23.78 -2.28
C ASP D 145 -47.81 24.07 -0.83
N PRO D 146 -46.52 24.23 -0.48
CA PRO D 146 -46.10 24.46 0.90
C PRO D 146 -46.10 25.96 1.30
N THR D 147 -46.60 26.85 0.46
CA THR D 147 -46.69 28.31 0.79
C THR D 147 -47.44 28.51 2.10
N GLY D 148 -46.81 29.13 3.10
CA GLY D 148 -47.40 29.31 4.42
C GLY D 148 -46.97 28.30 5.45
N VAL D 149 -46.08 27.37 5.10
CA VAL D 149 -45.60 26.33 6.06
C VAL D 149 -44.83 26.98 7.24
N ASP D 150 -44.18 28.14 6.98
CA ASP D 150 -43.41 28.90 7.99
C ASP D 150 -44.31 29.79 8.85
N SER D 151 -45.57 29.49 9.01
CA SER D 151 -46.54 30.31 9.74
C SER D 151 -47.15 29.49 10.86
N GLU D 152 -47.80 30.16 11.79
CA GLU D 152 -48.43 29.49 12.96
C GLU D 152 -49.53 28.54 12.48
N GLU D 153 -50.28 28.90 11.45
CA GLU D 153 -51.45 28.13 11.00
C GLU D 153 -50.97 27.00 10.04
N GLY D 154 -49.76 27.11 9.47
CA GLY D 154 -49.19 26.08 8.60
C GLY D 154 -49.96 25.90 7.30
N VAL D 155 -49.86 24.70 6.71
CA VAL D 155 -50.45 24.40 5.38
CA VAL D 155 -50.36 24.35 5.35
C VAL D 155 -51.08 23.01 5.48
N THR D 156 -52.08 22.79 4.63
CA THR D 156 -52.79 21.50 4.54
C THR D 156 -52.54 20.95 3.15
N CYS D 157 -52.10 19.68 3.07
CA CYS D 157 -51.99 18.96 1.78
C CYS D 157 -52.72 17.63 1.90
N ALA D 158 -53.09 17.06 0.76
CA ALA D 158 -53.90 15.82 0.73
C ALA D 158 -53.43 14.98 -0.44
N VAL D 159 -53.52 13.68 -0.24
CA VAL D 159 -53.26 12.72 -1.35
C VAL D 159 -54.20 11.52 -1.15
N LYS D 160 -54.82 11.09 -2.25
CA LYS D 160 -55.77 9.95 -2.31
C LYS D 160 -54.98 8.66 -2.64
N PHE D 161 -55.27 7.60 -1.92
CA PHE D 161 -54.73 6.24 -2.19
C PHE D 161 -55.87 5.31 -2.57
N GLY D 162 -55.75 4.56 -3.66
CA GLY D 162 -56.80 3.56 -3.93
C GLY D 162 -56.32 2.64 -5.03
N SER D 163 -57.11 1.63 -5.37
CA SER D 163 -56.81 0.82 -6.56
C SER D 163 -56.75 1.73 -7.78
N TRP D 164 -55.80 1.50 -8.67
CA TRP D 164 -55.71 2.19 -9.95
C TRP D 164 -56.77 1.63 -10.91
N VAL D 165 -57.03 0.32 -10.83
CA VAL D 165 -57.80 -0.36 -11.91
C VAL D 165 -59.11 -1.04 -11.42
N TYR D 166 -59.30 -1.29 -10.13
CA TYR D 166 -60.50 -1.98 -9.61
C TYR D 166 -61.49 -0.96 -9.05
N SER D 167 -62.75 -1.08 -9.48
CA SER D 167 -63.88 -0.30 -8.94
C SER D 167 -64.27 -0.86 -7.57
N GLY D 168 -65.18 -0.16 -6.92
CA GLY D 168 -65.84 -0.50 -5.65
C GLY D 168 -66.57 -1.82 -5.71
N PHE D 169 -66.86 -2.34 -6.90
CA PHE D 169 -67.57 -3.64 -7.05
CA PHE D 169 -67.57 -3.63 -7.08
C PHE D 169 -66.57 -4.80 -6.97
N GLU D 170 -65.27 -4.51 -7.07
CA GLU D 170 -64.20 -5.54 -6.95
C GLU D 170 -63.34 -5.30 -5.71
N ILE D 171 -62.93 -4.06 -5.46
CA ILE D 171 -62.14 -3.75 -4.24
C ILE D 171 -62.85 -2.63 -3.50
N ASP D 172 -63.25 -2.91 -2.28
CA ASP D 172 -63.67 -1.87 -1.31
C ASP D 172 -62.49 -1.58 -0.41
N LEU D 173 -62.42 -0.37 0.11
CA LEU D 173 -61.43 0.03 1.15
C LEU D 173 -62.16 0.41 2.42
N LYS D 174 -61.52 0.15 3.54
CA LYS D 174 -61.94 0.72 4.83
C LYS D 174 -60.70 1.11 5.60
N THR D 175 -60.91 1.90 6.65
CA THR D 175 -59.92 2.20 7.69
C THR D 175 -60.40 1.59 9.00
N ASP D 176 -59.50 1.31 9.93
CA ASP D 176 -59.88 0.94 11.33
C ASP D 176 -60.05 2.21 12.17
N THR D 177 -59.44 3.31 11.76
CA THR D 177 -59.49 4.63 12.47
C THR D 177 -59.30 5.71 11.43
N ASP D 178 -59.91 6.87 11.61
CA ASP D 178 -59.63 8.03 10.73
C ASP D 178 -58.35 8.80 11.18
N GLN D 179 -57.72 8.45 12.29
CA GLN D 179 -56.49 9.14 12.79
C GLN D 179 -55.27 8.41 12.21
N VAL D 180 -54.41 9.14 11.50
CA VAL D 180 -53.08 8.64 11.07
C VAL D 180 -52.30 8.34 12.34
N ASP D 181 -51.55 7.26 12.34
CA ASP D 181 -50.67 6.91 13.48
C ASP D 181 -49.46 7.85 13.44
N LEU D 182 -49.31 8.72 14.45
CA LEU D 182 -48.21 9.66 14.65
C LEU D 182 -47.29 9.21 15.79
N SER D 183 -47.45 7.99 16.30
CA SER D 183 -46.64 7.48 17.45
C SER D 183 -45.17 7.26 17.10
N SER D 184 -44.80 7.20 15.80
CA SER D 184 -43.41 7.07 15.29
C SER D 184 -42.97 8.29 14.47
N TYR D 185 -43.60 9.45 14.62
CA TYR D 185 -43.25 10.65 13.85
C TYR D 185 -41.91 11.15 14.40
N TYR D 186 -40.99 11.45 13.49
CA TYR D 186 -39.63 11.89 13.80
C TYR D 186 -39.67 13.18 14.63
N ALA D 187 -39.21 13.13 15.86
CA ALA D 187 -39.39 14.28 16.80
C ALA D 187 -38.52 15.48 16.39
N SER D 188 -37.46 15.32 15.60
CA SER D 188 -36.59 16.43 15.13
C SER D 188 -36.80 16.71 13.64
N SER D 189 -37.94 16.30 13.08
CA SER D 189 -38.34 16.72 11.71
C SER D 189 -38.22 18.25 11.59
N LYS D 190 -37.95 18.74 10.40
CA LYS D 190 -38.13 20.18 10.09
C LYS D 190 -39.60 20.57 10.23
N TYR D 191 -40.54 19.62 10.11
CA TYR D 191 -41.99 19.94 10.11
C TYR D 191 -42.66 19.26 11.28
N GLU D 192 -43.54 19.99 11.94
CA GLU D 192 -44.40 19.38 12.99
C GLU D 192 -45.80 19.16 12.42
N ILE D 193 -46.49 18.13 12.90
CA ILE D 193 -47.83 17.75 12.38
C ILE D 193 -48.86 18.39 13.30
N LEU D 194 -49.78 19.14 12.73
CA LEU D 194 -50.91 19.75 13.46
C LEU D 194 -52.09 18.80 13.38
N SER D 195 -52.30 18.15 12.24
CA SER D 195 -53.30 17.07 12.20
C SER D 195 -53.01 16.16 11.02
N ALA D 196 -53.46 14.93 11.14
CA ALA D 196 -53.25 13.92 10.10
C ALA D 196 -54.42 12.92 10.13
N THR D 197 -55.22 12.90 9.08
CA THR D 197 -56.44 12.06 9.02
C THR D 197 -56.43 11.21 7.75
N GLN D 198 -57.17 10.12 7.80
CA GLN D 198 -57.26 9.13 6.70
C GLN D 198 -58.75 8.79 6.52
N THR D 199 -59.35 9.12 5.38
CA THR D 199 -60.83 9.13 5.27
C THR D 199 -61.23 8.45 3.99
N ARG D 200 -62.11 7.44 4.04
CA ARG D 200 -62.63 6.75 2.83
C ARG D 200 -63.44 7.73 2.00
N GLN D 201 -63.37 7.66 0.67
CA GLN D 201 -64.15 8.53 -0.25
C GLN D 201 -64.56 7.66 -1.42
N VAL D 202 -65.54 8.12 -2.19
CA VAL D 202 -66.03 7.41 -3.38
C VAL D 202 -66.04 8.43 -4.50
N GLN D 203 -65.61 8.05 -5.70
CA GLN D 203 -65.86 8.97 -6.83
C GLN D 203 -65.94 8.22 -8.13
N HIS D 204 -66.35 8.96 -9.14
CA HIS D 204 -66.40 8.42 -10.54
C HIS D 204 -65.28 9.08 -11.34
N TYR D 205 -64.87 8.44 -12.42
CA TYR D 205 -63.80 8.88 -13.33
C TYR D 205 -64.41 8.87 -14.71
N SER D 206 -63.94 9.74 -15.60
CA SER D 206 -64.47 9.86 -16.99
C SER D 206 -64.39 8.55 -17.74
N CYS D 207 -63.35 7.75 -17.54
CA CYS D 207 -63.13 6.54 -18.36
C CYS D 207 -64.22 5.47 -18.17
N CYS D 208 -64.91 5.41 -17.01
CA CYS D 208 -65.48 4.16 -16.48
C CYS D 208 -66.80 4.43 -15.78
N PRO D 209 -67.76 3.49 -15.90
CA PRO D 209 -69.09 3.67 -15.27
C PRO D 209 -69.25 3.49 -13.75
N GLU D 210 -68.35 2.78 -13.08
CA GLU D 210 -68.60 2.36 -11.67
C GLU D 210 -67.89 3.29 -10.70
N PRO D 211 -68.29 3.30 -9.42
CA PRO D 211 -67.61 4.10 -8.39
C PRO D 211 -66.28 3.45 -7.98
N TYR D 212 -65.28 4.27 -7.63
CA TYR D 212 -63.91 3.86 -7.24
C TYR D 212 -63.73 4.37 -5.84
N ILE D 213 -63.08 3.57 -5.02
CA ILE D 213 -62.86 3.94 -3.60
C ILE D 213 -61.42 4.44 -3.40
N ASP D 214 -61.26 5.42 -2.51
CA ASP D 214 -59.91 5.86 -2.11
C ASP D 214 -59.94 6.13 -0.63
N VAL D 215 -58.75 6.22 -0.08
CA VAL D 215 -58.50 6.76 1.27
C VAL D 215 -57.69 8.03 1.10
N ASN D 216 -58.24 9.13 1.63
CA ASN D 216 -57.70 10.48 1.49
C ASN D 216 -56.84 10.77 2.70
N LEU D 217 -55.54 10.96 2.47
CA LEU D 217 -54.57 11.26 3.56
C LEU D 217 -54.48 12.78 3.59
N VAL D 218 -54.86 13.40 4.71
CA VAL D 218 -54.91 14.89 4.80
C VAL D 218 -53.99 15.28 5.93
N VAL D 219 -52.95 16.05 5.63
CA VAL D 219 -51.90 16.40 6.63
CA VAL D 219 -51.92 16.41 6.64
C VAL D 219 -51.83 17.92 6.72
N LYS D 220 -51.90 18.41 7.93
CA LYS D 220 -51.73 19.85 8.22
C LYS D 220 -50.46 19.92 9.00
N PHE D 221 -49.53 20.74 8.53
CA PHE D 221 -48.18 20.79 9.13
C PHE D 221 -47.61 22.21 9.05
N ARG D 222 -46.57 22.42 9.84
CA ARG D 222 -45.82 23.71 9.81
C ARG D 222 -44.37 23.48 10.17
N GLU D 223 -43.54 24.48 9.91
CA GLU D 223 -42.12 24.44 10.34
C GLU D 223 -42.07 24.37 11.87
N ARG D 224 -41.25 23.46 12.41
CA ARG D 224 -40.89 23.31 13.85
C ARG D 224 -39.93 24.44 14.24
N GLN E 20 -50.84 -12.59 -36.22
CA GLN E 20 -51.37 -13.47 -37.27
C GLN E 20 -50.39 -14.59 -37.61
N ALA E 21 -50.99 -15.58 -38.25
CA ALA E 21 -50.53 -16.97 -38.13
C ALA E 21 -49.17 -17.11 -38.83
N ASN E 22 -49.03 -16.50 -40.01
CA ASN E 22 -47.80 -16.59 -40.82
C ASN E 22 -46.61 -15.96 -40.05
N LEU E 23 -46.81 -14.80 -39.42
CA LEU E 23 -45.72 -14.14 -38.66
C LEU E 23 -45.38 -14.99 -37.44
N MET E 24 -46.37 -15.58 -36.75
CA MET E 24 -46.09 -16.42 -35.56
C MET E 24 -45.24 -17.63 -35.97
N ARG E 25 -45.51 -18.24 -37.13
CA ARG E 25 -44.73 -19.38 -37.66
C ARG E 25 -43.31 -18.92 -37.98
N LEU E 26 -43.18 -17.76 -38.65
CA LEU E 26 -41.85 -17.24 -39.03
C LEU E 26 -41.01 -17.03 -37.76
N LYS E 27 -41.57 -16.34 -36.77
CA LYS E 27 -40.78 -16.06 -35.54
C LYS E 27 -40.41 -17.38 -34.84
N SER E 28 -41.33 -18.33 -34.73
CA SER E 28 -41.03 -19.66 -34.13
C SER E 28 -39.88 -20.34 -34.86
N ASP E 29 -39.90 -20.35 -36.19
CA ASP E 29 -38.88 -21.01 -37.02
C ASP E 29 -37.53 -20.31 -36.85
N LEU E 30 -37.51 -18.97 -36.81
CA LEU E 30 -36.24 -18.21 -36.73
C LEU E 30 -35.69 -18.31 -35.31
N PHE E 31 -36.51 -18.24 -34.27
CA PHE E 31 -35.99 -18.02 -32.90
C PHE E 31 -36.06 -19.27 -32.01
N ASN E 32 -37.03 -20.18 -32.17
CA ASN E 32 -37.17 -21.35 -31.25
C ASN E 32 -36.38 -22.57 -31.76
N ARG E 33 -35.83 -22.56 -32.99
CA ARG E 33 -35.09 -23.73 -33.56
C ARG E 33 -33.59 -23.64 -33.27
N SER E 34 -32.90 -22.64 -33.86
CA SER E 34 -31.41 -22.54 -33.82
C SER E 34 -30.99 -22.03 -32.45
N PRO E 35 -29.71 -22.22 -32.00
CA PRO E 35 -29.17 -21.38 -30.92
C PRO E 35 -29.07 -19.95 -31.46
N MET E 36 -28.95 -18.95 -30.59
CA MET E 36 -28.77 -17.55 -31.06
C MET E 36 -27.39 -17.47 -31.77
N TYR E 37 -27.33 -16.61 -32.78
CA TYR E 37 -26.07 -16.17 -33.43
C TYR E 37 -25.08 -15.86 -32.30
N PRO E 38 -23.86 -16.46 -32.28
CA PRO E 38 -22.86 -16.18 -31.23
C PRO E 38 -22.01 -14.92 -31.48
N GLY E 39 -22.43 -14.09 -32.43
CA GLY E 39 -21.73 -12.86 -32.79
C GLY E 39 -20.73 -13.12 -33.91
N PRO E 40 -20.14 -12.04 -34.44
CA PRO E 40 -19.19 -12.16 -35.52
C PRO E 40 -17.86 -12.80 -35.08
N THR E 41 -17.15 -13.27 -36.10
CA THR E 41 -15.81 -13.89 -35.92
C THR E 41 -14.89 -13.41 -37.04
N LYS E 42 -13.59 -13.69 -36.89
CA LYS E 42 -12.56 -13.47 -37.95
C LYS E 42 -12.99 -14.16 -39.26
N ASP E 43 -13.58 -15.34 -39.20
CA ASP E 43 -13.97 -16.13 -40.39
C ASP E 43 -15.28 -15.59 -40.98
N ASP E 44 -16.14 -14.96 -40.16
CA ASP E 44 -17.48 -14.46 -40.57
CA ASP E 44 -17.52 -14.49 -40.49
C ASP E 44 -17.68 -13.08 -39.95
N PRO E 45 -16.93 -12.06 -40.45
CA PRO E 45 -17.03 -10.70 -39.94
C PRO E 45 -18.28 -10.01 -40.48
N LEU E 46 -18.56 -8.88 -39.86
CA LEU E 46 -19.82 -8.10 -40.02
CA LEU E 46 -19.81 -8.12 -40.02
C LEU E 46 -19.44 -6.65 -40.22
N THR E 47 -20.15 -5.94 -41.10
CA THR E 47 -20.07 -4.48 -41.21
C THR E 47 -21.37 -3.89 -40.65
N VAL E 48 -21.30 -3.01 -39.65
CA VAL E 48 -22.47 -2.26 -39.09
C VAL E 48 -22.43 -0.87 -39.72
N THR E 49 -23.52 -0.43 -40.31
CA THR E 49 -23.74 0.95 -40.78
C THR E 49 -24.32 1.78 -39.62
N LEU E 50 -23.72 2.92 -39.33
CA LEU E 50 -24.13 3.84 -38.22
C LEU E 50 -24.46 5.21 -38.81
N GLY E 51 -25.50 5.84 -38.28
CA GLY E 51 -25.84 7.25 -38.58
C GLY E 51 -26.53 7.88 -37.38
N PHE E 52 -26.30 9.18 -37.15
CA PHE E 52 -26.90 9.90 -36.02
C PHE E 52 -27.93 10.92 -36.53
N THR E 53 -29.04 10.99 -35.83
CA THR E 53 -30.03 12.11 -35.90
C THR E 53 -29.92 12.85 -34.57
N LEU E 54 -29.33 14.03 -34.58
CA LEU E 54 -29.16 14.83 -33.36
C LEU E 54 -30.44 15.64 -33.12
N GLN E 55 -31.10 15.41 -31.96
CA GLN E 55 -32.34 16.11 -31.57
C GLN E 55 -32.01 17.30 -30.68
N ASP E 56 -31.03 17.22 -29.78
CA ASP E 56 -30.83 18.37 -28.85
C ASP E 56 -29.51 18.27 -28.12
N ILE E 57 -28.84 19.40 -27.94
CA ILE E 57 -27.79 19.57 -26.91
C ILE E 57 -28.56 20.14 -25.73
N VAL E 58 -28.83 19.30 -24.75
CA VAL E 58 -29.81 19.54 -23.66
CA VAL E 58 -29.84 19.61 -23.71
C VAL E 58 -29.14 20.34 -22.56
N LYS E 59 -27.89 20.03 -22.28
CA LYS E 59 -27.23 20.56 -21.06
C LYS E 59 -25.73 20.64 -21.28
N VAL E 60 -25.13 21.69 -20.75
CA VAL E 60 -23.66 21.86 -20.65
CA VAL E 60 -23.63 21.78 -20.63
C VAL E 60 -23.32 22.02 -19.16
N ASP E 61 -22.30 21.34 -18.69
CA ASP E 61 -21.84 21.49 -17.30
C ASP E 61 -20.40 22.03 -17.38
N SER E 62 -20.21 23.33 -17.19
CA SER E 62 -18.84 23.94 -17.22
C SER E 62 -18.07 23.60 -15.93
N SER E 63 -18.69 23.11 -14.88
CA SER E 63 -17.95 22.72 -13.64
CA SER E 63 -17.98 22.70 -13.63
C SER E 63 -17.29 21.34 -13.81
N THR E 64 -17.77 20.50 -14.73
CA THR E 64 -17.26 19.10 -14.91
C THR E 64 -16.81 18.81 -16.34
N ASN E 65 -17.03 19.72 -17.29
CA ASN E 65 -16.76 19.50 -18.72
C ASN E 65 -17.50 18.22 -19.17
N GLU E 66 -18.80 18.20 -18.92
CA GLU E 66 -19.76 17.18 -19.41
C GLU E 66 -20.85 17.88 -20.20
N VAL E 67 -21.16 17.36 -21.39
CA VAL E 67 -22.27 17.89 -22.24
C VAL E 67 -23.23 16.74 -22.50
N ASP E 68 -24.52 17.03 -22.50
CA ASP E 68 -25.62 16.02 -22.66
C ASP E 68 -26.27 16.17 -24.03
N LEU E 69 -26.24 15.09 -24.81
CA LEU E 69 -26.90 15.03 -26.13
C LEU E 69 -28.15 14.12 -26.06
N VAL E 70 -29.17 14.47 -26.84
CA VAL E 70 -30.30 13.57 -27.14
C VAL E 70 -30.26 13.32 -28.63
N TYR E 71 -30.21 12.04 -29.02
CA TYR E 71 -30.15 11.67 -30.44
C TYR E 71 -30.81 10.30 -30.62
N TYR E 72 -31.04 9.93 -31.88
CA TYR E 72 -31.21 8.50 -32.20
C TYR E 72 -30.19 8.03 -33.23
N GLU E 73 -29.72 6.81 -33.01
CA GLU E 73 -28.60 6.17 -33.72
C GLU E 73 -29.14 5.05 -34.59
N GLN E 74 -29.16 5.21 -35.91
CA GLN E 74 -29.57 4.15 -36.84
C GLN E 74 -28.42 3.15 -36.99
N GLN E 75 -28.69 1.89 -36.68
CA GLN E 75 -27.74 0.77 -36.82
C GLN E 75 -28.28 -0.21 -37.87
N ARG E 76 -27.44 -0.67 -38.78
CA ARG E 76 -27.86 -1.69 -39.78
C ARG E 76 -26.74 -2.71 -39.96
N TRP E 77 -27.13 -3.97 -40.01
CA TRP E 77 -26.24 -5.11 -40.30
C TRP E 77 -27.06 -6.20 -41.01
N LYS E 78 -26.42 -7.31 -41.36
CA LYS E 78 -27.09 -8.41 -42.10
C LYS E 78 -26.52 -9.76 -41.68
N LEU E 79 -27.40 -10.71 -41.37
CA LEU E 79 -27.01 -12.09 -40.97
C LEU E 79 -27.66 -13.08 -41.92
N ASN E 80 -26.89 -14.05 -42.43
CA ASN E 80 -27.47 -15.16 -43.26
C ASN E 80 -28.49 -15.93 -42.41
N SER E 81 -28.27 -16.04 -41.11
CA SER E 81 -29.11 -16.79 -40.15
C SER E 81 -30.49 -16.16 -39.97
N LEU E 82 -30.73 -14.91 -40.38
CA LEU E 82 -32.08 -14.27 -40.29
C LEU E 82 -32.77 -14.26 -41.65
N MET E 83 -32.31 -15.04 -42.63
CA MET E 83 -32.96 -15.04 -43.97
C MET E 83 -34.20 -15.95 -43.92
N TRP E 84 -35.22 -15.60 -44.69
CA TRP E 84 -36.32 -16.53 -45.01
C TRP E 84 -36.79 -16.27 -46.43
N ASP E 85 -37.49 -17.26 -46.99
CA ASP E 85 -38.22 -17.16 -48.26
C ASP E 85 -39.61 -16.62 -47.95
N PRO E 86 -39.97 -15.38 -48.35
CA PRO E 86 -41.31 -14.87 -48.08
C PRO E 86 -42.46 -15.77 -48.58
N ASN E 87 -42.25 -16.46 -49.71
CA ASN E 87 -43.23 -17.42 -50.30
C ASN E 87 -43.66 -18.48 -49.27
N GLU E 88 -42.79 -18.91 -48.36
CA GLU E 88 -43.12 -19.96 -47.35
CA GLU E 88 -43.12 -19.95 -47.34
C GLU E 88 -43.86 -19.35 -46.14
N TYR E 89 -43.99 -18.01 -46.06
CA TYR E 89 -44.56 -17.30 -44.87
C TYR E 89 -45.50 -16.18 -45.30
N GLY E 90 -46.45 -16.51 -46.19
CA GLY E 90 -47.51 -15.62 -46.67
C GLY E 90 -47.02 -14.27 -47.16
N ASN E 91 -45.89 -14.21 -47.86
CA ASN E 91 -45.34 -12.99 -48.52
C ASN E 91 -44.87 -11.96 -47.48
N ILE E 92 -44.62 -12.37 -46.24
CA ILE E 92 -44.05 -11.44 -45.23
C ILE E 92 -42.63 -11.13 -45.71
N THR E 93 -42.31 -9.86 -45.92
CA THR E 93 -40.93 -9.43 -46.32
C THR E 93 -40.13 -8.84 -45.13
N ASP E 94 -40.79 -8.41 -44.06
CA ASP E 94 -40.08 -7.90 -42.85
C ASP E 94 -40.95 -8.04 -41.63
N PHE E 95 -40.37 -7.93 -40.44
CA PHE E 95 -41.18 -7.88 -39.20
C PHE E 95 -40.47 -7.07 -38.13
N ARG E 96 -41.29 -6.49 -37.24
CA ARG E 96 -40.83 -5.88 -35.97
C ARG E 96 -40.63 -6.98 -34.94
N THR E 97 -39.56 -6.89 -34.16
CA THR E 97 -39.29 -7.84 -33.08
C THR E 97 -38.55 -7.17 -31.93
N SER E 98 -38.78 -7.68 -30.74
CA SER E 98 -38.00 -7.27 -29.56
C SER E 98 -36.50 -7.41 -29.86
N ALA E 99 -35.69 -6.42 -29.49
CA ALA E 99 -34.22 -6.47 -29.71
C ALA E 99 -33.62 -7.59 -28.83
N ALA E 100 -34.32 -8.09 -27.81
CA ALA E 100 -33.87 -9.23 -26.98
C ALA E 100 -33.91 -10.55 -27.78
N ASP E 101 -34.68 -10.63 -28.85
CA ASP E 101 -34.82 -11.86 -29.67
C ASP E 101 -33.57 -12.10 -30.55
N ILE E 102 -32.72 -11.10 -30.77
CA ILE E 102 -31.69 -11.11 -31.84
C ILE E 102 -30.37 -10.62 -31.23
N TRP E 103 -29.28 -11.05 -31.80
CA TRP E 103 -27.98 -10.38 -31.57
C TRP E 103 -28.09 -8.89 -31.94
N THR E 104 -27.46 -8.03 -31.13
CA THR E 104 -27.30 -6.59 -31.47
C THR E 104 -25.84 -6.21 -31.22
N PRO E 105 -25.24 -5.32 -32.05
CA PRO E 105 -23.84 -4.92 -31.87
C PRO E 105 -23.63 -4.09 -30.59
N ASP E 106 -22.48 -4.26 -29.94
CA ASP E 106 -22.09 -3.61 -28.65
C ASP E 106 -21.55 -2.18 -28.95
N ILE E 107 -22.27 -1.36 -29.72
CA ILE E 107 -21.81 0.00 -30.11
C ILE E 107 -21.83 0.87 -28.83
N THR E 108 -20.68 1.43 -28.48
CA THR E 108 -20.44 2.08 -27.17
C THR E 108 -19.82 3.45 -27.45
N ALA E 109 -20.25 4.46 -26.71
CA ALA E 109 -19.56 5.78 -26.70
C ALA E 109 -18.30 5.62 -25.88
N TYR E 110 -17.14 6.09 -26.38
CA TYR E 110 -15.84 5.81 -25.71
CA TYR E 110 -15.83 5.82 -25.72
C TYR E 110 -15.56 6.80 -24.57
N SER E 111 -16.24 7.93 -24.55
CA SER E 111 -15.97 8.99 -23.55
C SER E 111 -17.25 9.41 -22.83
N SER E 112 -18.20 8.48 -22.68
CA SER E 112 -19.37 8.70 -21.79
C SER E 112 -18.90 8.90 -20.34
N THR E 113 -19.65 9.69 -19.57
CA THR E 113 -19.37 9.85 -18.13
C THR E 113 -20.48 9.23 -17.26
N ARG E 114 -21.52 8.69 -17.87
CA ARG E 114 -22.71 8.17 -17.17
CA ARG E 114 -22.66 8.11 -17.14
C ARG E 114 -23.25 7.07 -18.07
N PRO E 115 -23.98 6.07 -17.53
CA PRO E 115 -24.64 5.12 -18.42
C PRO E 115 -25.63 5.86 -19.33
N VAL E 116 -25.71 5.44 -20.56
CA VAL E 116 -26.67 5.99 -21.54
CA VAL E 116 -26.66 6.03 -21.53
C VAL E 116 -28.10 5.77 -21.02
N GLN E 117 -28.99 6.73 -21.17
CA GLN E 117 -30.43 6.57 -20.85
C GLN E 117 -31.16 6.25 -22.15
N VAL E 118 -31.93 5.18 -22.15
CA VAL E 118 -32.66 4.69 -23.34
C VAL E 118 -33.99 5.43 -23.40
N LEU E 119 -34.30 6.05 -24.54
CA LEU E 119 -35.54 6.86 -24.64
C LEU E 119 -36.55 6.21 -25.58
N SER E 120 -36.26 5.09 -26.19
CA SER E 120 -37.14 4.49 -27.20
C SER E 120 -37.33 3.01 -26.92
N PRO E 121 -38.43 2.40 -27.40
CA PRO E 121 -38.64 0.96 -27.27
C PRO E 121 -37.52 0.17 -27.97
N GLN E 122 -37.11 -0.92 -27.35
CA GLN E 122 -36.02 -1.82 -27.78
CA GLN E 122 -35.97 -1.73 -27.86
C GLN E 122 -36.59 -2.79 -28.81
N ILE E 123 -36.97 -2.29 -29.99
CA ILE E 123 -37.63 -3.07 -31.07
C ILE E 123 -36.86 -2.79 -32.34
N ALA E 124 -36.48 -3.86 -33.08
CA ALA E 124 -35.78 -3.80 -34.36
C ALA E 124 -36.72 -4.29 -35.46
N VAL E 125 -36.32 -4.04 -36.68
CA VAL E 125 -37.01 -4.56 -37.90
C VAL E 125 -36.03 -5.51 -38.60
N VAL E 126 -36.49 -6.75 -38.86
CA VAL E 126 -35.71 -7.77 -39.58
C VAL E 126 -36.35 -7.94 -40.97
N THR E 127 -35.55 -7.93 -42.04
CA THR E 127 -35.97 -8.08 -43.44
C THR E 127 -35.56 -9.48 -43.91
N HIS E 128 -36.27 -10.00 -44.93
CA HIS E 128 -36.14 -11.40 -45.44
C HIS E 128 -34.75 -11.72 -45.98
N ASP E 129 -33.99 -10.73 -46.44
CA ASP E 129 -32.57 -10.93 -46.82
C ASP E 129 -31.64 -11.09 -45.59
N GLY E 130 -32.16 -11.06 -44.37
CA GLY E 130 -31.35 -11.16 -43.13
C GLY E 130 -30.85 -9.81 -42.62
N SER E 131 -31.22 -8.71 -43.26
CA SER E 131 -30.79 -7.35 -42.84
C SER E 131 -31.65 -6.89 -41.65
N VAL E 132 -31.02 -6.17 -40.72
CA VAL E 132 -31.66 -5.71 -39.48
C VAL E 132 -31.44 -4.19 -39.45
N MET E 133 -32.47 -3.45 -39.05
CA MET E 133 -32.31 -2.03 -38.68
C MET E 133 -32.84 -1.82 -37.26
N PHE E 134 -32.06 -1.11 -36.47
CA PHE E 134 -32.38 -0.84 -35.07
C PHE E 134 -32.03 0.63 -34.82
N ILE E 135 -32.93 1.42 -34.20
CA ILE E 135 -32.75 2.89 -34.12
C ILE E 135 -33.01 3.36 -32.71
N PRO E 136 -32.16 3.03 -31.75
CA PRO E 136 -32.35 3.46 -30.37
C PRO E 136 -32.12 4.97 -30.16
N ALA E 137 -33.02 5.58 -29.40
CA ALA E 137 -32.91 6.98 -28.92
C ALA E 137 -32.20 6.93 -27.57
N GLN E 138 -31.26 7.84 -27.36
CA GLN E 138 -30.41 7.87 -26.17
C GLN E 138 -30.22 9.30 -25.70
N ARG E 139 -30.04 9.45 -24.40
CA ARG E 139 -29.42 10.65 -23.82
C ARG E 139 -28.03 10.25 -23.30
N LEU E 140 -26.99 10.92 -23.78
CA LEU E 140 -25.56 10.65 -23.47
C LEU E 140 -24.95 11.87 -22.79
N SER E 141 -24.32 11.66 -21.64
CA SER E 141 -23.34 12.60 -21.05
C SER E 141 -21.98 12.20 -21.54
N PHE E 142 -21.22 13.13 -22.08
CA PHE E 142 -19.84 12.82 -22.50
C PHE E 142 -18.87 13.98 -22.20
N MET E 143 -17.59 13.66 -22.33
CA MET E 143 -16.45 14.57 -22.00
C MET E 143 -16.36 15.66 -23.04
N CYS E 144 -16.61 16.90 -22.63
CA CYS E 144 -16.69 18.05 -23.55
C CYS E 144 -16.48 19.33 -22.72
N ASP E 145 -15.52 20.14 -23.13
CA ASP E 145 -15.23 21.44 -22.48
C ASP E 145 -16.02 22.50 -23.22
N PRO E 146 -17.07 23.07 -22.61
CA PRO E 146 -17.84 24.09 -23.31
C PRO E 146 -17.35 25.55 -23.16
N THR E 147 -16.18 25.76 -22.56
CA THR E 147 -15.47 27.08 -22.51
C THR E 147 -15.55 27.77 -23.89
N GLY E 148 -16.19 28.94 -23.99
CA GLY E 148 -16.32 29.66 -25.29
C GLY E 148 -17.59 29.33 -26.08
N VAL E 149 -18.48 28.50 -25.56
CA VAL E 149 -19.78 28.23 -26.25
C VAL E 149 -20.58 29.55 -26.41
N ASP E 150 -20.36 30.53 -25.52
CA ASP E 150 -21.07 31.85 -25.56
C ASP E 150 -20.41 32.84 -26.53
N SER E 151 -19.54 32.41 -27.44
CA SER E 151 -18.79 33.27 -28.38
C SER E 151 -19.33 32.99 -29.78
N GLU E 152 -19.00 33.84 -30.74
CA GLU E 152 -19.39 33.73 -32.18
C GLU E 152 -18.86 32.42 -32.78
N GLU E 153 -17.65 32.02 -32.42
CA GLU E 153 -16.95 30.84 -33.03
C GLU E 153 -17.41 29.55 -32.33
N GLY E 154 -17.93 29.62 -31.11
CA GLY E 154 -18.50 28.47 -30.36
C GLY E 154 -17.40 27.51 -29.97
N VAL E 155 -17.74 26.24 -29.82
CA VAL E 155 -16.85 25.18 -29.30
CA VAL E 155 -16.80 25.18 -29.34
C VAL E 155 -17.00 23.91 -30.15
N THR E 156 -15.99 23.07 -30.16
CA THR E 156 -16.02 21.78 -30.87
C THR E 156 -15.83 20.71 -29.81
N CYS E 157 -16.67 19.68 -29.87
CA CYS E 157 -16.52 18.49 -29.03
C CYS E 157 -16.76 17.26 -29.91
N ALA E 158 -16.22 16.15 -29.43
CA ALA E 158 -16.17 14.90 -30.20
C ALA E 158 -16.35 13.71 -29.27
N VAL E 159 -17.03 12.70 -29.79
CA VAL E 159 -17.17 11.42 -29.09
C VAL E 159 -17.16 10.29 -30.14
N LYS E 160 -16.38 9.26 -29.85
CA LYS E 160 -16.21 8.06 -30.71
C LYS E 160 -17.23 6.99 -30.30
N PHE E 161 -17.82 6.36 -31.30
CA PHE E 161 -18.78 5.24 -31.11
C PHE E 161 -18.23 4.02 -31.84
N GLY E 162 -18.06 2.94 -31.11
CA GLY E 162 -17.60 1.67 -31.73
C GLY E 162 -17.86 0.48 -30.85
N SER E 163 -17.61 -0.71 -31.39
CA SER E 163 -17.59 -1.93 -30.57
C SER E 163 -16.63 -1.74 -29.42
N TRP E 164 -17.03 -2.18 -28.24
CA TRP E 164 -16.16 -2.17 -27.04
C TRP E 164 -15.15 -3.34 -27.16
N VAL E 165 -15.57 -4.49 -27.68
CA VAL E 165 -14.87 -5.81 -27.49
C VAL E 165 -14.45 -6.44 -28.80
N TYR E 166 -14.97 -6.01 -29.94
CA TYR E 166 -14.62 -6.57 -31.28
C TYR E 166 -13.75 -5.61 -32.06
N SER E 167 -12.64 -6.16 -32.57
CA SER E 167 -11.67 -5.45 -33.41
C SER E 167 -12.27 -5.35 -34.81
N GLY E 168 -11.59 -4.60 -35.65
CA GLY E 168 -11.86 -4.44 -37.09
C GLY E 168 -11.89 -5.76 -37.86
N PHE E 169 -11.26 -6.81 -37.35
CA PHE E 169 -11.31 -8.18 -37.94
C PHE E 169 -12.66 -8.88 -37.63
N GLU E 170 -13.49 -8.42 -36.69
CA GLU E 170 -14.84 -9.01 -36.47
C GLU E 170 -15.95 -8.00 -36.81
N ILE E 171 -15.83 -6.74 -36.37
CA ILE E 171 -16.81 -5.64 -36.69
C ILE E 171 -16.09 -4.51 -37.39
N ASP E 172 -16.46 -4.27 -38.65
CA ASP E 172 -16.13 -3.02 -39.34
C ASP E 172 -17.37 -2.11 -39.27
N LEU E 173 -17.13 -0.82 -39.43
CA LEU E 173 -18.19 0.21 -39.45
C LEU E 173 -18.13 0.97 -40.75
N LYS E 174 -19.27 1.52 -41.11
CA LYS E 174 -19.33 2.55 -42.15
C LYS E 174 -20.46 3.51 -41.83
N THR E 175 -20.43 4.67 -42.49
CA THR E 175 -21.56 5.60 -42.49
C THR E 175 -22.13 5.61 -43.91
N ASP E 176 -23.38 5.99 -44.12
CA ASP E 176 -23.93 6.23 -45.49
C ASP E 176 -23.60 7.66 -45.92
N THR E 177 -23.40 8.57 -44.96
CA THR E 177 -23.05 10.00 -45.19
C THR E 177 -22.20 10.42 -44.00
N ASP E 178 -21.31 11.38 -44.19
CA ASP E 178 -20.52 11.97 -43.09
C ASP E 178 -21.28 13.15 -42.46
N GLN E 179 -22.47 13.51 -42.94
CA GLN E 179 -23.27 14.63 -42.39
CA GLN E 179 -23.29 14.62 -42.40
C GLN E 179 -24.27 14.03 -41.39
N VAL E 180 -24.16 14.42 -40.12
CA VAL E 180 -25.20 14.10 -39.11
C VAL E 180 -26.52 14.69 -39.59
N ASP E 181 -27.62 13.94 -39.39
CA ASP E 181 -28.97 14.39 -39.75
C ASP E 181 -29.41 15.42 -38.70
N LEU E 182 -29.64 16.66 -39.13
CA LEU E 182 -30.06 17.77 -38.26
C LEU E 182 -31.50 18.19 -38.61
N SER E 183 -32.21 17.41 -39.43
CA SER E 183 -33.61 17.74 -39.83
C SER E 183 -34.61 17.62 -38.67
N SER E 184 -34.27 17.05 -37.52
CA SER E 184 -35.13 17.02 -36.31
C SER E 184 -34.45 17.75 -35.14
N TYR E 185 -33.45 18.61 -35.38
CA TYR E 185 -32.80 19.34 -34.26
C TYR E 185 -33.82 20.31 -33.67
N TYR E 186 -33.92 20.33 -32.35
CA TYR E 186 -34.87 21.16 -31.59
C TYR E 186 -34.63 22.67 -31.87
N ALA E 187 -35.62 23.32 -32.47
CA ALA E 187 -35.52 24.71 -32.99
C ALA E 187 -35.34 25.71 -31.84
N SER E 188 -35.77 25.40 -30.62
CA SER E 188 -35.60 26.30 -29.45
C SER E 188 -34.56 25.79 -28.44
N SER E 189 -33.63 24.94 -28.88
CA SER E 189 -32.49 24.52 -28.05
C SER E 189 -31.76 25.80 -27.58
N LYS E 190 -31.15 25.73 -26.43
CA LYS E 190 -30.19 26.77 -25.99
C LYS E 190 -29.00 26.84 -26.95
N TYR E 191 -28.71 25.78 -27.73
CA TYR E 191 -27.47 25.71 -28.52
C TYR E 191 -27.85 25.55 -29.99
N GLU E 192 -27.16 26.28 -30.86
CA GLU E 192 -27.25 26.23 -32.32
C GLU E 192 -26.14 25.29 -32.77
N ILE E 193 -26.39 24.46 -33.76
CA ILE E 193 -25.36 23.57 -34.36
C ILE E 193 -24.71 24.31 -35.53
N LEU E 194 -23.40 24.53 -35.46
CA LEU E 194 -22.61 25.11 -36.57
C LEU E 194 -22.22 24.00 -37.54
N SER E 195 -21.83 22.82 -37.05
CA SER E 195 -21.55 21.67 -37.94
C SER E 195 -21.66 20.38 -37.12
N ALA E 196 -22.02 19.30 -37.78
CA ALA E 196 -22.06 17.98 -37.11
C ALA E 196 -21.73 16.90 -38.14
N THR E 197 -20.65 16.18 -37.89
CA THR E 197 -20.12 15.15 -38.80
C THR E 197 -19.97 13.82 -38.06
N GLN E 198 -19.93 12.77 -38.86
CA GLN E 198 -19.85 11.38 -38.38
C GLN E 198 -18.91 10.64 -39.33
N THR E 199 -17.73 10.27 -38.86
CA THR E 199 -16.61 9.84 -39.76
C THR E 199 -15.98 8.57 -39.23
N ARG E 200 -15.87 7.55 -40.09
CA ARG E 200 -15.14 6.30 -39.78
C ARG E 200 -13.68 6.62 -39.44
N GLN E 201 -13.16 5.99 -38.42
CA GLN E 201 -11.76 6.14 -37.94
CA GLN E 201 -11.79 6.18 -37.88
C GLN E 201 -11.23 4.80 -37.48
N VAL E 202 -9.92 4.67 -37.51
CA VAL E 202 -9.16 3.52 -36.94
C VAL E 202 -8.48 4.01 -35.66
N GLN E 203 -8.50 3.19 -34.61
CA GLN E 203 -7.80 3.48 -33.32
C GLN E 203 -7.07 2.21 -32.87
N HIS E 204 -6.05 2.35 -32.03
CA HIS E 204 -5.33 1.23 -31.36
C HIS E 204 -5.39 1.51 -29.86
N TYR E 205 -5.34 0.47 -29.07
CA TYR E 205 -5.46 0.49 -27.59
C TYR E 205 -4.29 -0.30 -27.03
N SER E 206 -3.86 0.07 -25.83
CA SER E 206 -2.76 -0.55 -25.07
C SER E 206 -2.92 -2.08 -24.99
N CYS E 207 -4.13 -2.59 -24.75
CA CYS E 207 -4.38 -4.02 -24.40
C CYS E 207 -4.00 -4.94 -25.58
N CYS E 208 -4.05 -4.48 -26.83
CA CYS E 208 -4.42 -5.30 -28.02
C CYS E 208 -3.66 -4.74 -29.25
N PRO E 209 -2.98 -5.52 -30.13
CA PRO E 209 -2.38 -4.96 -31.35
C PRO E 209 -3.37 -4.63 -32.49
N GLU E 210 -4.58 -5.23 -32.48
CA GLU E 210 -5.49 -5.17 -33.67
C GLU E 210 -6.10 -3.76 -33.76
N PRO E 211 -6.42 -3.32 -34.99
CA PRO E 211 -7.18 -2.08 -35.19
C PRO E 211 -8.65 -2.20 -34.72
N TYR E 212 -9.17 -1.16 -34.06
CA TYR E 212 -10.58 -1.04 -33.63
C TYR E 212 -11.18 0.10 -34.43
N ILE E 213 -12.42 -0.08 -34.88
CA ILE E 213 -13.08 0.90 -35.77
C ILE E 213 -14.08 1.71 -34.93
N ASP E 214 -14.15 3.00 -35.17
CA ASP E 214 -15.18 3.86 -34.54
C ASP E 214 -15.72 4.80 -35.58
N VAL E 215 -16.86 5.40 -35.24
CA VAL E 215 -17.46 6.56 -35.95
C VAL E 215 -17.31 7.73 -34.98
N ASN E 216 -16.52 8.71 -35.40
CA ASN E 216 -16.24 9.92 -34.60
C ASN E 216 -17.35 10.93 -34.88
N LEU E 217 -18.16 11.26 -33.86
CA LEU E 217 -19.24 12.29 -33.93
C LEU E 217 -18.61 13.61 -33.50
N VAL E 218 -18.46 14.54 -34.42
CA VAL E 218 -17.81 15.85 -34.13
C VAL E 218 -18.86 16.95 -34.24
N VAL E 219 -19.10 17.69 -33.16
CA VAL E 219 -20.19 18.70 -33.11
CA VAL E 219 -20.19 18.71 -33.13
C VAL E 219 -19.59 20.06 -32.74
N LYS E 220 -19.82 21.05 -33.60
CA LYS E 220 -19.45 22.45 -33.32
C LYS E 220 -20.75 23.18 -33.03
N PHE E 221 -20.83 23.87 -31.91
CA PHE E 221 -22.07 24.50 -31.46
C PHE E 221 -21.74 25.78 -30.66
N ARG E 222 -22.76 26.61 -30.53
CA ARG E 222 -22.68 27.87 -29.75
C ARG E 222 -24.04 28.18 -29.16
N GLU E 223 -24.07 29.02 -28.13
CA GLU E 223 -25.35 29.54 -27.59
C GLU E 223 -26.11 30.24 -28.72
N ARG E 224 -27.39 29.91 -28.83
CA ARG E 224 -28.40 30.54 -29.71
C ARG E 224 -28.73 31.93 -29.12
N GLN F 20 8.80 -9.32 31.89
CA GLN F 20 8.16 -9.99 33.05
C GLN F 20 8.49 -11.48 33.10
N ALA F 21 8.00 -12.10 34.18
CA ALA F 21 8.55 -13.33 34.77
C ALA F 21 8.41 -14.47 33.77
N ASN F 22 7.23 -14.58 33.14
CA ASN F 22 6.94 -15.78 32.31
C ASN F 22 7.89 -15.74 31.11
N LEU F 23 8.09 -14.56 30.52
CA LEU F 23 8.97 -14.41 29.35
C LEU F 23 10.43 -14.70 29.73
N MET F 24 10.92 -14.19 30.86
CA MET F 24 12.32 -14.46 31.33
C MET F 24 12.49 -15.96 31.50
N ARG F 25 11.45 -16.64 31.98
CA ARG F 25 11.50 -18.10 32.21
C ARG F 25 11.59 -18.82 30.86
N LEU F 26 10.78 -18.41 29.90
CA LEU F 26 10.77 -19.02 28.55
C LEU F 26 12.13 -18.86 27.87
N LYS F 27 12.68 -17.66 27.90
CA LYS F 27 13.97 -17.36 27.20
C LYS F 27 15.10 -18.20 27.84
N SER F 28 15.12 -18.24 29.17
CA SER F 28 16.08 -19.07 29.94
C SER F 28 15.97 -20.55 29.53
N ASP F 29 14.76 -21.14 29.49
CA ASP F 29 14.52 -22.54 29.07
C ASP F 29 14.91 -22.77 27.61
N LEU F 30 14.58 -21.82 26.70
CA LEU F 30 14.95 -22.03 25.28
C LEU F 30 16.44 -21.88 25.03
N PHE F 31 17.08 -20.91 25.65
CA PHE F 31 18.45 -20.46 25.26
C PHE F 31 19.55 -20.94 26.23
N ASN F 32 19.30 -21.08 27.54
CA ASN F 32 20.37 -21.38 28.54
C ASN F 32 20.54 -22.88 28.83
N ARG F 33 19.82 -23.81 28.17
CA ARG F 33 19.79 -25.25 28.59
C ARG F 33 20.51 -26.17 27.59
N SER F 34 20.23 -26.05 26.29
CA SER F 34 20.81 -26.89 25.22
C SER F 34 21.92 -26.13 24.50
N PRO F 35 22.80 -26.81 23.73
CA PRO F 35 23.71 -26.09 22.82
C PRO F 35 22.91 -25.33 21.76
N MET F 36 23.59 -24.41 21.09
CA MET F 36 23.01 -23.63 19.97
C MET F 36 22.63 -24.65 18.88
N TYR F 37 21.54 -24.39 18.18
CA TYR F 37 21.17 -25.13 16.96
C TYR F 37 22.36 -25.03 16.01
N PRO F 38 22.92 -26.16 15.49
CA PRO F 38 24.12 -26.12 14.66
C PRO F 38 23.84 -25.91 13.16
N GLY F 39 22.63 -25.42 12.85
CA GLY F 39 22.20 -25.22 11.47
C GLY F 39 21.64 -26.49 10.86
N PRO F 40 21.06 -26.36 9.65
CA PRO F 40 20.46 -27.49 8.96
C PRO F 40 21.46 -28.52 8.43
N THR F 41 20.96 -29.72 8.14
CA THR F 41 21.74 -30.86 7.60
C THR F 41 20.92 -31.55 6.52
N LYS F 42 21.55 -32.49 5.80
CA LYS F 42 20.90 -33.36 4.81
C LYS F 42 19.77 -34.16 5.49
N ASP F 43 19.93 -34.57 6.73
CA ASP F 43 18.94 -35.38 7.48
C ASP F 43 17.85 -34.49 8.07
N ASP F 44 18.12 -33.20 8.38
CA ASP F 44 17.15 -32.24 8.98
C ASP F 44 17.22 -30.92 8.20
N PRO F 45 16.76 -30.93 6.93
CA PRO F 45 16.85 -29.74 6.09
C PRO F 45 15.78 -28.71 6.48
N LEU F 46 15.94 -27.51 5.96
CA LEU F 46 15.11 -26.32 6.30
CA LEU F 46 15.10 -26.35 6.32
C LEU F 46 14.66 -25.68 5.00
N THR F 47 13.48 -25.09 4.99
CA THR F 47 13.00 -24.19 3.91
C THR F 47 12.92 -22.81 4.51
N VAL F 48 13.56 -21.82 3.87
CA VAL F 48 13.46 -20.40 4.26
C VAL F 48 12.52 -19.73 3.28
N THR F 49 11.48 -19.08 3.79
CA THR F 49 10.58 -18.23 2.98
C THR F 49 11.23 -16.83 2.90
N LEU F 50 11.40 -16.30 1.66
CA LEU F 50 11.95 -14.94 1.46
C LEU F 50 10.91 -14.04 0.76
N GLY F 51 10.89 -12.76 1.11
CA GLY F 51 10.17 -11.71 0.36
C GLY F 51 10.86 -10.37 0.51
N PHE F 52 10.85 -9.55 -0.54
CA PHE F 52 11.49 -8.21 -0.48
C PHE F 52 10.41 -7.13 -0.46
N THR F 53 10.67 -6.11 0.33
CA THR F 53 9.93 -4.82 0.29
C THR F 53 10.92 -3.78 -0.21
N LEU F 54 10.79 -3.35 -1.45
CA LEU F 54 11.75 -2.39 -2.05
C LEU F 54 11.33 -0.96 -1.71
N GLN F 55 12.16 -0.26 -0.94
CA GLN F 55 11.87 1.11 -0.48
C GLN F 55 12.43 2.15 -1.44
N ASP F 56 13.58 1.91 -2.06
CA ASP F 56 14.23 2.94 -2.89
C ASP F 56 15.32 2.37 -3.79
N ILE F 57 15.37 2.83 -5.04
CA ILE F 57 16.61 2.76 -5.86
C ILE F 57 17.30 4.09 -5.60
N VAL F 58 18.35 4.08 -4.79
CA VAL F 58 18.96 5.32 -4.25
CA VAL F 58 18.89 5.38 -4.28
C VAL F 58 19.86 5.95 -5.31
N LYS F 59 20.68 5.11 -5.94
CA LYS F 59 21.84 5.61 -6.73
C LYS F 59 22.14 4.65 -7.86
N VAL F 60 22.49 5.21 -9.00
CA VAL F 60 23.02 4.45 -10.15
CA VAL F 60 23.05 4.42 -10.15
C VAL F 60 24.42 5.03 -10.46
N ASP F 61 25.40 4.18 -10.71
CA ASP F 61 26.79 4.63 -11.05
C ASP F 61 27.06 4.08 -12.44
N SER F 62 26.89 4.92 -13.47
CA SER F 62 27.11 4.49 -14.87
C SER F 62 28.60 4.25 -15.16
N SER F 63 29.53 4.75 -14.36
CA SER F 63 30.98 4.51 -14.64
CA SER F 63 31.00 4.52 -14.58
C SER F 63 31.38 3.11 -14.15
N THR F 64 30.68 2.53 -13.15
CA THR F 64 31.10 1.25 -12.51
C THR F 64 30.02 0.17 -12.66
N ASN F 65 28.86 0.48 -13.22
CA ASN F 65 27.72 -0.47 -13.36
C ASN F 65 27.42 -1.05 -11.97
N GLU F 66 27.29 -0.18 -11.01
CA GLU F 66 26.77 -0.48 -9.66
C GLU F 66 25.49 0.31 -9.40
N VAL F 67 24.44 -0.38 -8.87
CA VAL F 67 23.16 0.27 -8.45
C VAL F 67 22.93 -0.06 -6.98
N ASP F 68 22.47 0.93 -6.23
CA ASP F 68 22.26 0.86 -4.77
C ASP F 68 20.73 0.78 -4.48
N LEU F 69 20.32 -0.29 -3.78
CA LEU F 69 18.92 -0.51 -3.35
C LEU F 69 18.79 -0.32 -1.84
N VAL F 70 17.65 0.17 -1.38
CA VAL F 70 17.27 0.08 0.06
C VAL F 70 15.98 -0.77 0.11
N TYR F 71 16.00 -1.81 0.91
CA TYR F 71 14.88 -2.76 1.02
C TYR F 71 14.88 -3.36 2.42
N TYR F 72 13.80 -4.06 2.73
CA TYR F 72 13.82 -5.03 3.85
C TYR F 72 13.36 -6.38 3.35
N GLU F 73 14.05 -7.38 3.90
CA GLU F 73 13.97 -8.76 3.45
C GLU F 73 13.27 -9.57 4.56
N GLN F 74 12.08 -10.04 4.31
CA GLN F 74 11.33 -10.87 5.29
C GLN F 74 11.85 -12.31 5.13
N GLN F 75 12.36 -12.86 6.21
CA GLN F 75 12.86 -14.25 6.22
C GLN F 75 11.98 -15.03 7.23
N ARG F 76 11.60 -16.24 6.86
CA ARG F 76 10.84 -17.11 7.81
C ARG F 76 11.35 -18.55 7.71
N TRP F 77 11.46 -19.20 8.85
CA TRP F 77 11.84 -20.63 8.94
C TRP F 77 11.24 -21.19 10.25
N LYS F 78 11.32 -22.50 10.45
CA LYS F 78 10.71 -23.16 11.63
C LYS F 78 11.70 -24.21 12.18
N LEU F 79 11.94 -24.18 13.49
CA LEU F 79 12.78 -25.19 14.19
C LEU F 79 11.98 -25.90 15.29
N ASN F 80 12.01 -27.22 15.33
CA ASN F 80 11.41 -28.03 16.43
C ASN F 80 11.99 -27.59 17.78
N SER F 81 13.26 -27.21 17.82
CA SER F 81 13.97 -26.79 19.05
C SER F 81 13.51 -25.42 19.56
N LEU F 82 12.70 -24.64 18.83
CA LEU F 82 12.18 -23.36 19.39
C LEU F 82 10.70 -23.48 19.79
N MET F 83 10.17 -24.69 19.84
CA MET F 83 8.76 -24.94 20.20
C MET F 83 8.58 -24.82 21.72
N TRP F 84 7.45 -24.32 22.14
CA TRP F 84 7.00 -24.42 23.56
C TRP F 84 5.48 -24.51 23.62
N ASP F 85 5.00 -24.94 24.77
CA ASP F 85 3.54 -24.96 25.06
C ASP F 85 3.19 -23.64 25.76
N PRO F 86 2.39 -22.73 25.15
CA PRO F 86 2.02 -21.49 25.81
C PRO F 86 1.42 -21.65 27.21
N ASN F 87 0.72 -22.77 27.47
CA ASN F 87 0.05 -23.01 28.78
CA ASN F 87 0.06 -23.04 28.78
C ASN F 87 1.11 -23.11 29.90
N GLU F 88 2.34 -23.54 29.60
CA GLU F 88 3.46 -23.64 30.55
C GLU F 88 4.16 -22.28 30.80
N TYR F 89 3.86 -21.23 30.01
CA TYR F 89 4.56 -19.92 30.05
C TYR F 89 3.57 -18.76 30.01
N GLY F 90 2.51 -18.84 30.82
CA GLY F 90 1.53 -17.75 31.00
C GLY F 90 0.85 -17.35 29.70
N ASN F 91 0.61 -18.31 28.81
CA ASN F 91 -0.09 -18.13 27.51
C ASN F 91 0.72 -17.26 26.54
N ILE F 92 2.04 -17.14 26.72
CA ILE F 92 2.90 -16.44 25.71
C ILE F 92 2.89 -17.27 24.42
N THR F 93 2.52 -16.68 23.29
CA THR F 93 2.46 -17.36 21.97
C THR F 93 3.66 -16.95 21.06
N ASP F 94 4.33 -15.86 21.38
CA ASP F 94 5.49 -15.36 20.59
C ASP F 94 6.33 -14.39 21.43
N PHE F 95 7.58 -14.12 21.00
CA PHE F 95 8.37 -13.08 21.67
C PHE F 95 9.41 -12.51 20.68
N ARG F 96 9.78 -11.28 20.95
CA ARG F 96 10.90 -10.55 20.29
C ARG F 96 12.19 -10.98 20.97
N THR F 97 13.24 -11.23 20.19
CA THR F 97 14.56 -11.60 20.74
C THR F 97 15.66 -11.07 19.82
N SER F 98 16.79 -10.71 20.39
CA SER F 98 18.03 -10.45 19.63
C SER F 98 18.30 -11.60 18.65
N ALA F 99 18.53 -11.28 17.38
CA ALA F 99 18.94 -12.26 16.37
C ALA F 99 20.24 -12.98 16.80
N ALA F 100 21.05 -12.44 17.69
CA ALA F 100 22.27 -13.10 18.23
C ALA F 100 21.89 -14.29 19.14
N ASP F 101 20.67 -14.37 19.68
CA ASP F 101 20.23 -15.50 20.54
C ASP F 101 19.94 -16.77 19.73
N ILE F 102 19.74 -16.69 18.41
CA ILE F 102 19.18 -17.80 17.58
C ILE F 102 20.06 -17.99 16.35
N TRP F 103 19.97 -19.15 15.74
CA TRP F 103 20.53 -19.37 14.40
C TRP F 103 19.76 -18.45 13.44
N THR F 104 20.46 -17.88 12.47
CA THR F 104 19.80 -17.18 11.34
C THR F 104 20.44 -17.65 10.04
N PRO F 105 19.65 -17.72 8.93
CA PRO F 105 20.18 -18.23 7.68
C PRO F 105 21.16 -17.22 7.05
N ASP F 106 22.12 -17.76 6.31
CA ASP F 106 23.27 -17.00 5.69
C ASP F 106 22.83 -16.58 4.28
N ILE F 107 21.68 -15.93 4.19
CA ILE F 107 21.14 -15.46 2.89
C ILE F 107 22.08 -14.32 2.41
N THR F 108 22.60 -14.42 1.21
CA THR F 108 23.67 -13.56 0.69
C THR F 108 23.30 -13.12 -0.73
N ALA F 109 23.56 -11.88 -1.07
CA ALA F 109 23.47 -11.38 -2.48
C ALA F 109 24.70 -11.91 -3.23
N TYR F 110 24.51 -12.53 -4.38
CA TYR F 110 25.59 -13.19 -5.15
CA TYR F 110 25.56 -13.19 -5.17
C TYR F 110 26.34 -12.22 -6.07
N SER F 111 25.90 -10.96 -6.23
CA SER F 111 26.61 -9.99 -7.10
C SER F 111 26.72 -8.65 -6.39
N SER F 112 26.85 -8.67 -5.07
CA SER F 112 27.12 -7.44 -4.32
C SER F 112 28.56 -6.96 -4.69
N THR F 113 28.81 -5.69 -4.56
CA THR F 113 30.16 -5.07 -4.83
C THR F 113 30.70 -4.38 -3.58
N ARG F 114 29.92 -4.40 -2.51
CA ARG F 114 30.31 -3.77 -1.23
CA ARG F 114 30.27 -3.74 -1.23
C ARG F 114 29.60 -4.56 -0.14
N PRO F 115 30.10 -4.57 1.12
CA PRO F 115 29.34 -5.20 2.20
C PRO F 115 27.99 -4.50 2.36
N VAL F 116 26.99 -5.31 2.64
CA VAL F 116 25.62 -4.82 2.93
CA VAL F 116 25.65 -4.77 2.89
C VAL F 116 25.71 -3.92 4.17
N GLN F 117 24.97 -2.81 4.17
CA GLN F 117 24.84 -1.90 5.33
C GLN F 117 23.49 -2.18 5.98
N VAL F 118 23.48 -2.45 7.29
CA VAL F 118 22.30 -2.86 8.07
C VAL F 118 21.59 -1.59 8.56
N LEU F 119 20.30 -1.47 8.30
CA LEU F 119 19.56 -0.21 8.61
C LEU F 119 18.52 -0.43 9.71
N SER F 120 18.34 -1.65 10.19
CA SER F 120 17.29 -1.96 11.21
C SER F 120 17.89 -2.72 12.39
N PRO F 121 17.23 -2.67 13.57
CA PRO F 121 17.62 -3.50 14.72
C PRO F 121 17.59 -5.00 14.39
N GLN F 122 18.59 -5.72 14.88
CA GLN F 122 18.77 -7.18 14.65
CA GLN F 122 18.74 -7.17 14.60
C GLN F 122 17.92 -7.93 15.68
N ILE F 123 16.61 -7.88 15.49
CA ILE F 123 15.62 -8.44 16.46
C ILE F 123 14.64 -9.26 15.63
N ALA F 124 14.42 -10.50 16.06
CA ALA F 124 13.54 -11.46 15.40
C ALA F 124 12.36 -11.73 16.32
N VAL F 125 11.35 -12.38 15.77
CA VAL F 125 10.15 -12.80 16.54
C VAL F 125 10.08 -14.32 16.46
N VAL F 126 10.02 -14.97 17.63
CA VAL F 126 9.89 -16.45 17.69
C VAL F 126 8.45 -16.76 18.14
N THR F 127 7.82 -17.71 17.48
CA THR F 127 6.40 -18.12 17.75
C THR F 127 6.44 -19.53 18.32
N HIS F 128 5.41 -19.88 19.13
CA HIS F 128 5.40 -21.13 19.95
C HIS F 128 5.50 -22.41 19.11
N ASP F 129 5.12 -22.36 17.84
CA ASP F 129 5.28 -23.52 16.92
C ASP F 129 6.74 -23.67 16.46
N GLY F 130 7.67 -22.81 16.92
CA GLY F 130 9.08 -22.87 16.55
C GLY F 130 9.35 -22.04 15.30
N SER F 131 8.36 -21.33 14.78
CA SER F 131 8.55 -20.48 13.58
C SER F 131 9.25 -19.19 14.01
N VAL F 132 10.13 -18.70 13.13
CA VAL F 132 10.91 -17.45 13.34
C VAL F 132 10.64 -16.53 12.13
N MET F 133 10.40 -15.27 12.41
CA MET F 133 10.39 -14.22 11.35
CA MET F 133 10.36 -14.21 11.37
C MET F 133 11.40 -13.14 11.71
N PHE F 134 12.18 -12.75 10.73
CA PHE F 134 13.29 -11.80 10.89
C PHE F 134 13.31 -10.93 9.63
N ILE F 135 13.29 -9.62 9.79
CA ILE F 135 13.00 -8.69 8.66
C ILE F 135 14.07 -7.61 8.65
N PRO F 136 15.31 -7.97 8.31
CA PRO F 136 16.41 -6.99 8.20
C PRO F 136 16.25 -5.99 7.04
N ALA F 137 16.47 -4.73 7.35
CA ALA F 137 16.57 -3.65 6.34
C ALA F 137 18.06 -3.47 5.95
N GLN F 138 18.31 -3.32 4.66
CA GLN F 138 19.66 -3.30 4.08
C GLN F 138 19.78 -2.24 2.98
N ARG F 139 20.98 -1.67 2.85
CA ARG F 139 21.41 -1.00 1.60
C ARG F 139 22.44 -1.89 0.90
N LEU F 140 22.18 -2.20 -0.37
CA LEU F 140 22.96 -3.14 -1.21
C LEU F 140 23.46 -2.40 -2.46
N SER F 141 24.77 -2.42 -2.70
CA SER F 141 25.35 -2.11 -4.04
C SER F 141 25.51 -3.40 -4.79
N PHE F 142 25.01 -3.47 -6.01
CA PHE F 142 25.13 -4.71 -6.81
C PHE F 142 25.42 -4.33 -8.27
N MET F 143 25.83 -5.35 -8.98
CA MET F 143 26.24 -5.26 -10.41
C MET F 143 25.01 -5.05 -11.31
N CYS F 144 24.93 -3.89 -11.94
CA CYS F 144 23.76 -3.48 -12.78
CA CYS F 144 23.85 -3.58 -12.90
C CYS F 144 24.25 -2.42 -13.80
N ASP F 145 24.02 -2.61 -15.08
CA ASP F 145 24.31 -1.63 -16.16
C ASP F 145 23.09 -0.75 -16.31
N PRO F 146 23.14 0.51 -15.86
CA PRO F 146 21.99 1.38 -16.00
C PRO F 146 21.83 2.11 -17.34
N THR F 147 22.61 1.75 -18.36
CA THR F 147 22.52 2.32 -19.74
C THR F 147 21.06 2.26 -20.20
N GLY F 148 20.44 3.41 -20.49
CA GLY F 148 19.06 3.44 -20.98
C GLY F 148 18.06 3.75 -19.90
N VAL F 149 18.52 3.99 -18.66
CA VAL F 149 17.60 4.29 -17.53
C VAL F 149 16.84 5.61 -17.82
N ASP F 150 17.42 6.52 -18.60
CA ASP F 150 16.76 7.80 -19.00
C ASP F 150 15.85 7.64 -20.23
N SER F 151 15.36 6.45 -20.53
CA SER F 151 14.47 6.19 -21.69
C SER F 151 13.11 5.78 -21.16
N GLU F 152 12.11 5.78 -22.04
CA GLU F 152 10.74 5.30 -21.73
C GLU F 152 10.75 3.84 -21.30
N GLU F 153 11.60 3.03 -21.93
CA GLU F 153 11.70 1.56 -21.73
C GLU F 153 12.40 1.29 -20.38
N GLY F 154 13.34 2.16 -20.01
CA GLY F 154 14.12 1.99 -18.77
C GLY F 154 15.07 0.82 -18.87
N VAL F 155 15.38 0.22 -17.73
CA VAL F 155 16.43 -0.82 -17.61
CA VAL F 155 16.41 -0.85 -17.65
C VAL F 155 15.90 -1.97 -16.75
N THR F 156 16.45 -3.16 -16.97
CA THR F 156 16.24 -4.34 -16.10
C THR F 156 17.56 -4.69 -15.42
N CYS F 157 17.52 -4.84 -14.11
CA CYS F 157 18.66 -5.46 -13.41
CA CYS F 157 18.63 -5.28 -13.22
C CYS F 157 18.18 -6.59 -12.53
N ALA F 158 19.09 -7.48 -12.16
CA ALA F 158 18.74 -8.69 -11.37
C ALA F 158 19.84 -8.98 -10.37
N VAL F 159 19.47 -9.53 -9.22
CA VAL F 159 20.45 -10.01 -8.21
C VAL F 159 19.86 -11.23 -7.50
N LYS F 160 20.67 -12.28 -7.36
CA LYS F 160 20.28 -13.57 -6.73
C LYS F 160 20.58 -13.49 -5.24
N PHE F 161 19.64 -14.00 -4.42
CA PHE F 161 19.81 -14.13 -2.96
C PHE F 161 19.71 -15.61 -2.60
N GLY F 162 20.71 -16.10 -1.88
CA GLY F 162 20.64 -17.48 -1.36
C GLY F 162 21.69 -17.75 -0.31
N SER F 163 21.66 -18.97 0.22
CA SER F 163 22.73 -19.49 1.07
C SER F 163 24.07 -19.41 0.32
N TRP F 164 25.08 -18.88 0.98
CA TRP F 164 26.48 -18.92 0.48
C TRP F 164 27.01 -20.35 0.60
N VAL F 165 26.72 -21.07 1.70
CA VAL F 165 27.46 -22.33 2.04
C VAL F 165 26.58 -23.59 2.07
N TYR F 166 25.24 -23.48 2.08
CA TYR F 166 24.32 -24.63 2.14
C TYR F 166 23.68 -24.86 0.77
N SER F 167 23.83 -26.07 0.26
CA SER F 167 23.14 -26.52 -0.96
C SER F 167 21.63 -26.71 -0.71
N GLY F 168 20.90 -27.05 -1.75
CA GLY F 168 19.47 -27.34 -1.73
C GLY F 168 19.13 -28.54 -0.82
N PHE F 169 20.10 -29.39 -0.49
CA PHE F 169 19.96 -30.55 0.41
C PHE F 169 19.89 -30.08 1.86
N GLU F 170 20.29 -28.85 2.22
CA GLU F 170 20.20 -28.33 3.60
C GLU F 170 19.23 -27.15 3.69
N ILE F 171 19.32 -26.19 2.76
CA ILE F 171 18.44 -24.97 2.74
C ILE F 171 17.73 -24.98 1.40
N ASP F 172 16.41 -25.14 1.44
CA ASP F 172 15.55 -24.78 0.29
C ASP F 172 14.98 -23.38 0.55
N LEU F 173 14.53 -22.75 -0.49
CA LEU F 173 13.91 -21.41 -0.44
C LEU F 173 12.54 -21.50 -1.09
N LYS F 174 11.67 -20.61 -0.66
CA LYS F 174 10.37 -20.35 -1.33
C LYS F 174 10.00 -18.88 -1.15
N THR F 175 9.06 -18.45 -1.97
CA THR F 175 8.38 -17.13 -1.81
C THR F 175 6.90 -17.41 -1.54
N ASP F 176 6.19 -16.47 -0.93
CA ASP F 176 4.72 -16.51 -0.75
C ASP F 176 4.07 -15.88 -2.00
N THR F 177 4.74 -14.94 -2.68
CA THR F 177 4.32 -14.37 -3.99
C THR F 177 5.58 -14.03 -4.77
N ASP F 178 5.50 -14.02 -6.08
CA ASP F 178 6.61 -13.55 -6.95
CA ASP F 178 6.62 -13.56 -6.95
C ASP F 178 6.55 -12.03 -7.16
N GLN F 179 5.55 -11.33 -6.58
CA GLN F 179 5.40 -9.86 -6.69
C GLN F 179 6.11 -9.19 -5.52
N VAL F 180 7.21 -8.48 -5.80
CA VAL F 180 7.93 -7.74 -4.74
C VAL F 180 6.96 -6.72 -4.16
N ASP F 181 7.05 -6.47 -2.86
CA ASP F 181 6.20 -5.45 -2.20
C ASP F 181 6.73 -4.06 -2.56
N LEU F 182 5.93 -3.30 -3.34
CA LEU F 182 6.21 -1.90 -3.75
C LEU F 182 5.31 -0.90 -3.05
N SER F 183 4.55 -1.33 -2.03
CA SER F 183 3.58 -0.50 -1.28
CA SER F 183 3.58 -0.43 -1.37
C SER F 183 4.28 0.57 -0.45
N SER F 184 5.59 0.43 -0.21
CA SER F 184 6.40 1.45 0.53
C SER F 184 7.50 2.03 -0.34
N TYR F 185 7.40 1.94 -1.67
CA TYR F 185 8.46 2.49 -2.55
C TYR F 185 8.40 4.01 -2.42
N TYR F 186 9.53 4.67 -2.29
CA TYR F 186 9.65 6.12 -2.14
C TYR F 186 9.07 6.82 -3.41
N ALA F 187 7.97 7.56 -3.23
CA ALA F 187 7.23 8.20 -4.33
C ALA F 187 8.07 9.29 -5.02
N SER F 188 9.06 9.91 -4.36
CA SER F 188 9.90 10.97 -4.97
C SER F 188 11.32 10.45 -5.24
N SER F 189 11.52 9.12 -5.27
CA SER F 189 12.80 8.53 -5.75
C SER F 189 13.21 9.19 -7.08
N LYS F 190 14.51 9.27 -7.33
CA LYS F 190 15.00 9.59 -8.69
C LYS F 190 14.52 8.56 -9.69
N TYR F 191 14.27 7.32 -9.27
CA TYR F 191 13.92 6.21 -10.17
C TYR F 191 12.50 5.76 -9.85
N GLU F 192 11.73 5.60 -10.91
CA GLU F 192 10.34 5.09 -10.83
CA GLU F 192 10.34 5.10 -10.93
C GLU F 192 10.42 3.59 -11.11
N ILE F 193 9.79 2.82 -10.26
CA ILE F 193 9.72 1.34 -10.45
CA ILE F 193 9.68 1.34 -10.43
C ILE F 193 8.58 1.02 -11.44
N LEU F 194 8.89 0.20 -12.44
CA LEU F 194 7.89 -0.30 -13.40
C LEU F 194 7.39 -1.64 -12.88
N SER F 195 8.30 -2.55 -12.52
CA SER F 195 7.89 -3.85 -11.97
C SER F 195 9.07 -4.43 -11.20
N ALA F 196 8.76 -5.35 -10.30
CA ALA F 196 9.76 -6.05 -9.49
C ALA F 196 9.24 -7.42 -9.09
N THR F 197 10.00 -8.47 -9.42
CA THR F 197 9.63 -9.87 -9.20
C THR F 197 10.74 -10.55 -8.35
N GLN F 198 10.34 -11.58 -7.63
CA GLN F 198 11.20 -12.42 -6.77
C GLN F 198 10.83 -13.88 -7.07
N THR F 199 11.75 -14.64 -7.68
CA THR F 199 11.49 -15.96 -8.29
C THR F 199 12.55 -16.96 -7.83
N ARG F 200 12.10 -18.07 -7.23
CA ARG F 200 12.97 -19.21 -6.88
C ARG F 200 13.69 -19.75 -8.12
N GLN F 201 14.98 -20.02 -8.01
CA GLN F 201 15.73 -20.72 -9.10
CA GLN F 201 15.86 -20.58 -9.09
C GLN F 201 16.78 -21.66 -8.50
N VAL F 202 17.22 -22.57 -9.35
CA VAL F 202 18.34 -23.52 -9.09
C VAL F 202 19.58 -23.02 -9.85
N GLN F 203 20.75 -23.01 -9.20
CA GLN F 203 22.07 -22.77 -9.87
C GLN F 203 23.06 -23.88 -9.52
N HIS F 204 24.11 -24.02 -10.34
CA HIS F 204 25.30 -24.87 -10.04
C HIS F 204 26.56 -24.00 -10.06
N TYR F 205 27.56 -24.38 -9.27
CA TYR F 205 28.85 -23.68 -9.10
C TYR F 205 29.98 -24.68 -9.35
N SER F 206 31.12 -24.19 -9.84
CA SER F 206 32.33 -24.98 -10.21
C SER F 206 32.76 -25.92 -9.08
N CYS F 207 32.76 -25.43 -7.83
CA CYS F 207 33.39 -26.12 -6.67
C CYS F 207 32.68 -27.44 -6.35
N CYS F 208 31.40 -27.59 -6.70
CA CYS F 208 30.42 -28.44 -5.96
C CYS F 208 29.41 -29.00 -6.98
N PRO F 209 29.09 -30.32 -7.03
CA PRO F 209 28.03 -30.82 -7.93
C PRO F 209 26.58 -30.55 -7.52
N GLU F 210 26.32 -30.25 -6.23
CA GLU F 210 24.92 -30.15 -5.70
C GLU F 210 24.23 -28.87 -6.20
N PRO F 211 22.90 -28.88 -6.35
CA PRO F 211 22.12 -27.68 -6.67
C PRO F 211 22.07 -26.70 -5.48
N TYR F 212 22.22 -25.40 -5.77
CA TYR F 212 22.12 -24.28 -4.81
C TYR F 212 20.86 -23.51 -5.22
N ILE F 213 20.09 -23.07 -4.23
CA ILE F 213 18.77 -22.44 -4.48
C ILE F 213 18.95 -20.95 -4.28
N ASP F 214 18.29 -20.14 -5.09
CA ASP F 214 18.30 -18.69 -4.86
C ASP F 214 16.92 -18.14 -5.20
N VAL F 215 16.68 -16.93 -4.73
CA VAL F 215 15.54 -16.08 -5.12
C VAL F 215 16.14 -14.96 -5.96
N ASN F 216 15.71 -14.89 -7.23
CA ASN F 216 16.20 -13.87 -8.17
C ASN F 216 15.31 -12.62 -8.08
N LEU F 217 15.87 -11.51 -7.61
CA LEU F 217 15.18 -10.19 -7.54
C LEU F 217 15.39 -9.50 -8.87
N VAL F 218 14.33 -9.30 -9.65
CA VAL F 218 14.41 -8.63 -10.99
C VAL F 218 13.65 -7.30 -10.89
N VAL F 219 14.33 -6.17 -11.09
CA VAL F 219 13.76 -4.81 -10.96
CA VAL F 219 13.69 -4.83 -10.99
C VAL F 219 13.81 -4.14 -12.35
N LYS F 220 12.67 -3.60 -12.81
CA LYS F 220 12.61 -2.79 -14.06
C LYS F 220 12.27 -1.37 -13.66
N PHE F 221 13.11 -0.41 -14.03
CA PHE F 221 13.00 0.97 -13.53
C PHE F 221 13.51 1.97 -14.58
N ARG F 222 13.13 3.23 -14.42
CA ARG F 222 13.58 4.35 -15.29
C ARG F 222 13.65 5.62 -14.47
N GLU F 223 14.35 6.60 -14.99
CA GLU F 223 14.39 7.94 -14.35
C GLU F 223 12.96 8.49 -14.29
N ARG F 224 12.58 9.01 -13.12
CA ARG F 224 11.27 9.68 -12.93
C ARG F 224 11.30 10.96 -13.79
N GLN G 20 31.64 5.98 44.37
CA GLN G 20 31.08 6.05 45.76
C GLN G 20 30.06 4.97 46.04
N ALA G 21 29.95 4.68 47.34
CA ALA G 21 29.60 3.34 47.88
C ALA G 21 28.13 3.07 47.62
N ASN G 22 27.28 4.05 47.93
CA ASN G 22 25.81 3.88 47.81
C ASN G 22 25.45 3.63 46.33
N LEU G 23 26.06 4.36 45.40
CA LEU G 23 25.76 4.19 43.95
C LEU G 23 26.28 2.84 43.46
N MET G 24 27.50 2.43 43.86
CA MET G 24 27.99 1.07 43.48
C MET G 24 27.02 0.00 44.00
N ARG G 25 26.51 0.16 45.22
CA ARG G 25 25.56 -0.80 45.81
C ARG G 25 24.24 -0.81 45.02
N LEU G 26 23.69 0.36 44.65
CA LEU G 26 22.44 0.43 43.89
C LEU G 26 22.61 -0.26 42.54
N LYS G 27 23.69 0.05 41.84
CA LYS G 27 23.92 -0.51 40.47
C LYS G 27 24.08 -2.03 40.57
N SER G 28 24.78 -2.49 41.61
CA SER G 28 24.92 -3.95 41.84
C SER G 28 23.55 -4.59 42.07
N ASP G 29 22.66 -3.96 42.85
CA ASP G 29 21.34 -4.52 43.19
C ASP G 29 20.40 -4.52 41.97
N LEU G 30 20.42 -3.44 41.18
CA LEU G 30 19.54 -3.30 39.98
C LEU G 30 19.99 -4.21 38.85
N PHE G 31 21.29 -4.38 38.63
CA PHE G 31 21.88 -4.96 37.38
C PHE G 31 22.44 -6.38 37.58
N ASN G 32 23.09 -6.70 38.71
CA ASN G 32 23.75 -8.03 38.91
C ASN G 32 22.79 -9.08 39.48
N ARG G 33 21.78 -8.67 40.26
CA ARG G 33 20.93 -9.59 41.07
C ARG G 33 19.76 -10.19 40.27
N SER G 34 19.48 -9.76 39.02
CA SER G 34 18.32 -10.25 38.20
C SER G 34 18.70 -10.50 36.74
N PRO G 35 17.92 -11.29 35.95
CA PRO G 35 18.11 -11.35 34.50
C PRO G 35 17.73 -10.03 33.83
N MET G 36 18.17 -9.82 32.59
CA MET G 36 17.86 -8.52 31.92
CA MET G 36 17.87 -8.59 31.78
C MET G 36 16.35 -8.50 31.65
N TYR G 37 15.80 -7.29 31.73
CA TYR G 37 14.41 -7.01 31.32
C TYR G 37 14.26 -7.54 29.90
N PRO G 38 13.28 -8.40 29.60
CA PRO G 38 13.14 -8.99 28.25
C PRO G 38 12.38 -8.10 27.25
N GLY G 39 12.18 -6.83 27.59
CA GLY G 39 11.44 -5.86 26.78
C GLY G 39 9.93 -5.98 27.03
N PRO G 40 9.15 -5.06 26.41
CA PRO G 40 7.72 -5.00 26.63
C PRO G 40 6.98 -6.18 25.99
N THR G 41 5.78 -6.44 26.48
CA THR G 41 4.85 -7.46 25.98
C THR G 41 3.42 -6.92 25.94
N LYS G 42 2.53 -7.65 25.28
CA LYS G 42 1.05 -7.38 25.26
C LYS G 42 0.53 -7.21 26.69
N ASP G 43 1.02 -8.03 27.63
CA ASP G 43 0.56 -8.03 29.05
C ASP G 43 1.25 -6.92 29.83
N ASP G 44 2.45 -6.46 29.44
CA ASP G 44 3.16 -5.35 30.14
C ASP G 44 3.72 -4.34 29.11
N PRO G 45 2.84 -3.55 28.46
CA PRO G 45 3.26 -2.60 27.41
C PRO G 45 3.88 -1.35 28.01
N LEU G 46 4.56 -0.60 27.14
CA LEU G 46 5.40 0.58 27.46
CA LEU G 46 5.31 0.61 27.53
C LEU G 46 4.96 1.72 26.53
N THR G 47 4.95 2.94 27.01
CA THR G 47 4.84 4.16 26.17
C THR G 47 6.21 4.80 26.20
N VAL G 48 6.75 5.11 25.04
CA VAL G 48 8.01 5.88 24.90
C VAL G 48 7.66 7.30 24.46
N THR G 49 8.17 8.30 25.15
CA THR G 49 7.98 9.70 24.76
C THR G 49 9.20 10.06 23.89
N LEU G 50 8.96 10.66 22.72
CA LEU G 50 10.02 11.10 21.78
C LEU G 50 9.90 12.59 21.52
N GLY G 51 11.06 13.25 21.40
CA GLY G 51 11.11 14.63 20.89
C GLY G 51 12.45 14.85 20.21
N PHE G 52 12.47 15.71 19.22
CA PHE G 52 13.69 16.04 18.45
C PHE G 52 14.13 17.44 18.72
N THR G 53 15.47 17.58 18.80
CA THR G 53 16.18 18.87 18.74
C THR G 53 16.99 18.90 17.44
N LEU G 54 16.51 19.64 16.44
CA LEU G 54 17.18 19.68 15.11
C LEU G 54 18.34 20.68 15.19
N GLN G 55 19.55 20.17 14.95
CA GLN G 55 20.79 20.99 15.01
C GLN G 55 21.15 21.50 13.61
N ASP G 56 20.99 20.69 12.56
CA ASP G 56 21.51 21.13 11.24
C ASP G 56 20.94 20.26 10.14
N ILE G 57 20.51 20.88 9.05
CA ILE G 57 20.43 20.18 7.73
C ILE G 57 21.81 20.40 7.10
N VAL G 58 22.63 19.36 7.07
CA VAL G 58 24.07 19.39 6.70
CA VAL G 58 24.06 19.53 6.72
C VAL G 58 24.24 19.43 5.20
N LYS G 59 23.53 18.54 4.53
CA LYS G 59 23.84 18.24 3.11
C LYS G 59 22.59 17.79 2.38
N VAL G 60 22.55 18.12 1.12
CA VAL G 60 21.46 17.68 0.20
CA VAL G 60 21.48 17.73 0.17
C VAL G 60 22.17 17.00 -0.99
N ASP G 61 21.58 15.96 -1.52
CA ASP G 61 22.13 15.28 -2.72
C ASP G 61 21.03 15.15 -3.75
N SER G 62 21.05 16.01 -4.76
CA SER G 62 20.01 16.03 -5.83
C SER G 62 20.27 14.89 -6.81
N SER G 63 21.42 14.20 -6.80
CA SER G 63 21.61 13.04 -7.71
CA SER G 63 21.65 13.02 -7.69
C SER G 63 20.93 11.79 -7.15
N THR G 64 20.74 11.72 -5.83
CA THR G 64 20.23 10.51 -5.12
C THR G 64 18.94 10.78 -4.37
N ASN G 65 18.49 12.04 -4.21
CA ASN G 65 17.36 12.40 -3.32
C ASN G 65 17.61 11.80 -1.92
N GLU G 66 18.73 12.20 -1.36
CA GLU G 66 19.09 12.00 0.04
C GLU G 66 19.38 13.33 0.69
N VAL G 67 18.94 13.49 1.94
CA VAL G 67 19.29 14.66 2.78
C VAL G 67 19.85 14.17 4.09
N ASP G 68 20.77 14.95 4.66
CA ASP G 68 21.45 14.54 5.91
C ASP G 68 21.09 15.53 6.99
N LEU G 69 20.58 15.00 8.13
CA LEU G 69 20.21 15.79 9.31
C LEU G 69 21.16 15.46 10.45
N VAL G 70 21.40 16.44 11.30
CA VAL G 70 22.06 16.25 12.63
C VAL G 70 21.06 16.72 13.68
N TYR G 71 20.76 15.86 14.64
CA TYR G 71 19.75 16.17 15.69
C TYR G 71 20.08 15.34 16.92
N TYR G 72 19.44 15.67 18.05
CA TYR G 72 19.37 14.69 19.16
C TYR G 72 17.93 14.43 19.52
N GLU G 73 17.70 13.15 19.86
CA GLU G 73 16.35 12.57 20.02
C GLU G 73 16.16 12.27 21.51
N GLN G 74 15.26 12.95 22.19
CA GLN G 74 14.95 12.68 23.60
C GLN G 74 14.00 11.48 23.66
N GLN G 75 14.38 10.42 24.39
CA GLN G 75 13.58 9.19 24.55
C GLN G 75 13.27 9.07 26.06
N ARG G 76 12.05 8.75 26.44
CA ARG G 76 11.73 8.61 27.88
C ARG G 76 10.78 7.42 28.03
N TRP G 77 11.05 6.57 29.03
CA TRP G 77 10.15 5.44 29.34
C TRP G 77 10.30 5.12 30.83
N LYS G 78 9.52 4.16 31.32
CA LYS G 78 9.49 3.82 32.77
C LYS G 78 9.34 2.32 32.94
N LEU G 79 10.23 1.72 33.72
CA LEU G 79 10.16 0.29 34.12
C LEU G 79 10.01 0.18 35.66
N ASN G 80 9.05 -0.63 36.12
CA ASN G 80 8.92 -0.95 37.57
C ASN G 80 10.21 -1.62 38.07
N SER G 81 10.84 -2.42 37.23
CA SER G 81 12.11 -3.16 37.53
C SER G 81 13.28 -2.20 37.77
N LEU G 82 13.20 -0.91 37.43
CA LEU G 82 14.32 0.04 37.69
C LEU G 82 14.00 0.92 38.89
N MET G 83 12.96 0.58 39.69
CA MET G 83 12.58 1.39 40.86
C MET G 83 13.46 1.03 42.06
N TRP G 84 13.76 2.02 42.87
CA TRP G 84 14.41 1.83 44.18
C TRP G 84 13.86 2.85 45.15
N ASP G 85 14.05 2.56 46.44
CA ASP G 85 13.75 3.48 47.56
C ASP G 85 15.01 4.28 47.84
N PRO G 86 15.07 5.61 47.56
CA PRO G 86 16.28 6.38 47.83
C PRO G 86 16.78 6.33 49.28
N ASN G 87 15.88 6.09 50.26
CA ASN G 87 16.25 6.08 51.69
CA ASN G 87 16.20 6.03 51.71
C ASN G 87 17.18 4.88 51.95
N GLU G 88 17.09 3.81 51.15
CA GLU G 88 18.00 2.64 51.25
C GLU G 88 19.34 2.83 50.54
N TYR G 89 19.55 3.93 49.80
CA TYR G 89 20.75 4.12 48.94
C TYR G 89 21.24 5.55 49.09
N GLY G 90 21.35 6.01 50.34
CA GLY G 90 21.95 7.31 50.70
C GLY G 90 21.26 8.49 50.02
N ASN G 91 19.95 8.41 49.78
CA ASN G 91 19.12 9.50 49.19
C ASN G 91 19.44 9.73 47.71
N ILE G 92 20.02 8.74 47.03
CA ILE G 92 20.23 8.81 45.55
C ILE G 92 18.86 8.77 44.90
N THR G 93 18.54 9.79 44.10
CA THR G 93 17.26 9.86 43.34
C THR G 93 17.43 9.51 41.86
N ASP G 94 18.64 9.60 41.31
CA ASP G 94 18.91 9.25 39.89
C ASP G 94 20.38 8.92 39.73
N PHE G 95 20.76 8.28 38.61
CA PHE G 95 22.16 8.05 38.26
C PHE G 95 22.33 7.93 36.74
N ARG G 96 23.52 8.26 36.27
CA ARG G 96 23.95 8.02 34.87
C ARG G 96 24.45 6.60 34.76
N THR G 97 24.19 5.94 33.64
CA THR G 97 24.66 4.57 33.41
C THR G 97 24.82 4.33 31.92
N SER G 98 25.75 3.45 31.58
CA SER G 98 25.93 2.97 30.19
C SER G 98 24.60 2.44 29.67
N ALA G 99 24.18 2.82 28.45
CA ALA G 99 22.95 2.29 27.82
C ALA G 99 23.08 0.78 27.58
N ALA G 100 24.27 0.18 27.60
CA ALA G 100 24.44 -1.29 27.56
C ALA G 100 23.87 -1.95 28.82
N ASP G 101 23.75 -1.22 29.93
CA ASP G 101 23.32 -1.78 31.23
C ASP G 101 21.81 -2.04 31.24
N ILE G 102 21.05 -1.45 30.32
CA ILE G 102 19.58 -1.39 30.41
C ILE G 102 19.01 -1.76 29.05
N TRP G 103 17.76 -2.13 29.05
CA TRP G 103 16.95 -2.21 27.83
C TRP G 103 16.79 -0.80 27.29
N THR G 104 16.87 -0.67 25.96
CA THR G 104 16.56 0.61 25.26
C THR G 104 15.63 0.28 24.09
N PRO G 105 14.70 1.18 23.75
CA PRO G 105 13.76 0.91 22.68
C PRO G 105 14.47 0.94 21.33
N ASP G 106 13.98 0.12 20.41
CA ASP G 106 14.52 -0.01 19.03
C ASP G 106 13.93 1.08 18.11
N ILE G 107 13.99 2.34 18.51
CA ILE G 107 13.42 3.47 17.70
C ILE G 107 14.29 3.61 16.44
N THR G 108 13.68 3.46 15.27
CA THR G 108 14.34 3.32 13.96
C THR G 108 13.71 4.34 13.01
N ALA G 109 14.55 5.00 12.22
CA ALA G 109 14.10 5.87 11.11
C ALA G 109 13.67 4.95 9.97
N TYR G 110 12.45 5.03 9.49
CA TYR G 110 11.88 4.09 8.50
C TYR G 110 12.41 4.34 7.08
N SER G 111 13.03 5.47 6.79
CA SER G 111 13.44 5.72 5.38
C SER G 111 14.90 6.18 5.35
N SER G 112 15.71 5.75 6.31
CA SER G 112 17.18 5.95 6.28
C SER G 112 17.76 5.28 5.02
N THR G 113 18.82 5.84 4.47
CA THR G 113 19.54 5.22 3.32
C THR G 113 20.97 4.81 3.73
N ARG G 114 21.38 5.06 4.97
CA ARG G 114 22.71 4.72 5.51
CA ARG G 114 22.69 4.62 5.50
C ARG G 114 22.50 4.34 6.97
N PRO G 115 23.36 3.53 7.58
CA PRO G 115 23.29 3.37 9.03
C PRO G 115 23.44 4.74 9.71
N VAL G 116 22.67 4.93 10.75
CA VAL G 116 22.72 6.19 11.57
CA VAL G 116 22.72 6.21 11.53
C VAL G 116 24.11 6.31 12.18
N GLN G 117 24.68 7.50 12.22
CA GLN G 117 26.00 7.71 12.86
C GLN G 117 25.76 8.30 14.24
N VAL G 118 26.32 7.70 15.27
CA VAL G 118 26.07 8.12 16.68
C VAL G 118 27.10 9.18 17.02
N LEU G 119 26.67 10.33 17.53
CA LEU G 119 27.56 11.50 17.77
C LEU G 119 27.73 11.73 19.28
N SER G 120 26.97 11.04 20.11
CA SER G 120 26.97 11.28 21.58
C SER G 120 27.27 9.99 22.34
N PRO G 121 27.74 10.12 23.59
CA PRO G 121 28.03 8.96 24.44
C PRO G 121 26.74 8.19 24.76
N GLN G 122 26.81 6.86 24.73
CA GLN G 122 25.67 5.94 24.96
CA GLN G 122 25.58 6.04 24.94
C GLN G 122 25.43 5.82 26.47
N ILE G 123 24.95 6.86 27.11
CA ILE G 123 24.76 6.99 28.58
C ILE G 123 23.36 7.52 28.79
N ALA G 124 22.57 6.85 29.64
CA ALA G 124 21.20 7.25 30.01
C ALA G 124 21.17 7.67 31.49
N VAL G 125 20.08 8.29 31.90
CA VAL G 125 19.80 8.67 33.31
C VAL G 125 18.59 7.84 33.74
N VAL G 126 18.76 7.12 34.84
CA VAL G 126 17.67 6.32 35.49
C VAL G 126 17.29 7.08 36.75
N THR G 127 15.98 7.22 36.99
CA THR G 127 15.40 7.92 38.16
C THR G 127 14.73 6.86 39.05
N HIS G 128 14.62 7.16 40.34
CA HIS G 128 14.18 6.18 41.40
C HIS G 128 12.78 5.64 41.15
N ASP G 129 11.93 6.38 40.41
CA ASP G 129 10.56 5.91 40.04
C ASP G 129 10.62 4.90 38.88
N GLY G 130 11.83 4.52 38.41
CA GLY G 130 11.98 3.59 37.29
C GLY G 130 11.99 4.30 35.93
N SER G 131 11.93 5.62 35.92
CA SER G 131 11.88 6.36 34.63
C SER G 131 13.30 6.46 34.07
N VAL G 132 13.41 6.42 32.73
CA VAL G 132 14.72 6.49 32.04
C VAL G 132 14.62 7.61 31.02
N MET G 133 15.68 8.40 30.89
CA MET G 133 15.82 9.37 29.79
C MET G 133 17.14 9.11 29.09
N PHE G 134 17.09 9.01 27.75
CA PHE G 134 18.25 8.76 26.88
C PHE G 134 18.16 9.71 25.68
N ILE G 135 19.23 10.44 25.35
CA ILE G 135 19.16 11.55 24.37
C ILE G 135 20.31 11.35 23.38
N PRO G 136 20.22 10.33 22.51
CA PRO G 136 21.26 10.15 21.49
C PRO G 136 21.25 11.22 20.41
N ALA G 137 22.45 11.70 20.07
CA ALA G 137 22.71 12.60 18.94
C ALA G 137 23.06 11.71 17.76
N GLN G 138 22.54 12.05 16.58
CA GLN G 138 22.62 11.21 15.38
C GLN G 138 22.87 12.08 14.16
N ARG G 139 23.57 11.50 13.17
CA ARG G 139 23.57 11.99 11.79
C ARG G 139 22.83 10.94 10.99
N LEU G 140 21.79 11.38 10.28
CA LEU G 140 20.88 10.54 9.50
C LEU G 140 20.92 10.99 8.05
N SER G 141 21.06 10.05 7.10
CA SER G 141 20.75 10.23 5.65
C SER G 141 19.39 9.58 5.41
N PHE G 142 18.44 10.31 4.82
CA PHE G 142 17.10 9.79 4.56
C PHE G 142 16.63 10.24 3.18
N MET G 143 15.54 9.61 2.82
CA MET G 143 14.92 9.77 1.48
C MET G 143 14.19 11.13 1.44
N CYS G 144 14.65 12.02 0.58
CA CYS G 144 14.17 13.41 0.51
C CYS G 144 14.58 13.99 -0.86
N ASP G 145 13.61 14.53 -1.60
CA ASP G 145 13.84 15.15 -2.91
C ASP G 145 14.05 16.64 -2.65
N PRO G 146 15.29 17.16 -2.80
CA PRO G 146 15.52 18.57 -2.55
C PRO G 146 15.25 19.49 -3.75
N THR G 147 14.66 19.00 -4.84
CA THR G 147 14.32 19.88 -6.00
C THR G 147 13.47 21.07 -5.53
N GLY G 148 13.96 22.29 -5.71
CA GLY G 148 13.24 23.54 -5.37
C GLY G 148 13.68 24.09 -4.03
N VAL G 149 14.70 23.49 -3.41
CA VAL G 149 15.24 23.99 -2.11
C VAL G 149 15.80 25.41 -2.31
N ASP G 150 16.24 25.75 -3.52
CA ASP G 150 16.75 27.11 -3.85
C ASP G 150 15.64 28.16 -4.03
N SER G 151 14.37 27.83 -3.84
CA SER G 151 13.23 28.74 -4.13
C SER G 151 12.72 29.36 -2.84
N GLU G 152 11.83 30.34 -2.96
CA GLU G 152 11.24 31.05 -1.77
C GLU G 152 10.39 30.05 -0.98
N GLU G 153 9.76 29.12 -1.66
CA GLU G 153 8.81 28.18 -1.01
C GLU G 153 9.59 27.01 -0.38
N GLY G 154 10.75 26.66 -0.90
CA GLY G 154 11.60 25.58 -0.37
C GLY G 154 11.01 24.22 -0.63
N VAL G 155 11.36 23.26 0.20
CA VAL G 155 10.96 21.84 0.02
CA VAL G 155 10.94 21.84 0.02
C VAL G 155 10.44 21.30 1.36
N THR G 156 9.58 20.30 1.31
CA THR G 156 9.12 19.56 2.51
C THR G 156 9.62 18.13 2.41
N CYS G 157 10.14 17.62 3.51
CA CYS G 157 10.55 16.19 3.62
C CYS G 157 10.06 15.64 4.99
N ALA G 158 9.96 14.33 5.06
CA ALA G 158 9.40 13.65 6.24
C ALA G 158 10.11 12.33 6.43
N VAL G 159 10.28 11.97 7.70
CA VAL G 159 10.82 10.66 8.10
C VAL G 159 10.09 10.20 9.39
N LYS G 160 9.62 8.97 9.37
CA LYS G 160 8.94 8.28 10.49
C LYS G 160 9.95 7.58 11.38
N PHE G 161 9.82 7.79 12.68
CA PHE G 161 10.61 7.11 13.72
C PHE G 161 9.66 6.23 14.55
N GLY G 162 9.99 4.96 14.68
CA GLY G 162 9.23 4.06 15.55
C GLY G 162 9.96 2.76 15.76
N SER G 163 9.36 1.89 16.57
CA SER G 163 9.90 0.54 16.80
C SER G 163 9.90 -0.17 15.47
N TRP G 164 10.95 -0.91 15.21
CA TRP G 164 11.01 -1.76 14.01
C TRP G 164 10.17 -3.02 14.23
N VAL G 165 10.15 -3.56 15.45
CA VAL G 165 9.67 -4.95 15.71
C VAL G 165 8.45 -5.03 16.65
N TYR G 166 8.15 -3.99 17.40
CA TYR G 166 7.05 -4.01 18.39
C TYR G 166 5.88 -3.21 17.83
N SER G 167 4.68 -3.81 17.88
CA SER G 167 3.42 -3.12 17.49
C SER G 167 2.99 -2.18 18.61
N GLY G 168 1.93 -1.39 18.36
CA GLY G 168 1.28 -0.53 19.38
C GLY G 168 0.83 -1.29 20.63
N PHE G 169 0.62 -2.60 20.54
CA PHE G 169 0.22 -3.44 21.70
C PHE G 169 1.41 -3.66 22.64
N GLU G 170 2.67 -3.40 22.24
CA GLU G 170 3.84 -3.49 23.15
C GLU G 170 4.51 -2.14 23.32
N ILE G 171 4.69 -1.36 22.24
CA ILE G 171 5.30 0.00 22.34
C ILE G 171 4.31 0.99 21.74
N ASP G 172 3.82 1.87 22.57
CA ASP G 172 3.10 3.08 22.11
C ASP G 172 4.09 4.24 22.18
N LEU G 173 3.83 5.27 21.40
CA LEU G 173 4.64 6.51 21.38
C LEU G 173 3.75 7.69 21.72
N LYS G 174 4.35 8.72 22.29
CA LYS G 174 3.76 10.06 22.34
C LYS G 174 4.85 11.11 22.21
N THR G 175 4.44 12.34 21.94
CA THR G 175 5.30 13.54 22.05
C THR G 175 4.76 14.36 23.24
N ASP G 176 5.60 15.18 23.84
CA ASP G 176 5.19 16.27 24.79
C ASP G 176 4.70 17.52 24.02
N THR G 177 5.20 17.76 22.81
CA THR G 177 4.84 18.91 21.93
C THR G 177 4.94 18.44 20.47
N ASP G 178 4.18 19.03 19.58
CA ASP G 178 4.27 18.67 18.14
C ASP G 178 5.25 19.65 17.47
N GLN G 179 5.85 20.58 18.21
CA GLN G 179 6.86 21.51 17.67
C GLN G 179 8.24 20.88 17.90
N VAL G 180 8.99 20.63 16.82
CA VAL G 180 10.44 20.27 16.93
C VAL G 180 11.16 21.43 17.62
N ASP G 181 12.12 21.14 18.50
CA ASP G 181 12.92 22.17 19.19
C ASP G 181 13.99 22.69 18.20
N LEU G 182 13.89 23.97 17.82
CA LEU G 182 14.81 24.67 16.89
C LEU G 182 15.71 25.66 17.66
N SER G 183 15.71 25.62 18.99
CA SER G 183 16.48 26.58 19.84
C SER G 183 17.98 26.37 19.72
N SER G 184 18.45 25.22 19.21
CA SER G 184 19.86 24.92 18.92
C SER G 184 20.12 24.72 17.43
N TYR G 185 19.25 25.19 16.53
CA TYR G 185 19.48 25.06 15.08
C TYR G 185 20.66 25.96 14.69
N TYR G 186 21.60 25.40 13.95
CA TYR G 186 22.86 26.10 13.55
C TYR G 186 22.50 27.38 12.73
N ALA G 187 22.84 28.56 13.25
CA ALA G 187 22.46 29.88 12.67
C ALA G 187 23.12 30.10 11.28
N SER G 188 24.24 29.44 10.96
CA SER G 188 24.92 29.60 9.63
C SER G 188 24.79 28.35 8.77
N SER G 189 23.79 27.50 9.02
CA SER G 189 23.49 26.35 8.13
C SER G 189 23.33 26.89 6.70
N LYS G 190 23.59 26.05 5.70
CA LYS G 190 23.16 26.39 4.31
C LYS G 190 21.64 26.46 4.19
N TYR G 191 20.89 25.82 5.09
CA TYR G 191 19.43 25.67 4.98
C TYR G 191 18.75 26.30 6.18
N GLU G 192 17.70 27.09 5.91
CA GLU G 192 16.87 27.77 6.93
C GLU G 192 15.61 26.92 7.10
N ILE G 193 15.13 26.78 8.34
CA ILE G 193 13.92 25.97 8.66
C ILE G 193 12.68 26.85 8.58
N LEU G 194 11.70 26.46 7.76
CA LEU G 194 10.40 27.18 7.65
C LEU G 194 9.38 26.58 8.61
N SER G 195 9.38 25.26 8.78
CA SER G 195 8.61 24.59 9.85
C SER G 195 9.19 23.22 10.14
N ALA G 196 9.00 22.74 11.37
CA ALA G 196 9.49 21.41 11.80
C ALA G 196 8.54 20.86 12.88
N THR G 197 7.81 19.82 12.54
CA THR G 197 6.78 19.20 13.40
C THR G 197 7.14 17.74 13.65
N GLN G 198 6.62 17.23 14.77
CA GLN G 198 6.80 15.84 15.24
C GLN G 198 5.41 15.35 15.70
N THR G 199 4.83 14.38 14.99
CA THR G 199 3.40 14.00 15.18
C THR G 199 3.29 12.50 15.29
N ARG G 200 2.61 12.02 16.33
CA ARG G 200 2.27 10.59 16.48
C ARG G 200 1.41 10.15 15.29
N GLN G 201 1.61 8.96 14.76
CA GLN G 201 0.84 8.39 13.64
C GLN G 201 0.72 6.91 13.84
N VAL G 202 -0.30 6.32 13.22
CA VAL G 202 -0.50 4.86 13.18
C VAL G 202 -0.24 4.40 11.76
N GLN G 203 0.43 3.26 11.59
CA GLN G 203 0.64 2.62 10.27
C GLN G 203 0.38 1.13 10.36
N HIS G 204 0.10 0.55 9.21
CA HIS G 204 0.04 -0.92 9.05
C HIS G 204 1.04 -1.33 7.99
N TYR G 205 1.55 -2.54 8.12
CA TYR G 205 2.57 -3.14 7.23
C TYR G 205 2.05 -4.50 6.78
N SER G 206 2.46 -4.89 5.59
CA SER G 206 2.01 -6.11 4.88
C SER G 206 2.07 -7.38 5.76
N CYS G 207 3.10 -7.54 6.58
CA CYS G 207 3.36 -8.80 7.33
C CYS G 207 2.27 -9.10 8.37
N CYS G 208 1.58 -8.10 8.88
CA CYS G 208 1.07 -8.05 10.28
C CYS G 208 -0.27 -7.32 10.29
N PRO G 209 -1.33 -7.80 11.00
CA PRO G 209 -2.53 -6.99 11.21
C PRO G 209 -2.42 -5.86 12.22
N GLU G 210 -1.47 -5.93 13.15
CA GLU G 210 -1.43 -5.00 14.29
C GLU G 210 -0.96 -3.61 13.87
N PRO G 211 -1.44 -2.54 14.55
CA PRO G 211 -0.96 -1.19 14.28
C PRO G 211 0.47 -1.01 14.84
N TYR G 212 1.32 -0.33 14.08
CA TYR G 212 2.66 0.14 14.48
C TYR G 212 2.65 1.66 14.64
N ILE G 213 3.26 2.18 15.68
CA ILE G 213 3.18 3.62 16.01
C ILE G 213 4.51 4.27 15.61
N ASP G 214 4.46 5.47 15.05
CA ASP G 214 5.65 6.26 14.68
C ASP G 214 5.42 7.70 15.09
N VAL G 215 6.50 8.46 15.22
CA VAL G 215 6.47 9.93 15.27
C VAL G 215 7.04 10.39 13.93
N ASN G 216 6.22 11.14 13.19
CA ASN G 216 6.57 11.64 11.85
C ASN G 216 7.23 13.01 12.01
N LEU G 217 8.49 13.11 11.62
CA LEU G 217 9.28 14.35 11.65
C LEU G 217 9.12 14.94 10.25
N VAL G 218 8.50 16.13 10.16
CA VAL G 218 8.20 16.83 8.88
C VAL G 218 8.94 18.15 8.90
N VAL G 219 9.83 18.39 7.94
CA VAL G 219 10.72 19.58 7.97
C VAL G 219 10.53 20.27 6.62
N LYS G 220 10.11 21.52 6.66
CA LYS G 220 10.06 22.39 5.46
C LYS G 220 11.27 23.30 5.52
N PHE G 221 12.04 23.37 4.46
CA PHE G 221 13.31 24.12 4.49
C PHE G 221 13.65 24.67 3.11
N ARG G 222 14.60 25.60 3.10
CA ARG G 222 15.08 26.26 1.86
C ARG G 222 16.52 26.75 2.04
N GLU G 223 17.20 27.03 0.94
CA GLU G 223 18.54 27.63 1.01
C GLU G 223 18.45 28.98 1.72
N ARG G 224 19.35 29.24 2.67
CA ARG G 224 19.45 30.54 3.40
CA ARG G 224 19.44 30.54 3.39
C ARG G 224 19.77 31.64 2.38
N GLN H 20 20.78 -30.62 15.22
CA GLN H 20 20.46 -32.00 15.57
C GLN H 20 21.63 -32.69 16.27
N ALA H 21 21.25 -33.77 16.93
CA ALA H 21 21.92 -34.23 18.16
C ALA H 21 23.34 -34.70 17.82
N ASN H 22 23.46 -35.50 16.76
CA ASN H 22 24.75 -36.08 16.32
C ASN H 22 25.71 -34.92 15.95
N LEU H 23 25.24 -33.88 15.24
CA LEU H 23 26.13 -32.76 14.83
C LEU H 23 26.57 -31.96 16.07
N MET H 24 25.69 -31.73 17.03
CA MET H 24 26.05 -30.98 18.26
C MET H 24 27.13 -31.77 19.01
N ARG H 25 27.01 -33.12 19.03
CA ARG H 25 28.02 -33.98 19.71
C ARG H 25 29.37 -33.83 19.04
N LEU H 26 29.40 -33.98 17.71
CA LEU H 26 30.61 -33.83 16.86
C LEU H 26 31.30 -32.49 17.12
N LYS H 27 30.55 -31.39 17.06
CA LYS H 27 31.12 -30.04 17.26
C LYS H 27 31.66 -29.92 18.68
N SER H 28 30.94 -30.43 19.67
CA SER H 28 31.43 -30.39 21.07
C SER H 28 32.73 -31.20 21.16
N ASP H 29 32.75 -32.40 20.58
CA ASP H 29 33.96 -33.25 20.63
C ASP H 29 35.16 -32.58 19.94
N LEU H 30 34.97 -32.02 18.75
CA LEU H 30 36.07 -31.40 17.97
C LEU H 30 36.58 -30.10 18.60
N PHE H 31 35.73 -29.28 19.20
CA PHE H 31 36.04 -27.86 19.52
C PHE H 31 36.10 -27.60 21.04
N ASN H 32 35.46 -28.39 21.92
CA ASN H 32 35.42 -28.08 23.38
C ASN H 32 36.46 -28.87 24.17
N ARG H 33 37.28 -29.75 23.61
CA ARG H 33 38.13 -30.69 24.43
C ARG H 33 39.62 -30.33 24.40
N SER H 34 40.16 -30.01 23.23
CA SER H 34 41.59 -29.68 22.99
C SER H 34 41.72 -28.17 22.81
N PRO H 35 42.93 -27.55 22.95
CA PRO H 35 43.15 -26.20 22.46
C PRO H 35 42.99 -26.09 20.94
N MET H 36 42.76 -24.87 20.46
CA MET H 36 42.75 -24.63 18.99
CA MET H 36 42.84 -24.45 19.04
C MET H 36 44.12 -25.08 18.44
N TYR H 37 44.06 -25.56 17.21
CA TYR H 37 45.24 -25.81 16.37
C TYR H 37 46.10 -24.54 16.36
N PRO H 38 47.40 -24.61 16.75
CA PRO H 38 48.24 -23.42 16.85
C PRO H 38 48.91 -22.98 15.54
N GLY H 39 48.41 -23.47 14.41
CA GLY H 39 48.93 -23.14 13.09
C GLY H 39 50.06 -24.08 12.74
N PRO H 40 50.49 -24.08 11.47
CA PRO H 40 51.53 -24.99 11.03
C PRO H 40 52.89 -24.64 11.62
N THR H 41 53.80 -25.62 11.56
CA THR H 41 55.22 -25.49 11.98
C THR H 41 56.15 -26.14 10.95
N LYS H 42 57.45 -25.88 11.10
CA LYS H 42 58.53 -26.52 10.29
C LYS H 42 58.40 -28.05 10.38
N ASP H 43 58.06 -28.59 11.55
CA ASP H 43 57.92 -30.06 11.78
C ASP H 43 56.61 -30.59 11.22
N ASP H 44 55.56 -29.76 11.14
CA ASP H 44 54.20 -30.17 10.66
CA ASP H 44 54.20 -30.17 10.67
C ASP H 44 53.69 -29.08 9.72
N PRO H 45 54.25 -28.96 8.50
CA PRO H 45 53.85 -27.92 7.55
C PRO H 45 52.55 -28.31 6.86
N LEU H 46 51.99 -27.35 6.14
CA LEU H 46 50.63 -27.44 5.55
CA LEU H 46 50.63 -27.40 5.57
C LEU H 46 50.72 -26.91 4.12
N THR H 47 50.03 -27.54 3.19
CA THR H 47 49.78 -26.99 1.83
C THR H 47 48.37 -26.40 1.79
N VAL H 48 48.23 -25.14 1.37
CA VAL H 48 46.89 -24.52 1.13
C VAL H 48 46.69 -24.48 -0.38
N THR H 49 45.61 -25.05 -0.87
CA THR H 49 45.22 -24.92 -2.30
C THR H 49 44.38 -23.63 -2.44
N LEU H 50 44.72 -22.79 -3.43
CA LEU H 50 43.99 -21.53 -3.76
C LEU H 50 43.47 -21.58 -5.19
N GLY H 51 42.28 -21.01 -5.39
CA GLY H 51 41.73 -20.74 -6.73
C GLY H 51 40.86 -19.50 -6.68
N PHE H 52 40.78 -18.78 -7.80
CA PHE H 52 40.00 -17.52 -7.87
C PHE H 52 38.87 -17.74 -8.83
N THR H 53 37.70 -17.19 -8.47
CA THR H 53 36.54 -17.01 -9.34
C THR H 53 36.34 -15.51 -9.48
N LEU H 54 36.71 -14.94 -10.62
CA LEU H 54 36.67 -13.48 -10.80
C LEU H 54 35.26 -13.09 -11.26
N GLN H 55 34.57 -12.29 -10.45
CA GLN H 55 33.18 -11.83 -10.75
C GLN H 55 33.17 -10.49 -11.49
N ASP H 56 34.05 -9.56 -11.16
CA ASP H 56 33.98 -8.22 -11.80
C ASP H 56 35.28 -7.46 -11.60
N ILE H 57 35.70 -6.75 -12.65
CA ILE H 57 36.58 -5.57 -12.45
C ILE H 57 35.63 -4.37 -12.34
N VAL H 58 35.44 -3.84 -11.13
CA VAL H 58 34.30 -2.94 -10.86
CA VAL H 58 34.34 -2.90 -10.75
C VAL H 58 34.75 -1.49 -11.15
N LYS H 59 36.02 -1.15 -10.90
CA LYS H 59 36.46 0.24 -10.89
C LYS H 59 37.96 0.30 -11.17
N VAL H 60 38.30 1.33 -11.91
CA VAL H 60 39.70 1.68 -12.22
CA VAL H 60 39.69 1.70 -12.28
C VAL H 60 39.88 3.14 -11.82
N ASP H 61 40.98 3.47 -11.16
CA ASP H 61 41.31 4.87 -10.81
C ASP H 61 42.65 5.22 -11.48
N SER H 62 42.60 5.94 -12.60
CA SER H 62 43.82 6.38 -13.33
C SER H 62 44.57 7.49 -12.60
N SER H 63 44.01 8.16 -11.61
CA SER H 63 44.73 9.18 -10.82
CA SER H 63 44.71 9.18 -10.79
C SER H 63 45.61 8.55 -9.73
N THR H 64 45.27 7.35 -9.24
CA THR H 64 45.99 6.70 -8.09
C THR H 64 46.57 5.35 -8.50
N ASN H 65 46.36 4.87 -9.72
CA ASN H 65 46.77 3.53 -10.15
C ASN H 65 46.28 2.49 -9.12
N GLU H 66 44.96 2.49 -8.93
CA GLU H 66 44.22 1.54 -8.07
C GLU H 66 43.10 0.95 -8.92
N VAL H 67 43.02 -0.36 -8.91
CA VAL H 67 41.93 -1.13 -9.56
C VAL H 67 41.21 -1.99 -8.51
N ASP H 68 39.90 -2.11 -8.65
CA ASP H 68 38.99 -2.81 -7.69
C ASP H 68 38.44 -4.06 -8.36
N LEU H 69 38.73 -5.23 -7.76
CA LEU H 69 38.23 -6.54 -8.19
C LEU H 69 37.17 -7.04 -7.20
N VAL H 70 36.23 -7.79 -7.71
CA VAL H 70 35.25 -8.55 -6.87
C VAL H 70 35.48 -9.98 -7.30
N TYR H 71 35.76 -10.87 -6.35
CA TYR H 71 36.04 -12.30 -6.65
C TYR H 71 35.65 -13.13 -5.40
N TYR H 72 35.69 -14.43 -5.54
CA TYR H 72 35.75 -15.33 -4.36
C TYR H 72 36.92 -16.30 -4.53
N GLU H 73 37.58 -16.54 -3.40
CA GLU H 73 38.86 -17.22 -3.25
C GLU H 73 38.60 -18.56 -2.55
N GLN H 74 38.70 -19.66 -3.27
CA GLN H 74 38.54 -21.04 -2.76
C GLN H 74 39.84 -21.43 -2.07
N GLN H 75 39.79 -21.62 -0.75
CA GLN H 75 40.90 -22.08 0.11
C GLN H 75 40.65 -23.51 0.58
N ARG H 76 41.66 -24.38 0.52
CA ARG H 76 41.53 -25.79 0.94
C ARG H 76 42.80 -26.20 1.71
N TRP H 77 42.62 -26.86 2.85
CA TRP H 77 43.74 -27.45 3.60
C TRP H 77 43.22 -28.66 4.37
N LYS H 78 44.10 -29.35 5.07
CA LYS H 78 43.70 -30.59 5.78
C LYS H 78 44.45 -30.70 7.10
N LEU H 79 43.73 -30.90 8.20
CA LEU H 79 44.31 -31.05 9.55
C LEU H 79 43.92 -32.42 10.09
N ASN H 80 44.90 -33.17 10.61
CA ASN H 80 44.61 -34.45 11.33
C ASN H 80 43.69 -34.19 12.54
N SER H 81 43.83 -33.07 13.20
CA SER H 81 43.04 -32.68 14.40
C SER H 81 41.56 -32.47 14.09
N LEU H 82 41.13 -32.37 12.82
CA LEU H 82 39.70 -32.18 12.45
C LEU H 82 39.10 -33.49 11.91
N MET H 83 39.78 -34.65 12.08
CA MET H 83 39.25 -35.93 11.57
C MET H 83 38.24 -36.49 12.57
N TRP H 84 37.29 -37.23 12.05
CA TRP H 84 36.38 -38.04 12.89
C TRP H 84 35.95 -39.26 12.12
N ASP H 85 35.46 -40.23 12.88
CA ASP H 85 34.85 -41.45 12.29
C ASP H 85 33.36 -41.19 12.08
N PRO H 86 32.83 -41.09 10.84
CA PRO H 86 31.41 -40.86 10.64
C PRO H 86 30.47 -41.84 11.39
N ASN H 87 30.92 -43.08 11.60
CA ASN H 87 30.17 -44.14 12.33
CA ASN H 87 30.16 -44.14 12.33
C ASN H 87 29.92 -43.73 13.79
N GLU H 88 30.82 -42.97 14.43
CA GLU H 88 30.65 -42.48 15.83
CA GLU H 88 30.65 -42.47 15.82
C GLU H 88 29.68 -41.29 15.89
N TYR H 89 29.28 -40.70 14.75
CA TYR H 89 28.49 -39.44 14.70
C TYR H 89 27.38 -39.50 13.66
N GLY H 90 26.61 -40.59 13.73
CA GLY H 90 25.39 -40.78 12.91
C GLY H 90 25.66 -40.64 11.43
N ASN H 91 26.80 -41.15 10.95
CA ASN H 91 27.21 -41.15 9.52
C ASN H 91 27.45 -39.72 8.98
N ILE H 92 27.59 -38.68 9.82
CA ILE H 92 27.90 -37.30 9.33
C ILE H 92 29.28 -37.36 8.65
N THR H 93 29.38 -36.96 7.39
CA THR H 93 30.67 -36.91 6.64
C THR H 93 31.25 -35.48 6.53
N ASP H 94 30.46 -34.43 6.77
CA ASP H 94 30.94 -33.03 6.70
C ASP H 94 29.94 -32.13 7.43
N PHE H 95 30.37 -30.95 7.83
CA PHE H 95 29.48 -29.92 8.41
C PHE H 95 29.96 -28.52 8.07
N ARG H 96 29.01 -27.60 8.06
CA ARG H 96 29.25 -26.15 8.01
C ARG H 96 29.54 -25.69 9.40
N THR H 97 30.50 -24.78 9.53
CA THR H 97 30.82 -24.15 10.84
C THR H 97 31.35 -22.75 10.64
N SER H 98 31.16 -21.91 11.64
CA SER H 98 31.78 -20.57 11.71
C SER H 98 33.30 -20.71 11.52
N ALA H 99 33.87 -19.94 10.59
CA ALA H 99 35.32 -19.79 10.42
C ALA H 99 36.00 -19.37 11.74
N ALA H 100 35.34 -18.74 12.70
CA ALA H 100 35.91 -18.41 14.03
C ALA H 100 36.21 -19.67 14.86
N ASP H 101 35.53 -20.79 14.60
CA ASP H 101 35.69 -22.06 15.34
C ASP H 101 37.02 -22.74 15.03
N ILE H 102 37.66 -22.43 13.88
CA ILE H 102 38.77 -23.23 13.32
C ILE H 102 39.92 -22.28 13.01
N TRP H 103 41.11 -22.83 12.93
CA TRP H 103 42.28 -22.09 12.35
C TRP H 103 41.95 -21.79 10.88
N THR H 104 42.32 -20.60 10.39
CA THR H 104 42.24 -20.33 8.94
C THR H 104 43.56 -19.69 8.49
N PRO H 105 44.01 -19.93 7.25
CA PRO H 105 45.30 -19.37 6.79
C PRO H 105 45.24 -17.85 6.57
N ASP H 106 46.35 -17.16 6.86
CA ASP H 106 46.51 -15.68 6.80
C ASP H 106 46.89 -15.26 5.37
N ILE H 107 46.16 -15.78 4.37
CA ILE H 107 46.37 -15.44 2.94
C ILE H 107 46.05 -13.96 2.75
N THR H 108 47.02 -13.20 2.24
CA THR H 108 47.02 -11.73 2.17
C THR H 108 47.39 -11.30 0.75
N ALA H 109 46.76 -10.24 0.26
CA ALA H 109 47.16 -9.64 -1.03
C ALA H 109 48.36 -8.75 -0.75
N TYR H 110 49.46 -8.92 -1.48
CA TYR H 110 50.72 -8.19 -1.16
CA TYR H 110 50.74 -8.20 -1.18
C TYR H 110 50.72 -6.73 -1.62
N SER H 111 49.83 -6.31 -2.53
CA SER H 111 49.82 -4.93 -3.07
C SER H 111 48.42 -4.30 -2.94
N SER H 112 47.67 -4.69 -1.89
CA SER H 112 46.40 -4.00 -1.55
C SER H 112 46.69 -2.57 -1.14
N THR H 113 45.75 -1.66 -1.44
CA THR H 113 45.84 -0.25 -0.96
C THR H 113 44.72 0.12 0.02
N ARG H 114 43.82 -0.82 0.30
CA ARG H 114 42.71 -0.64 1.25
CA ARG H 114 42.74 -0.63 1.30
C ARG H 114 42.49 -1.97 1.96
N PRO H 115 41.96 -2.02 3.21
CA PRO H 115 41.53 -3.29 3.78
C PRO H 115 40.52 -3.97 2.86
N VAL H 116 40.69 -5.25 2.72
CA VAL H 116 39.78 -6.09 1.90
CA VAL H 116 39.79 -6.10 1.90
C VAL H 116 38.38 -6.00 2.52
N GLN H 117 37.35 -5.89 1.69
CA GLN H 117 35.95 -5.87 2.17
C GLN H 117 35.40 -7.28 1.99
N VAL H 118 34.78 -7.83 3.04
CA VAL H 118 34.22 -9.21 3.02
C VAL H 118 32.77 -9.16 2.55
N LEU H 119 32.44 -9.95 1.51
CA LEU H 119 31.09 -9.88 0.88
C LEU H 119 30.29 -11.15 1.21
N SER H 120 30.90 -12.14 1.86
CA SER H 120 30.22 -13.43 2.14
C SER H 120 30.31 -13.79 3.62
N PRO H 121 29.39 -14.66 4.09
CA PRO H 121 29.41 -15.16 5.47
C PRO H 121 30.71 -15.94 5.76
N GLN H 122 31.25 -15.77 6.94
CA GLN H 122 32.55 -16.43 7.27
CA GLN H 122 32.52 -16.38 7.42
C GLN H 122 32.19 -17.81 7.86
N ILE H 123 31.84 -18.71 6.94
CA ILE H 123 31.42 -20.10 7.24
C ILE H 123 32.22 -21.01 6.33
N ALA H 124 32.84 -22.03 6.91
CA ALA H 124 33.64 -23.05 6.20
C ALA H 124 32.95 -24.40 6.29
N VAL H 125 33.39 -25.35 5.46
CA VAL H 125 32.88 -26.75 5.50
C VAL H 125 34.05 -27.64 5.91
N VAL H 126 33.86 -28.43 6.96
CA VAL H 126 34.86 -29.42 7.47
C VAL H 126 34.37 -30.81 7.06
N THR H 127 35.25 -31.62 6.50
CA THR H 127 34.98 -33.00 6.05
C THR H 127 35.70 -33.96 7.02
N HIS H 128 35.19 -35.20 7.13
CA HIS H 128 35.62 -36.20 8.16
C HIS H 128 37.09 -36.63 8.02
N ASP H 129 37.70 -36.48 6.83
CA ASP H 129 39.16 -36.69 6.62
C ASP H 129 39.99 -35.51 7.15
N GLY H 130 39.35 -34.46 7.71
CA GLY H 130 40.07 -33.32 8.29
C GLY H 130 40.29 -32.23 7.25
N SER H 131 39.79 -32.40 6.03
CA SER H 131 39.91 -31.35 4.99
C SER H 131 38.87 -30.25 5.25
N VAL H 132 39.27 -29.02 4.97
CA VAL H 132 38.48 -27.79 5.17
C VAL H 132 38.43 -27.08 3.82
N MET H 133 37.27 -26.55 3.48
CA MET H 133 37.12 -25.64 2.32
C MET H 133 36.43 -24.37 2.82
N PHE H 134 37.01 -23.23 2.48
CA PHE H 134 36.51 -21.90 2.85
C PHE H 134 36.60 -21.01 1.61
N ILE H 135 35.51 -20.30 1.28
CA ILE H 135 35.38 -19.60 -0.03
C ILE H 135 34.92 -18.17 0.21
N PRO H 136 35.75 -17.33 0.82
CA PRO H 136 35.37 -15.94 1.04
C PRO H 136 35.25 -15.10 -0.24
N ALA H 137 34.17 -14.30 -0.35
CA ALA H 137 33.97 -13.28 -1.42
C ALA H 137 34.59 -12.00 -0.91
N GLN H 138 35.37 -11.32 -1.75
CA GLN H 138 36.13 -10.11 -1.34
C GLN H 138 36.00 -9.02 -2.41
N ARG H 139 36.05 -7.78 -1.97
CA ARG H 139 36.37 -6.66 -2.87
C ARG H 139 37.76 -6.19 -2.46
N LEU H 140 38.62 -6.05 -3.47
CA LEU H 140 40.04 -5.72 -3.26
C LEU H 140 40.39 -4.50 -4.12
N SER H 141 41.02 -3.51 -3.52
CA SER H 141 41.71 -2.40 -4.22
C SER H 141 43.21 -2.75 -4.23
N PHE H 142 43.86 -2.75 -5.40
CA PHE H 142 45.31 -3.08 -5.47
C PHE H 142 46.00 -2.19 -6.51
N MET H 143 47.32 -2.22 -6.43
CA MET H 143 48.20 -1.34 -7.24
C MET H 143 48.18 -1.84 -8.69
N CYS H 144 47.75 -1.01 -9.61
CA CYS H 144 47.57 -1.39 -11.03
C CYS H 144 47.39 -0.13 -11.89
N ASP H 145 48.19 0.01 -12.93
CA ASP H 145 48.15 1.21 -13.81
C ASP H 145 47.22 0.85 -14.95
N PRO H 146 46.02 1.47 -15.03
CA PRO H 146 45.09 1.13 -16.11
C PRO H 146 45.30 1.93 -17.41
N THR H 147 46.34 2.76 -17.49
CA THR H 147 46.59 3.57 -18.73
C THR H 147 46.60 2.63 -19.95
N GLY H 148 45.77 2.88 -20.95
CA GLY H 148 45.70 2.05 -22.17
C GLY H 148 44.63 0.99 -22.13
N VAL H 149 43.82 0.95 -21.08
CA VAL H 149 42.72 -0.06 -20.95
C VAL H 149 41.70 0.16 -22.05
N ASP H 150 41.54 1.41 -22.52
CA ASP H 150 40.64 1.77 -23.66
C ASP H 150 41.30 1.45 -25.01
N SER H 151 42.02 0.36 -25.14
CA SER H 151 42.71 0.01 -26.39
C SER H 151 42.43 -1.45 -26.73
N GLU H 152 42.67 -1.84 -27.97
CA GLU H 152 42.50 -3.26 -28.41
C GLU H 152 43.36 -4.20 -27.54
N GLU H 153 44.58 -3.82 -27.17
CA GLU H 153 45.52 -4.76 -26.50
C GLU H 153 45.31 -4.73 -24.97
N GLY H 154 44.63 -3.71 -24.44
CA GLY H 154 44.34 -3.53 -23.02
C GLY H 154 45.58 -3.44 -22.15
N VAL H 155 45.42 -3.79 -20.87
CA VAL H 155 46.48 -3.62 -19.84
CA VAL H 155 46.50 -3.64 -19.87
C VAL H 155 46.60 -4.95 -19.08
N THR H 156 47.73 -5.17 -18.45
CA THR H 156 47.98 -6.31 -17.57
C THR H 156 48.23 -5.74 -16.19
N CYS H 157 47.61 -6.35 -15.21
CA CYS H 157 47.90 -6.09 -13.79
C CYS H 157 48.10 -7.44 -13.06
N ALA H 158 48.74 -7.38 -11.92
CA ALA H 158 49.10 -8.59 -11.13
C ALA H 158 49.09 -8.25 -9.66
N VAL H 159 48.62 -9.24 -8.87
CA VAL H 159 48.68 -9.13 -7.40
C VAL H 159 49.02 -10.53 -6.86
N LYS H 160 49.92 -10.56 -5.87
CA LYS H 160 50.39 -11.81 -5.22
C LYS H 160 49.53 -12.04 -3.96
N PHE H 161 49.07 -13.26 -3.79
CA PHE H 161 48.36 -13.70 -2.56
C PHE H 161 49.22 -14.73 -1.82
N GLY H 162 49.49 -14.52 -0.55
CA GLY H 162 50.15 -15.61 0.20
C GLY H 162 50.15 -15.31 1.66
N SER H 163 50.70 -16.24 2.44
CA SER H 163 50.86 -15.97 3.89
C SER H 163 51.64 -14.68 4.08
N TRP H 164 51.24 -13.85 5.05
CA TRP H 164 52.01 -12.67 5.49
C TRP H 164 53.18 -13.12 6.40
N VAL H 165 52.97 -14.14 7.24
CA VAL H 165 53.89 -14.44 8.38
C VAL H 165 54.57 -15.81 8.31
N TYR H 166 54.12 -16.75 7.46
CA TYR H 166 54.65 -18.12 7.40
C TYR H 166 55.44 -18.27 6.10
N SER H 167 56.68 -18.73 6.23
CA SER H 167 57.53 -19.06 5.06
C SER H 167 57.05 -20.35 4.43
N GLY H 168 57.66 -20.71 3.31
CA GLY H 168 57.42 -21.99 2.62
C GLY H 168 57.80 -23.22 3.46
N PHE H 169 58.50 -23.04 4.58
CA PHE H 169 58.79 -24.14 5.54
C PHE H 169 57.58 -24.43 6.44
N GLU H 170 56.59 -23.52 6.58
CA GLU H 170 55.35 -23.81 7.35
C GLU H 170 54.14 -23.91 6.42
N ILE H 171 54.00 -23.02 5.42
CA ILE H 171 52.86 -22.99 4.48
C ILE H 171 53.40 -23.05 3.06
N ASP H 172 53.03 -24.08 2.33
CA ASP H 172 53.18 -24.14 0.87
C ASP H 172 51.81 -23.86 0.25
N LEU H 173 51.83 -23.45 -1.01
CA LEU H 173 50.61 -23.18 -1.78
C LEU H 173 50.69 -23.99 -3.03
N LYS H 174 49.52 -24.35 -3.52
CA LYS H 174 49.31 -24.84 -4.90
C LYS H 174 47.99 -24.33 -5.43
N THR H 175 47.83 -24.47 -6.74
CA THR H 175 46.57 -24.27 -7.48
C THR H 175 46.18 -25.62 -8.06
N ASP H 176 44.88 -25.87 -8.25
CA ASP H 176 44.40 -27.07 -9.00
C ASP H 176 44.54 -26.80 -10.49
N THR H 177 44.51 -25.54 -10.92
CA THR H 177 44.61 -25.10 -12.34
C THR H 177 45.27 -23.71 -12.32
N ASP H 178 46.01 -23.35 -13.37
CA ASP H 178 46.56 -21.99 -13.49
C ASP H 178 45.58 -21.04 -14.19
N GLN H 179 44.41 -21.53 -14.60
CA GLN H 179 43.35 -20.72 -15.22
C GLN H 179 42.38 -20.22 -14.13
N VAL H 180 42.25 -18.91 -13.98
CA VAL H 180 41.22 -18.27 -13.11
C VAL H 180 39.86 -18.69 -13.64
N ASP H 181 38.92 -19.00 -12.74
CA ASP H 181 37.53 -19.34 -13.15
C ASP H 181 36.80 -18.03 -13.56
N LEU H 182 36.40 -17.93 -14.83
CA LEU H 182 35.69 -16.77 -15.45
C LEU H 182 34.23 -17.15 -15.79
N SER H 183 33.74 -18.30 -15.31
CA SER H 183 32.38 -18.82 -15.61
C SER H 183 31.29 -17.97 -14.94
N SER H 184 31.63 -17.15 -13.94
CA SER H 184 30.72 -16.20 -13.25
C SER H 184 31.12 -14.74 -13.49
N TYR H 185 31.95 -14.42 -14.50
CA TYR H 185 32.34 -13.01 -14.74
C TYR H 185 31.11 -12.23 -15.24
N TYR H 186 30.88 -11.07 -14.62
CA TYR H 186 29.76 -10.14 -14.91
C TYR H 186 29.76 -9.77 -16.40
N ALA H 187 28.76 -10.26 -17.15
CA ALA H 187 28.67 -10.11 -18.63
C ALA H 187 28.55 -8.63 -19.06
N SER H 188 28.10 -7.72 -18.20
CA SER H 188 27.92 -6.26 -18.53
C SER H 188 28.94 -5.42 -17.77
N SER H 189 30.03 -6.03 -17.28
CA SER H 189 31.16 -5.26 -16.74
C SER H 189 31.61 -4.22 -17.78
N LYS H 190 32.14 -3.10 -17.34
CA LYS H 190 32.88 -2.14 -18.23
C LYS H 190 34.13 -2.79 -18.83
N TYR H 191 34.66 -3.84 -18.19
CA TYR H 191 35.93 -4.47 -18.63
C TYR H 191 35.66 -5.90 -19.05
N GLU H 192 36.24 -6.26 -20.18
CA GLU H 192 36.33 -7.62 -20.78
C GLU H 192 37.64 -8.22 -20.31
N ILE H 193 37.64 -9.51 -19.95
CA ILE H 193 38.87 -10.25 -19.56
C ILE H 193 39.49 -10.89 -20.80
N LEU H 194 40.75 -10.59 -21.07
CA LEU H 194 41.51 -11.17 -22.20
C LEU H 194 42.25 -12.42 -21.72
N SER H 195 42.76 -12.42 -20.50
CA SER H 195 43.33 -13.63 -19.88
C SER H 195 43.39 -13.43 -18.36
N ALA H 196 43.32 -14.51 -17.63
CA ALA H 196 43.45 -14.44 -16.15
C ALA H 196 44.07 -15.74 -15.67
N THR H 197 45.26 -15.66 -15.09
CA THR H 197 46.01 -16.88 -14.68
C THR H 197 46.29 -16.73 -13.19
N GLN H 198 46.59 -17.88 -12.54
CA GLN H 198 46.88 -17.97 -11.10
C GLN H 198 48.05 -18.96 -10.96
N THR H 199 49.21 -18.49 -10.53
CA THR H 199 50.47 -19.28 -10.67
C THR H 199 51.26 -19.20 -9.38
N ARG H 200 51.64 -20.36 -8.84
CA ARG H 200 52.53 -20.50 -7.66
C ARG H 200 53.85 -19.80 -7.99
N GLN H 201 54.39 -19.03 -7.06
CA GLN H 201 55.67 -18.33 -7.21
C GLN H 201 56.42 -18.40 -5.88
N VAL H 202 57.73 -18.29 -5.93
CA VAL H 202 58.61 -18.07 -4.73
C VAL H 202 59.07 -16.61 -4.70
N GLN H 203 59.11 -15.98 -3.53
CA GLN H 203 59.68 -14.64 -3.34
C GLN H 203 60.57 -14.66 -2.11
N HIS H 204 61.50 -13.71 -2.03
CA HIS H 204 62.34 -13.42 -0.83
C HIS H 204 62.09 -11.96 -0.43
N TYR H 205 62.23 -11.67 0.86
CA TYR H 205 61.94 -10.37 1.53
C TYR H 205 63.14 -10.01 2.39
N SER H 206 63.37 -8.72 2.58
CA SER H 206 64.57 -8.15 3.24
C SER H 206 64.73 -8.70 4.67
N CYS H 207 63.62 -8.91 5.42
CA CYS H 207 63.67 -9.26 6.87
C CYS H 207 64.34 -10.64 7.09
N CYS H 208 64.27 -11.54 6.11
CA CYS H 208 64.18 -13.01 6.32
C CYS H 208 64.92 -13.73 5.19
N PRO H 209 65.80 -14.75 5.43
CA PRO H 209 66.36 -15.56 4.34
C PRO H 209 65.43 -16.61 3.71
N GLU H 210 64.38 -17.03 4.43
CA GLU H 210 63.51 -18.17 4.00
C GLU H 210 62.68 -17.75 2.79
N PRO H 211 62.42 -18.69 1.85
CA PRO H 211 61.49 -18.45 0.73
C PRO H 211 60.03 -18.39 1.20
N TYR H 212 59.25 -17.46 0.63
CA TYR H 212 57.80 -17.25 0.88
C TYR H 212 57.07 -17.63 -0.41
N ILE H 213 55.96 -18.32 -0.28
CA ILE H 213 55.20 -18.80 -1.45
C ILE H 213 54.02 -17.83 -1.66
N ASP H 214 53.68 -17.57 -2.91
CA ASP H 214 52.45 -16.81 -3.25
C ASP H 214 51.83 -17.42 -4.48
N VAL H 215 50.56 -17.14 -4.67
CA VAL H 215 49.88 -17.37 -5.97
C VAL H 215 49.74 -15.99 -6.61
N ASN H 216 50.29 -15.87 -7.83
CA ASN H 216 50.32 -14.59 -8.58
C ASN H 216 49.09 -14.56 -9.48
N LEU H 217 48.17 -13.65 -9.21
CA LEU H 217 46.94 -13.45 -10.03
C LEU H 217 47.29 -12.41 -11.08
N VAL H 218 47.31 -12.81 -12.35
CA VAL H 218 47.67 -11.92 -13.48
C VAL H 218 46.43 -11.78 -14.36
N VAL H 219 45.91 -10.57 -14.51
CA VAL H 219 44.68 -10.29 -15.29
C VAL H 219 45.02 -9.28 -16.41
N LYS H 220 44.79 -9.72 -17.63
CA LYS H 220 44.85 -8.87 -18.83
C LYS H 220 43.42 -8.50 -19.21
N PHE H 221 43.14 -7.21 -19.32
CA PHE H 221 41.76 -6.71 -19.58
C PHE H 221 41.76 -5.40 -20.38
N ARG H 222 40.57 -5.08 -20.89
CA ARG H 222 40.33 -3.87 -21.70
C ARG H 222 38.88 -3.44 -21.58
N GLU H 223 38.59 -2.19 -21.85
CA GLU H 223 37.18 -1.73 -21.96
C GLU H 223 36.41 -2.57 -22.99
N ARG H 224 35.18 -2.95 -22.66
CA ARG H 224 34.34 -3.91 -23.44
C ARG H 224 34.14 -3.38 -24.87
N GLN I 20 50.25 -28.64 16.77
CA GLN I 20 51.02 -29.78 17.31
C GLN I 20 51.43 -29.55 18.75
N ALA I 21 51.70 -30.68 19.39
CA ALA I 21 51.53 -30.85 20.84
C ALA I 21 52.50 -29.93 21.57
N ASN I 22 53.76 -29.90 21.14
CA ASN I 22 54.79 -29.11 21.85
C ASN I 22 54.43 -27.61 21.78
N LEU I 23 53.98 -27.13 20.62
CA LEU I 23 53.63 -25.69 20.47
C LEU I 23 52.41 -25.36 21.32
N MET I 24 51.42 -26.26 21.37
CA MET I 24 50.26 -26.04 22.25
C MET I 24 50.70 -25.94 23.70
N ARG I 25 51.66 -26.78 24.14
CA ARG I 25 52.14 -26.69 25.53
C ARG I 25 52.88 -25.39 25.76
N LEU I 26 53.78 -25.01 24.82
CA LEU I 26 54.55 -23.73 24.94
C LEU I 26 53.58 -22.55 25.09
N LYS I 27 52.60 -22.45 24.21
CA LYS I 27 51.69 -21.26 24.22
C LYS I 27 50.88 -21.26 25.54
N SER I 28 50.45 -22.44 25.96
CA SER I 28 49.69 -22.63 27.24
C SER I 28 50.54 -22.16 28.42
N ASP I 29 51.80 -22.58 28.45
CA ASP I 29 52.75 -22.20 29.52
C ASP I 29 53.05 -20.69 29.48
N LEU I 30 53.24 -20.11 28.30
CA LEU I 30 53.60 -18.67 28.18
C LEU I 30 52.40 -17.78 28.50
N PHE I 31 51.19 -18.14 28.08
CA PHE I 31 50.05 -17.20 27.98
C PHE I 31 48.99 -17.49 29.07
N ASN I 32 48.66 -18.76 29.33
CA ASN I 32 47.55 -19.15 30.26
C ASN I 32 47.97 -19.10 31.73
N ARG I 33 49.27 -18.99 32.05
CA ARG I 33 49.79 -19.05 33.44
C ARG I 33 49.95 -17.65 34.03
N SER I 34 50.71 -16.78 33.36
CA SER I 34 51.18 -15.48 33.90
C SER I 34 50.11 -14.39 33.70
N PRO I 35 50.15 -13.24 34.43
CA PRO I 35 49.45 -12.03 33.99
C PRO I 35 50.10 -11.46 32.71
N MET I 36 49.39 -10.61 31.95
CA MET I 36 50.05 -9.97 30.77
CA MET I 36 49.93 -9.84 30.80
C MET I 36 51.15 -9.03 31.30
N TYR I 37 52.22 -8.96 30.54
CA TYR I 37 53.27 -7.93 30.69
C TYR I 37 52.58 -6.57 30.76
N PRO I 38 52.83 -5.73 31.81
CA PRO I 38 52.17 -4.43 31.92
C PRO I 38 52.84 -3.27 31.16
N GLY I 39 53.72 -3.59 30.22
CA GLY I 39 54.47 -2.59 29.45
C GLY I 39 55.73 -2.19 30.18
N PRO I 40 56.60 -1.42 29.49
CA PRO I 40 57.84 -0.95 30.07
C PRO I 40 57.63 0.08 31.20
N THR I 41 58.68 0.21 32.01
CA THR I 41 58.78 1.19 33.13
C THR I 41 60.17 1.85 33.13
N LYS I 42 60.36 2.91 33.93
CA LYS I 42 61.66 3.57 34.22
C LYS I 42 62.68 2.52 34.69
N ASP I 43 62.26 1.54 35.51
CA ASP I 43 63.14 0.49 36.07
C ASP I 43 63.39 -0.63 35.05
N ASP I 44 62.47 -0.94 34.13
CA ASP I 44 62.64 -1.98 33.09
C ASP I 44 62.26 -1.40 31.73
N PRO I 45 63.07 -0.46 31.17
CA PRO I 45 62.79 0.17 29.87
C PRO I 45 63.04 -0.81 28.74
N LEU I 46 62.63 -0.40 27.54
CA LEU I 46 62.66 -1.28 26.35
C LEU I 46 63.19 -0.43 25.20
N THR I 47 63.91 -1.05 24.28
CA THR I 47 64.27 -0.41 22.98
C THR I 47 63.46 -1.12 21.91
N VAL I 48 62.71 -0.36 21.12
CA VAL I 48 62.05 -0.92 19.90
C VAL I 48 62.90 -0.51 18.69
N THR I 49 63.23 -1.46 17.82
CA THR I 49 63.82 -1.20 16.50
C THR I 49 62.68 -1.02 15.49
N LEU I 50 62.71 0.06 14.70
CA LEU I 50 61.75 0.34 13.61
C LEU I 50 62.47 0.40 12.27
N GLY I 51 61.86 -0.19 11.24
CA GLY I 51 62.26 0.08 9.84
C GLY I 51 61.03 0.10 8.97
N PHE I 52 61.09 0.84 7.87
CA PHE I 52 59.98 0.98 6.89
C PHE I 52 60.37 0.36 5.58
N THR I 53 59.40 -0.33 5.01
CA THR I 53 59.40 -0.77 3.60
C THR I 53 58.31 0.04 2.88
N LEU I 54 58.69 0.98 2.00
CA LEU I 54 57.69 1.89 1.34
C LEU I 54 57.20 1.20 0.09
N GLN I 55 55.90 0.88 -0.01
CA GLN I 55 55.41 0.19 -1.23
C GLN I 55 54.86 1.20 -2.25
N ASP I 56 54.27 2.29 -1.82
CA ASP I 56 53.53 3.20 -2.75
C ASP I 56 53.22 4.52 -2.08
N ILE I 57 53.40 5.61 -2.84
CA ILE I 57 52.68 6.88 -2.61
C ILE I 57 51.43 6.79 -3.50
N VAL I 58 50.30 6.48 -2.90
CA VAL I 58 49.07 6.12 -3.66
CA VAL I 58 49.07 6.11 -3.66
C VAL I 58 48.37 7.39 -4.12
N LYS I 59 48.34 8.42 -3.28
CA LYS I 59 47.44 9.56 -3.54
C LYS I 59 48.02 10.81 -2.90
N VAL I 60 47.79 11.91 -3.59
CA VAL I 60 48.10 13.25 -3.09
CA VAL I 60 48.13 13.30 -3.18
C VAL I 60 46.81 14.09 -3.20
N ASP I 61 46.53 14.89 -2.18
CA ASP I 61 45.36 15.79 -2.16
C ASP I 61 45.91 17.21 -2.00
N SER I 62 46.01 17.97 -3.09
CA SER I 62 46.53 19.35 -3.00
C SER I 62 45.46 20.30 -2.46
N SER I 63 44.20 19.92 -2.29
CA SER I 63 43.20 20.81 -1.65
CA SER I 63 43.18 20.78 -1.64
C SER I 63 43.37 20.78 -0.12
N THR I 64 43.83 19.66 0.43
CA THR I 64 43.94 19.47 1.91
C THR I 64 45.34 19.29 2.41
N ASN I 65 46.36 19.18 1.53
CA ASN I 65 47.76 18.88 1.91
C ASN I 65 47.79 17.60 2.77
N GLU I 66 47.22 16.55 2.23
CA GLU I 66 47.25 15.18 2.78
C GLU I 66 47.85 14.31 1.71
N VAL I 67 48.77 13.45 2.12
CA VAL I 67 49.36 12.44 1.22
C VAL I 67 49.15 11.07 1.84
N ASP I 68 48.87 10.10 1.00
CA ASP I 68 48.63 8.70 1.40
C ASP I 68 49.80 7.78 0.99
N LEU I 69 50.34 7.09 1.99
CA LEU I 69 51.41 6.08 1.84
C LEU I 69 50.89 4.68 2.12
N VAL I 70 51.43 3.71 1.42
CA VAL I 70 51.26 2.27 1.76
C VAL I 70 52.67 1.72 2.05
N TYR I 71 52.85 1.17 3.23
CA TYR I 71 54.16 0.66 3.69
C TYR I 71 53.91 -0.49 4.66
N TYR I 72 55.00 -1.22 4.97
CA TYR I 72 55.00 -2.10 6.18
C TYR I 72 56.16 -1.73 7.09
N GLU I 73 55.87 -1.73 8.39
CA GLU I 73 56.71 -1.17 9.43
C GLU I 73 57.20 -2.37 10.26
N GLN I 74 58.48 -2.69 10.17
CA GLN I 74 59.11 -3.81 10.94
C GLN I 74 59.35 -3.31 12.34
N GLN I 75 58.77 -3.98 13.36
CA GLN I 75 58.98 -3.58 14.76
C GLN I 75 59.68 -4.75 15.46
N ARG I 76 60.66 -4.47 16.32
CA ARG I 76 61.40 -5.54 17.04
C ARG I 76 61.64 -5.09 18.47
N TRP I 77 61.36 -5.96 19.44
CA TRP I 77 61.68 -5.69 20.87
C TRP I 77 61.96 -7.04 21.57
N LYS I 78 62.25 -7.02 22.85
CA LYS I 78 62.66 -8.27 23.57
C LYS I 78 62.20 -8.18 25.01
N LEU I 79 61.50 -9.23 25.47
CA LEU I 79 60.97 -9.33 26.85
C LEU I 79 61.53 -10.60 27.50
N ASN I 80 62.07 -10.47 28.71
CA ASN I 80 62.54 -11.65 29.51
C ASN I 80 61.36 -12.61 29.75
N SER I 81 60.15 -12.06 29.96
CA SER I 81 58.91 -12.85 30.19
C SER I 81 58.49 -13.73 29.00
N LEU I 82 59.07 -13.58 27.79
CA LEU I 82 58.68 -14.41 26.63
C LEU I 82 59.75 -15.46 26.36
N MET I 83 60.66 -15.67 27.31
CA MET I 83 61.79 -16.61 27.13
C MET I 83 61.35 -18.06 27.39
N TRP I 84 61.88 -18.99 26.63
CA TRP I 84 61.75 -20.42 26.98
C TRP I 84 63.00 -21.17 26.58
N ASP I 85 63.18 -22.33 27.18
CA ASP I 85 64.24 -23.28 26.81
C ASP I 85 63.70 -24.18 25.72
N PRO I 86 64.19 -24.10 24.46
CA PRO I 86 63.69 -24.96 23.40
C PRO I 86 63.77 -26.47 23.66
N ASN I 87 64.72 -26.92 24.48
CA ASN I 87 64.86 -28.35 24.90
C ASN I 87 63.58 -28.81 25.64
N GLU I 88 62.94 -27.97 26.45
CA GLU I 88 61.67 -28.31 27.16
C GLU I 88 60.49 -28.44 26.16
N TYR I 89 60.60 -28.00 24.90
CA TYR I 89 59.46 -27.85 23.94
C TYR I 89 59.81 -28.34 22.55
N GLY I 90 60.42 -29.52 22.46
CA GLY I 90 60.54 -30.19 21.16
C GLY I 90 61.49 -29.44 20.24
N ASN I 91 62.40 -28.66 20.79
CA ASN I 91 63.39 -27.84 20.03
C ASN I 91 62.70 -26.70 19.25
N ILE I 92 61.47 -26.31 19.61
CA ILE I 92 60.86 -25.07 19.02
C ILE I 92 61.72 -23.88 19.40
N THR I 93 62.17 -23.10 18.42
CA THR I 93 63.00 -21.88 18.65
C THR I 93 62.18 -20.57 18.45
N ASP I 94 61.04 -20.68 17.76
CA ASP I 94 60.16 -19.51 17.55
C ASP I 94 58.75 -19.98 17.19
N PHE I 95 57.79 -19.06 17.20
CA PHE I 95 56.41 -19.41 16.84
C PHE I 95 55.67 -18.12 16.42
N ARG I 96 54.68 -18.32 15.55
CA ARG I 96 53.72 -17.28 15.12
C ARG I 96 52.60 -17.25 16.17
N THR I 97 52.15 -16.05 16.52
CA THR I 97 51.02 -15.87 17.43
C THR I 97 50.28 -14.58 17.07
N SER I 98 49.00 -14.56 17.41
CA SER I 98 48.14 -13.36 17.37
C SER I 98 48.78 -12.26 18.20
N ALA I 99 48.91 -11.07 17.63
CA ALA I 99 49.39 -9.87 18.33
C ALA I 99 48.52 -9.61 19.56
N ALA I 100 47.27 -10.05 19.62
CA ALA I 100 46.41 -9.87 20.82
C ALA I 100 46.95 -10.69 22.01
N ASP I 101 47.74 -11.74 21.78
CA ASP I 101 48.27 -12.60 22.88
C ASP I 101 49.38 -11.88 23.67
N ILE I 102 50.04 -10.89 23.08
CA ILE I 102 51.29 -10.27 23.59
C ILE I 102 51.11 -8.77 23.70
N TRP I 103 51.89 -8.16 24.56
CA TRP I 103 52.07 -6.69 24.52
C TRP I 103 52.68 -6.29 23.16
N THR I 104 52.22 -5.17 22.58
CA THR I 104 52.82 -4.56 21.37
C THR I 104 53.00 -3.07 21.64
N PRO I 105 54.05 -2.41 21.09
CA PRO I 105 54.31 -1.00 21.38
C PRO I 105 53.25 -0.09 20.71
N ASP I 106 52.93 1.03 21.32
CA ASP I 106 51.93 2.03 20.82
C ASP I 106 52.58 3.02 19.84
N ILE I 107 53.27 2.51 18.82
CA ILE I 107 53.97 3.31 17.78
C ILE I 107 52.88 4.02 16.95
N THR I 108 52.94 5.33 16.94
CA THR I 108 51.89 6.23 16.40
C THR I 108 52.55 7.24 15.45
N ALA I 109 51.95 7.48 14.29
CA ALA I 109 52.30 8.59 13.38
C ALA I 109 51.77 9.86 14.03
N TYR I 110 52.63 10.85 14.22
CA TYR I 110 52.31 12.09 14.96
CA TYR I 110 52.33 12.11 14.95
C TYR I 110 51.50 13.11 14.12
N SER I 111 51.42 12.92 12.82
CA SER I 111 50.77 13.92 11.92
C SER I 111 49.84 13.18 10.95
N SER I 112 49.20 12.10 11.44
CA SER I 112 48.14 11.39 10.69
C SER I 112 46.93 12.32 10.62
N THR I 113 46.12 12.22 9.54
CA THR I 113 44.84 12.97 9.46
C THR I 113 43.63 12.04 9.47
N ARG I 114 43.84 10.73 9.49
CA ARG I 114 42.80 9.67 9.40
CA ARG I 114 42.78 9.69 9.48
C ARG I 114 43.33 8.50 10.23
N PRO I 115 42.49 7.67 10.88
CA PRO I 115 43.00 6.45 11.50
C PRO I 115 43.73 5.65 10.43
N VAL I 116 44.83 5.05 10.83
CA VAL I 116 45.62 4.14 9.95
CA VAL I 116 45.61 4.17 9.92
C VAL I 116 44.72 2.97 9.53
N GLN I 117 44.82 2.51 8.29
CA GLN I 117 44.09 1.31 7.84
C GLN I 117 45.07 0.14 7.86
N VAL I 118 44.68 -0.99 8.42
CA VAL I 118 45.66 -2.12 8.53
C VAL I 118 45.40 -3.04 7.38
N LEU I 119 46.46 -3.43 6.68
CA LEU I 119 46.35 -4.22 5.42
C LEU I 119 46.91 -5.62 5.60
N SER I 120 47.40 -5.99 6.78
CA SER I 120 48.05 -7.31 6.98
C SER I 120 47.46 -7.95 8.26
N PRO I 121 47.52 -9.29 8.34
CA PRO I 121 47.12 -9.99 9.57
C PRO I 121 47.93 -9.55 10.80
N GLN I 122 47.29 -9.47 11.96
CA GLN I 122 47.99 -8.96 13.17
CA GLN I 122 47.88 -9.01 13.23
C GLN I 122 48.57 -10.19 13.91
N ILE I 123 49.64 -10.70 13.33
CA ILE I 123 50.35 -11.94 13.77
C ILE I 123 51.83 -11.59 13.89
N ALA I 124 52.45 -11.90 15.03
CA ALA I 124 53.86 -11.61 15.35
C ALA I 124 54.61 -12.94 15.48
N VAL I 125 55.91 -12.87 15.43
CA VAL I 125 56.79 -14.08 15.63
C VAL I 125 57.55 -13.84 16.93
N VAL I 126 57.43 -14.78 17.87
CA VAL I 126 58.13 -14.78 19.18
C VAL I 126 59.27 -15.81 19.08
N THR I 127 60.48 -15.43 19.49
CA THR I 127 61.68 -16.29 19.46
C THR I 127 62.01 -16.64 20.93
N HIS I 128 62.72 -17.75 21.12
CA HIS I 128 63.01 -18.33 22.46
C HIS I 128 63.84 -17.43 23.37
N ASP I 129 64.63 -16.50 22.81
CA ASP I 129 65.34 -15.49 23.65
C ASP I 129 64.38 -14.38 24.16
N GLY I 130 63.08 -14.40 23.82
CA GLY I 130 62.13 -13.37 24.27
C GLY I 130 61.98 -12.24 23.26
N SER I 131 62.63 -12.35 22.10
CA SER I 131 62.56 -11.30 21.05
C SER I 131 61.26 -11.49 20.24
N VAL I 132 60.66 -10.38 19.82
CA VAL I 132 59.39 -10.36 19.06
C VAL I 132 59.66 -9.55 17.79
N MET I 133 59.22 -10.05 16.64
CA MET I 133 59.14 -9.22 15.42
C MET I 133 57.69 -9.14 14.97
N PHE I 134 57.24 -7.93 14.61
CA PHE I 134 55.85 -7.68 14.17
C PHE I 134 55.91 -6.68 13.02
N ILE I 135 55.33 -7.05 11.86
CA ILE I 135 55.50 -6.28 10.59
C ILE I 135 54.13 -5.87 10.04
N PRO I 136 53.41 -4.94 10.69
CA PRO I 136 52.10 -4.47 10.18
C PRO I 136 52.21 -3.62 8.89
N ALA I 137 51.45 -4.00 7.87
CA ALA I 137 51.21 -3.20 6.66
C ALA I 137 50.10 -2.19 6.97
N GLN I 138 50.28 -0.96 6.54
CA GLN I 138 49.40 0.19 6.84
C GLN I 138 49.19 1.04 5.58
N ARG I 139 48.04 1.70 5.52
CA ARG I 139 47.80 2.91 4.69
C ARG I 139 47.59 4.10 5.63
N LEU I 140 48.44 5.11 5.49
CA LEU I 140 48.48 6.33 6.32
C LEU I 140 48.14 7.54 5.43
N SER I 141 47.22 8.40 5.86
CA SER I 141 47.07 9.79 5.38
C SER I 141 47.79 10.68 6.37
N PHE I 142 48.73 11.53 5.91
CA PHE I 142 49.48 12.44 6.79
C PHE I 142 49.62 13.82 6.16
N MET I 143 50.01 14.77 6.99
CA MET I 143 50.10 16.22 6.61
C MET I 143 51.34 16.42 5.73
N CYS I 144 51.13 16.79 4.48
CA CYS I 144 52.18 16.91 3.45
C CYS I 144 51.68 17.81 2.31
N ASP I 145 52.40 18.87 2.03
CA ASP I 145 52.05 19.84 0.96
C ASP I 145 52.67 19.32 -0.32
N PRO I 146 51.89 18.80 -1.28
CA PRO I 146 52.49 18.31 -2.51
C PRO I 146 52.74 19.37 -3.61
N THR I 147 52.64 20.65 -3.30
CA THR I 147 52.89 21.74 -4.28
C THR I 147 54.30 21.58 -4.86
N GLY I 148 54.39 21.37 -6.19
CA GLY I 148 55.68 21.25 -6.90
C GLY I 148 56.10 19.80 -7.09
N VAL I 149 55.21 18.85 -6.77
CA VAL I 149 55.48 17.41 -7.05
C VAL I 149 55.62 17.19 -8.57
N ASP I 150 55.02 18.03 -9.44
CA ASP I 150 55.12 17.86 -10.91
C ASP I 150 56.39 18.54 -11.47
N SER I 151 57.39 18.87 -10.67
CA SER I 151 58.64 19.55 -11.08
C SER I 151 59.83 18.61 -10.98
N GLU I 152 60.97 19.04 -11.53
CA GLU I 152 62.25 18.30 -11.45
C GLU I 152 62.65 18.07 -10.00
N GLU I 153 62.60 19.12 -9.20
CA GLU I 153 63.07 19.13 -7.79
C GLU I 153 62.11 18.26 -6.93
N GLY I 154 60.85 18.13 -7.30
CA GLY I 154 59.84 17.41 -6.50
C GLY I 154 59.60 18.06 -5.15
N VAL I 155 59.15 17.27 -4.18
CA VAL I 155 58.67 17.76 -2.85
CA VAL I 155 58.68 17.76 -2.84
C VAL I 155 59.26 16.85 -1.77
N THR I 156 59.45 17.41 -0.59
CA THR I 156 59.87 16.69 0.63
C THR I 156 58.71 16.75 1.62
N CYS I 157 58.41 15.60 2.18
CA CYS I 157 57.43 15.51 3.30
C CYS I 157 58.06 14.63 4.41
N ALA I 158 57.56 14.80 5.60
CA ALA I 158 58.08 14.08 6.79
C ALA I 158 56.93 13.68 7.70
N VAL I 159 57.09 12.55 8.36
CA VAL I 159 56.15 12.11 9.42
C VAL I 159 56.96 11.37 10.51
N LYS I 160 56.73 11.75 11.75
CA LYS I 160 57.38 11.13 12.94
C LYS I 160 56.56 9.94 13.44
N PHE I 161 57.23 8.83 13.76
CA PHE I 161 56.61 7.63 14.37
C PHE I 161 57.24 7.41 15.74
N GLY I 162 56.43 7.36 16.79
CA GLY I 162 56.94 7.00 18.14
C GLY I 162 55.83 6.65 19.08
N SER I 163 56.19 6.24 20.32
CA SER I 163 55.21 6.03 21.38
C SER I 163 54.40 7.31 21.59
N TRP I 164 53.08 7.17 21.74
CA TRP I 164 52.18 8.30 22.08
C TRP I 164 52.33 8.62 23.57
N VAL I 165 52.53 7.58 24.42
CA VAL I 165 52.36 7.74 25.91
C VAL I 165 53.64 7.44 26.71
N TYR I 166 54.67 6.81 26.15
CA TYR I 166 55.92 6.47 26.88
C TYR I 166 57.06 7.39 26.45
N SER I 167 57.68 8.06 27.42
CA SER I 167 58.88 8.92 27.24
C SER I 167 60.07 8.04 26.92
N GLY I 168 61.18 8.68 26.55
CA GLY I 168 62.50 8.03 26.38
C GLY I 168 62.93 7.19 27.58
N PHE I 169 62.43 7.46 28.77
CA PHE I 169 62.79 6.68 29.99
C PHE I 169 62.05 5.34 30.04
N GLU I 170 61.02 5.07 29.19
CA GLU I 170 60.36 3.74 29.14
C GLU I 170 60.55 3.08 27.78
N ILE I 171 60.36 3.83 26.69
CA ILE I 171 60.61 3.30 25.31
C ILE I 171 61.67 4.16 24.63
N ASP I 172 62.76 3.52 24.21
CA ASP I 172 63.77 4.10 23.31
C ASP I 172 63.54 3.45 21.97
N LEU I 173 63.95 4.12 20.89
CA LEU I 173 63.84 3.56 19.51
C LEU I 173 65.22 3.54 18.91
N LYS I 174 65.38 2.68 17.92
CA LYS I 174 66.51 2.78 16.98
C LYS I 174 66.10 2.25 15.61
N THR I 175 66.93 2.53 14.62
CA THR I 175 66.86 1.89 13.30
C THR I 175 68.09 1.00 13.18
N ASP I 176 68.00 -0.03 12.34
CA ASP I 176 69.15 -0.83 11.87
C ASP I 176 69.87 -0.06 10.76
N THR I 177 69.16 0.79 10.01
CA THR I 177 69.70 1.59 8.88
C THR I 177 68.87 2.86 8.80
N ASP I 178 69.46 3.93 8.29
CA ASP I 178 68.73 5.20 8.05
C ASP I 178 68.11 5.16 6.65
N GLN I 179 68.33 4.13 5.84
CA GLN I 179 67.77 4.04 4.47
C GLN I 179 66.45 3.25 4.55
N VAL I 180 65.35 3.90 4.16
CA VAL I 180 64.03 3.21 3.98
C VAL I 180 64.26 2.16 2.91
N ASP I 181 63.66 0.98 3.07
CA ASP I 181 63.73 -0.09 2.06
C ASP I 181 62.78 0.27 0.91
N LEU I 182 63.33 0.39 -0.30
CA LEU I 182 62.60 0.76 -1.55
C LEU I 182 62.57 -0.43 -2.49
N SER I 183 63.00 -1.62 -2.03
CA SER I 183 63.14 -2.81 -2.89
C SER I 183 61.77 -3.37 -3.32
N SER I 184 60.67 -2.99 -2.66
CA SER I 184 59.30 -3.38 -3.05
C SER I 184 58.45 -2.16 -3.46
N TYR I 185 59.07 -1.05 -3.86
CA TYR I 185 58.33 0.17 -4.26
C TYR I 185 57.65 -0.12 -5.60
N TYR I 186 56.37 0.25 -5.71
CA TYR I 186 55.55 -0.05 -6.92
C TYR I 186 56.20 0.68 -8.10
N ALA I 187 56.60 -0.07 -9.12
CA ALA I 187 57.34 0.44 -10.29
C ALA I 187 56.44 1.33 -11.15
N SER I 188 55.11 1.18 -11.12
CA SER I 188 54.18 2.04 -11.90
C SER I 188 53.43 3.01 -11.00
N SER I 189 53.93 3.33 -9.81
CA SER I 189 53.35 4.42 -9.00
C SER I 189 53.27 5.72 -9.87
N LYS I 190 52.35 6.63 -9.53
CA LYS I 190 52.37 8.00 -10.11
C LYS I 190 53.60 8.76 -9.64
N TYR I 191 54.28 8.31 -8.55
CA TYR I 191 55.35 9.07 -7.88
C TYR I 191 56.63 8.23 -7.78
N GLU I 192 57.73 8.86 -8.17
CA GLU I 192 59.11 8.36 -8.14
C GLU I 192 59.70 8.81 -6.80
N ILE I 193 60.37 7.91 -6.09
CA ILE I 193 61.07 8.28 -4.85
C ILE I 193 62.46 8.82 -5.22
N LEU I 194 62.80 10.00 -4.79
CA LEU I 194 64.15 10.57 -4.97
C LEU I 194 65.01 10.19 -3.76
N SER I 195 64.47 10.24 -2.55
CA SER I 195 65.16 9.74 -1.33
C SER I 195 64.14 9.40 -0.26
N ALA I 196 64.52 8.50 0.64
CA ALA I 196 63.67 8.02 1.73
C ALA I 196 64.54 7.58 2.92
N THR I 197 64.51 8.36 3.98
CA THR I 197 65.32 8.11 5.19
C THR I 197 64.41 7.93 6.40
N GLN I 198 64.96 7.26 7.42
CA GLN I 198 64.32 6.98 8.70
C GLN I 198 65.35 7.21 9.81
N THR I 199 65.15 8.23 10.64
CA THR I 199 66.21 8.73 11.54
C THR I 199 65.64 8.94 12.95
N ARG I 200 66.31 8.36 13.94
CA ARG I 200 65.97 8.59 15.36
C ARG I 200 66.03 10.09 15.66
N GLN I 201 65.14 10.57 16.50
CA GLN I 201 65.06 11.99 16.91
CA GLN I 201 65.00 12.00 16.87
C GLN I 201 64.48 12.07 18.31
N VAL I 202 64.85 13.13 19.02
CA VAL I 202 64.31 13.51 20.35
C VAL I 202 63.37 14.70 20.13
N GLN I 203 62.23 14.72 20.83
CA GLN I 203 61.24 15.83 20.82
C GLN I 203 60.79 16.04 22.27
N HIS I 204 60.28 17.25 22.58
CA HIS I 204 59.63 17.59 23.86
C HIS I 204 58.25 18.13 23.53
N TYR I 205 57.32 17.97 24.47
CA TYR I 205 55.89 18.35 24.31
C TYR I 205 55.52 19.23 25.50
N SER I 206 54.51 20.08 25.31
CA SER I 206 54.03 21.06 26.32
C SER I 206 53.67 20.34 27.64
N CYS I 207 53.01 19.16 27.60
CA CYS I 207 52.38 18.51 28.79
C CYS I 207 53.44 18.08 29.81
N CYS I 208 54.67 17.82 29.37
CA CYS I 208 55.61 16.85 29.99
C CYS I 208 57.04 17.39 29.85
N PRO I 209 57.90 17.38 30.91
CA PRO I 209 59.31 17.75 30.75
C PRO I 209 60.22 16.72 30.03
N GLU I 210 59.83 15.44 29.99
CA GLU I 210 60.76 14.33 29.60
C GLU I 210 60.91 14.29 28.08
N PRO I 211 62.06 13.80 27.56
CA PRO I 211 62.22 13.59 26.12
C PRO I 211 61.40 12.40 25.62
N TYR I 212 60.80 12.56 24.43
CA TYR I 212 60.07 11.52 23.67
C TYR I 212 60.90 11.22 22.43
N ILE I 213 60.98 9.96 22.05
CA ILE I 213 61.84 9.50 20.94
C ILE I 213 60.93 9.21 19.77
N ASP I 214 61.33 9.59 18.56
CA ASP I 214 60.58 9.16 17.35
C ASP I 214 61.57 8.73 16.29
N VAL I 215 61.06 8.07 15.27
CA VAL I 215 61.79 7.82 14.00
C VAL I 215 61.13 8.71 12.93
N ASN I 216 61.92 9.64 12.39
CA ASN I 216 61.44 10.65 11.40
C ASN I 216 61.59 10.02 10.04
N LEU I 217 60.46 9.77 9.37
CA LEU I 217 60.41 9.24 8.00
C LEU I 217 60.36 10.45 7.07
N VAL I 218 61.38 10.62 6.23
CA VAL I 218 61.55 11.80 5.31
C VAL I 218 61.61 11.25 3.90
N VAL I 219 60.66 11.68 3.08
CA VAL I 219 60.49 11.14 1.71
CA VAL I 219 60.50 11.14 1.72
C VAL I 219 60.49 12.33 0.74
N LYS I 220 61.37 12.28 -0.25
CA LYS I 220 61.43 13.27 -1.33
C LYS I 220 60.94 12.53 -2.56
N PHE I 221 59.95 13.09 -3.24
CA PHE I 221 59.31 12.41 -4.37
C PHE I 221 58.87 13.42 -5.44
N ARG I 222 58.52 12.88 -6.59
CA ARG I 222 58.00 13.71 -7.71
C ARG I 222 57.20 12.83 -8.64
N GLU I 223 56.37 13.44 -9.47
CA GLU I 223 55.61 12.70 -10.50
C GLU I 223 56.57 11.95 -11.43
N ARG I 224 56.19 10.72 -11.82
CA ARG I 224 56.95 9.82 -12.72
C ARG I 224 56.73 10.29 -14.17
N GLN J 20 56.46 -6.38 34.83
CA GLN J 20 57.21 -6.35 36.10
C GLN J 20 56.35 -6.30 37.33
N ALA J 21 56.97 -6.82 38.38
CA ALA J 21 56.24 -7.58 39.41
C ALA J 21 55.45 -6.57 40.24
N ASN J 22 56.06 -5.47 40.66
CA ASN J 22 55.40 -4.46 41.51
C ASN J 22 54.27 -3.80 40.71
N LEU J 23 54.49 -3.48 39.42
CA LEU J 23 53.42 -2.86 38.59
C LEU J 23 52.28 -3.86 38.39
N MET J 24 52.57 -5.13 38.13
CA MET J 24 51.50 -6.17 37.99
C MET J 24 50.68 -6.26 39.28
N ARG J 25 51.31 -6.20 40.46
CA ARG J 25 50.56 -6.23 41.74
C ARG J 25 49.69 -4.99 41.87
N LEU J 26 50.26 -3.81 41.60
CA LEU J 26 49.52 -2.53 41.71
C LEU J 26 48.24 -2.58 40.86
N LYS J 27 48.35 -2.94 39.60
CA LYS J 27 47.20 -2.96 38.67
C LYS J 27 46.18 -4.01 39.13
N SER J 28 46.63 -5.19 39.56
CA SER J 28 45.76 -6.20 40.19
C SER J 28 44.98 -5.62 41.38
N ASP J 29 45.64 -4.93 42.31
CA ASP J 29 45.02 -4.35 43.51
C ASP J 29 44.04 -3.23 43.14
N LEU J 30 44.39 -2.36 42.20
CA LEU J 30 43.49 -1.23 41.80
C LEU J 30 42.26 -1.70 41.04
N PHE J 31 42.39 -2.67 40.14
CA PHE J 31 41.38 -3.00 39.09
C PHE J 31 40.63 -4.32 39.36
N ASN J 32 41.26 -5.37 39.91
CA ASN J 32 40.63 -6.72 40.03
C ASN J 32 39.84 -6.89 41.33
N ARG J 33 40.21 -6.24 42.43
CA ARG J 33 39.55 -6.43 43.77
C ARG J 33 38.70 -5.21 44.12
N SER J 34 38.05 -4.56 43.14
CA SER J 34 36.97 -3.55 43.40
C SER J 34 36.10 -3.35 42.17
N PRO J 35 34.85 -2.80 42.28
CA PRO J 35 34.02 -2.47 41.12
C PRO J 35 34.62 -1.21 40.49
N MET J 36 34.31 -0.95 39.22
CA MET J 36 34.78 0.32 38.60
CA MET J 36 34.61 0.32 38.50
C MET J 36 34.09 1.48 39.36
N TYR J 37 34.78 2.61 39.40
CA TYR J 37 34.22 3.89 39.83
C TYR J 37 32.93 4.09 39.01
N PRO J 38 31.75 4.36 39.63
CA PRO J 38 30.50 4.53 38.88
C PRO J 38 30.30 5.96 38.34
N GLY J 39 31.37 6.74 38.28
CA GLY J 39 31.33 8.11 37.77
C GLY J 39 30.94 9.07 38.89
N PRO J 40 30.99 10.39 38.64
CA PRO J 40 30.70 11.38 39.67
C PRO J 40 29.21 11.51 39.97
N THR J 41 28.94 12.14 41.11
CA THR J 41 27.57 12.39 41.64
C THR J 41 27.54 13.79 42.27
N LYS J 42 26.36 14.29 42.62
CA LYS J 42 26.23 15.61 43.29
C LYS J 42 26.99 15.57 44.63
N ASP J 43 27.05 14.43 45.29
CA ASP J 43 27.76 14.25 46.59
C ASP J 43 29.27 14.14 46.40
N ASP J 44 29.79 13.61 45.28
CA ASP J 44 31.25 13.51 45.01
C ASP J 44 31.49 13.98 43.58
N PRO J 45 31.40 15.31 43.33
CA PRO J 45 31.63 15.87 42.00
C PRO J 45 33.11 15.90 41.67
N LEU J 46 33.37 16.17 40.40
CA LEU J 46 34.69 16.08 39.76
CA LEU J 46 34.68 16.04 39.73
C LEU J 46 34.90 17.31 38.89
N THR J 47 36.13 17.82 38.85
CA THR J 47 36.58 18.90 37.93
C THR J 47 37.51 18.26 36.90
N VAL J 48 37.21 18.39 35.60
CA VAL J 48 38.09 17.90 34.52
C VAL J 48 38.76 19.14 33.95
N THR J 49 40.08 19.14 33.87
CA THR J 49 40.86 20.19 33.17
C THR J 49 40.96 19.77 31.70
N LEU J 50 40.60 20.68 30.78
CA LEU J 50 40.75 20.48 29.32
C LEU J 50 41.74 21.52 28.77
N GLY J 51 42.47 21.09 27.75
CA GLY J 51 43.23 21.98 26.85
C GLY J 51 43.40 21.34 25.49
N PHE J 52 43.57 22.17 24.45
CA PHE J 52 43.68 21.69 23.05
C PHE J 52 45.05 22.04 22.51
N THR J 53 45.64 21.10 21.78
CA THR J 53 46.81 21.32 20.91
C THR J 53 46.29 21.19 19.49
N LEU J 54 46.15 22.31 18.79
CA LEU J 54 45.59 22.28 17.41
C LEU J 54 46.69 21.94 16.41
N GLN J 55 46.55 20.83 15.66
CA GLN J 55 47.61 20.40 14.72
C GLN J 55 47.31 20.89 13.29
N ASP J 56 46.05 20.96 12.89
CA ASP J 56 45.72 21.30 11.47
C ASP J 56 44.24 21.62 11.32
N ILE J 57 43.92 22.63 10.51
CA ILE J 57 42.61 22.75 9.83
C ILE J 57 42.83 22.05 8.50
N VAL J 58 42.32 20.84 8.37
CA VAL J 58 42.63 19.89 7.26
CA VAL J 58 42.72 19.97 7.24
C VAL J 58 41.78 20.24 6.05
N LYS J 59 40.52 20.55 6.32
CA LYS J 59 39.53 20.65 5.22
C LYS J 59 38.42 21.62 5.60
N VAL J 60 37.93 22.30 4.58
CA VAL J 60 36.79 23.24 4.63
C VAL J 60 35.83 22.74 3.53
N ASP J 61 34.55 22.57 3.84
CA ASP J 61 33.54 22.21 2.83
C ASP J 61 32.53 23.38 2.76
N SER J 62 32.66 24.27 1.77
CA SER J 62 31.73 25.41 1.59
C SER J 62 30.35 24.97 1.10
N SER J 63 30.15 23.75 0.60
CA SER J 63 28.81 23.28 0.19
CA SER J 63 28.81 23.27 0.19
C SER J 63 27.96 22.83 1.39
N THR J 64 28.59 22.40 2.51
CA THR J 64 27.85 21.85 3.70
C THR J 64 28.11 22.67 4.96
N ASN J 65 29.03 23.65 4.94
CA ASN J 65 29.48 24.41 6.15
C ASN J 65 29.93 23.42 7.23
N GLU J 66 30.84 22.54 6.85
CA GLU J 66 31.59 21.62 7.74
C GLU J 66 33.08 21.94 7.60
N VAL J 67 33.79 22.01 8.74
CA VAL J 67 35.26 22.17 8.74
C VAL J 67 35.87 21.04 9.59
N ASP J 68 37.02 20.53 9.16
CA ASP J 68 37.70 19.36 9.80
C ASP J 68 38.97 19.83 10.50
N LEU J 69 39.02 19.57 11.80
CA LEU J 69 40.18 19.87 12.65
C LEU J 69 40.91 18.58 13.06
N VAL J 70 42.21 18.65 13.19
CA VAL J 70 43.06 17.58 13.80
C VAL J 70 43.72 18.24 15.01
N TYR J 71 43.52 17.64 16.18
CA TYR J 71 44.05 18.18 17.44
C TYR J 71 44.29 17.01 18.42
N TYR J 72 44.91 17.35 19.55
CA TYR J 72 44.83 16.44 20.72
C TYR J 72 44.42 17.25 21.95
N GLU J 73 43.58 16.59 22.73
CA GLU J 73 42.82 17.18 23.83
C GLU J 73 43.45 16.60 25.10
N GLN J 74 44.07 17.42 25.93
CA GLN J 74 44.57 17.00 27.27
C GLN J 74 43.41 17.06 28.27
N GLN J 75 43.09 15.91 28.87
CA GLN J 75 42.08 15.75 29.93
C GLN J 75 42.79 15.34 31.22
N ARG J 76 42.44 15.95 32.34
CA ARG J 76 43.05 15.64 33.65
C ARG J 76 41.95 15.66 34.71
N TRP J 77 41.90 14.63 35.55
CA TRP J 77 40.98 14.58 36.70
C TRP J 77 41.68 13.80 37.82
N LYS J 78 41.02 13.66 38.96
CA LYS J 78 41.62 12.99 40.14
C LYS J 78 40.56 12.23 40.91
N LEU J 79 40.82 10.95 41.20
CA LEU J 79 39.90 10.06 41.96
C LEU J 79 40.64 9.52 43.20
N ASN J 80 40.05 9.69 44.40
CA ASN J 80 40.53 9.01 45.64
C ASN J 80 40.69 7.48 45.42
N SER J 81 39.79 6.84 44.67
CA SER J 81 39.81 5.37 44.42
C SER J 81 41.04 4.93 43.61
N LEU J 82 41.85 5.82 43.00
CA LEU J 82 43.04 5.41 42.19
C LEU J 82 44.34 5.75 42.94
N MET J 83 44.24 6.15 44.22
CA MET J 83 45.40 6.44 45.08
C MET J 83 46.06 5.12 45.54
N TRP J 84 47.38 5.15 45.61
CA TRP J 84 48.18 4.11 46.28
C TRP J 84 49.37 4.77 46.99
N ASP J 85 49.95 3.98 47.90
CA ASP J 85 51.20 4.33 48.62
C ASP J 85 52.35 3.77 47.83
N PRO J 86 53.20 4.60 47.18
CA PRO J 86 54.31 4.10 46.39
C PRO J 86 55.25 3.14 47.14
N ASN J 87 55.37 3.31 48.46
CA ASN J 87 56.24 2.43 49.29
CA ASN J 87 56.22 2.43 49.33
C ASN J 87 55.70 0.99 49.28
N GLU J 88 54.39 0.76 49.15
CA GLU J 88 53.83 -0.62 49.09
CA GLU J 88 53.87 -0.64 49.10
C GLU J 88 54.08 -1.26 47.70
N TYR J 89 54.62 -0.52 46.72
CA TYR J 89 54.70 -0.99 45.30
C TYR J 89 56.02 -0.58 44.65
N GLY J 90 57.13 -0.86 45.33
CA GLY J 90 58.48 -0.61 44.80
C GLY J 90 58.73 0.83 44.35
N ASN J 91 58.13 1.82 45.03
CA ASN J 91 58.30 3.28 44.75
C ASN J 91 57.69 3.67 43.39
N ILE J 92 56.77 2.88 42.82
CA ILE J 92 56.05 3.29 41.55
C ILE J 92 55.19 4.52 41.90
N THR J 93 55.38 5.61 41.16
CA THR J 93 54.62 6.88 41.34
C THR J 93 53.58 7.09 40.21
N ASP J 94 53.72 6.40 39.09
CA ASP J 94 52.70 6.51 38.00
C ASP J 94 52.78 5.27 37.12
N PHE J 95 51.73 5.05 36.32
CA PHE J 95 51.77 3.98 35.31
C PHE J 95 50.88 4.32 34.11
N ARG J 96 51.24 3.72 33.00
CA ARG J 96 50.44 3.76 31.75
C ARG J 96 49.43 2.63 31.86
N THR J 97 48.19 2.89 31.48
CA THR J 97 47.15 1.84 31.44
C THR J 97 46.15 2.11 30.33
N SER J 98 45.61 1.06 29.77
CA SER J 98 44.46 1.09 28.85
C SER J 98 43.37 1.99 29.46
N ALA J 99 42.81 2.91 28.67
CA ALA J 99 41.69 3.75 29.09
C ALA J 99 40.44 2.89 29.39
N ALA J 100 40.34 1.68 28.86
CA ALA J 100 39.26 0.69 29.15
C ALA J 100 39.32 0.24 30.62
N ASP J 101 40.46 0.33 31.28
CA ASP J 101 40.64 -0.11 32.70
C ASP J 101 40.01 0.89 33.68
N ILE J 102 39.73 2.14 33.28
CA ILE J 102 39.37 3.23 34.21
C ILE J 102 38.14 3.97 33.69
N TRP J 103 37.44 4.66 34.57
CA TRP J 103 36.45 5.68 34.16
C TRP J 103 37.14 6.78 33.35
N THR J 104 36.52 7.25 32.27
CA THR J 104 36.98 8.45 31.52
C THR J 104 35.77 9.37 31.31
N PRO J 105 35.94 10.71 31.32
CA PRO J 105 34.80 11.61 31.19
C PRO J 105 34.25 11.56 29.75
N ASP J 106 32.95 11.73 29.63
CA ASP J 106 32.17 11.74 28.33
C ASP J 106 32.26 13.11 27.65
N ILE J 107 33.48 13.62 27.44
CA ILE J 107 33.68 14.97 26.84
C ILE J 107 33.31 14.85 25.35
N THR J 108 32.37 15.69 24.92
CA THR J 108 31.69 15.56 23.62
C THR J 108 31.70 16.93 22.92
N ALA J 109 31.94 16.94 21.61
CA ALA J 109 31.78 18.18 20.81
C ALA J 109 30.27 18.38 20.55
N TYR J 110 29.72 19.53 20.89
CA TYR J 110 28.26 19.78 20.81
C TYR J 110 27.79 20.02 19.36
N SER J 111 28.67 20.27 18.42
CA SER J 111 28.23 20.58 17.04
C SER J 111 29.01 19.77 16.01
N SER J 112 29.46 18.57 16.38
CA SER J 112 30.05 17.61 15.42
C SER J 112 29.00 17.22 14.37
N THR J 113 29.45 16.87 13.16
CA THR J 113 28.56 16.37 12.09
C THR J 113 28.89 14.94 11.67
N ARG J 114 29.89 14.32 12.30
CA ARG J 114 30.38 12.96 12.00
CA ARG J 114 30.32 12.94 12.02
C ARG J 114 30.92 12.41 13.31
N PRO J 115 30.94 11.10 13.52
CA PRO J 115 31.62 10.59 14.72
C PRO J 115 33.09 11.02 14.67
N VAL J 116 33.64 11.41 15.79
CA VAL J 116 35.09 11.74 15.93
CA VAL J 116 35.07 11.77 15.87
C VAL J 116 35.92 10.54 15.47
N GLN J 117 37.04 10.78 14.79
CA GLN J 117 37.97 9.71 14.39
C GLN J 117 39.15 9.74 15.36
N VAL J 118 39.46 8.61 15.96
CA VAL J 118 40.49 8.52 17.04
C VAL J 118 41.83 8.29 16.35
N LEU J 119 42.83 9.13 16.63
CA LEU J 119 44.14 9.05 15.91
C LEU J 119 45.27 8.51 16.80
N SER J 120 45.01 8.33 18.10
CA SER J 120 46.06 7.98 19.10
C SER J 120 45.60 6.77 19.92
N PRO J 121 46.57 6.01 20.47
CA PRO J 121 46.27 4.89 21.37
C PRO J 121 45.47 5.34 22.60
N GLN J 122 44.51 4.51 22.99
CA GLN J 122 43.61 4.84 24.12
CA GLN J 122 43.59 4.74 24.12
C GLN J 122 44.30 4.29 25.40
N ILE J 123 45.33 5.02 25.81
CA ILE J 123 46.18 4.74 27.01
C ILE J 123 46.29 6.03 27.78
N ALA J 124 46.07 5.96 29.09
CA ALA J 124 46.16 7.09 30.04
C ALA J 124 47.31 6.84 31.03
N VAL J 125 47.65 7.86 31.80
CA VAL J 125 48.67 7.77 32.87
C VAL J 125 47.99 8.06 34.20
N VAL J 126 48.13 7.13 35.15
CA VAL J 126 47.58 7.28 36.52
C VAL J 126 48.77 7.55 37.45
N THR J 127 48.62 8.51 38.33
CA THR J 127 49.67 8.95 39.28
C THR J 127 49.17 8.54 40.66
N HIS J 128 50.11 8.28 41.59
CA HIS J 128 49.82 7.73 42.95
C HIS J 128 48.87 8.60 43.77
N ASP J 129 48.71 9.91 43.47
CA ASP J 129 47.73 10.77 44.18
C ASP J 129 46.31 10.55 43.62
N GLY J 130 46.14 9.66 42.63
CA GLY J 130 44.82 9.34 42.05
C GLY J 130 44.50 10.23 40.85
N SER J 131 45.46 11.03 40.39
CA SER J 131 45.28 11.96 39.26
C SER J 131 45.49 11.15 37.98
N VAL J 132 44.71 11.47 36.95
CA VAL J 132 44.82 10.77 35.65
C VAL J 132 45.03 11.86 34.59
N MET J 133 45.85 11.55 33.59
CA MET J 133 45.95 12.40 32.38
C MET J 133 45.76 11.52 31.16
N PHE J 134 44.91 11.97 30.25
CA PHE J 134 44.57 11.25 29.00
C PHE J 134 44.54 12.28 27.85
N ILE J 135 45.28 12.00 26.77
CA ILE J 135 45.49 12.99 25.68
C ILE J 135 45.10 12.37 24.33
N PRO J 136 43.81 12.12 24.07
CA PRO J 136 43.38 11.59 22.77
C PRO J 136 43.56 12.60 21.61
N ALA J 137 44.08 12.10 20.50
CA ALA J 137 44.18 12.84 19.23
C ALA J 137 42.95 12.46 18.45
N GLN J 138 42.31 13.46 17.82
CA GLN J 138 41.03 13.30 17.14
C GLN J 138 41.04 14.10 15.82
N ARG J 139 40.33 13.56 14.84
CA ARG J 139 39.80 14.38 13.71
C ARG J 139 38.31 14.61 13.89
N LEU J 140 37.89 15.89 13.89
CA LEU J 140 36.51 16.35 14.14
C LEU J 140 36.02 17.08 12.90
N SER J 141 34.86 16.72 12.36
CA SER J 141 34.06 17.60 11.46
C SER J 141 33.06 18.34 12.30
N PHE J 142 32.96 19.65 12.17
CA PHE J 142 31.98 20.42 12.94
C PHE J 142 31.40 21.55 12.08
N MET J 143 30.31 22.10 12.58
CA MET J 143 29.46 23.13 11.94
C MET J 143 30.22 24.45 11.89
N CYS J 144 30.56 24.90 10.69
CA CYS J 144 31.43 26.08 10.49
C CYS J 144 31.25 26.59 9.05
N ASP J 145 30.82 27.83 8.92
CA ASP J 145 30.68 28.52 7.61
C ASP J 145 32.02 29.14 7.25
N PRO J 146 32.75 28.61 6.25
CA PRO J 146 34.03 29.16 5.84
C PRO J 146 33.94 30.27 4.76
N THR J 147 32.76 30.83 4.49
CA THR J 147 32.63 31.98 3.56
C THR J 147 33.51 33.12 4.06
N GLY J 148 34.45 33.60 3.25
CA GLY J 148 35.37 34.69 3.65
C GLY J 148 36.73 34.20 4.10
N VAL J 149 36.96 32.89 4.11
CA VAL J 149 38.26 32.33 4.57
C VAL J 149 39.36 32.83 3.62
N ASP J 150 39.02 33.08 2.34
CA ASP J 150 40.02 33.55 1.33
C ASP J 150 40.31 35.05 1.43
N SER J 151 39.91 35.73 2.50
CA SER J 151 40.09 37.19 2.68
C SER J 151 41.14 37.47 3.76
N GLU J 152 41.56 38.73 3.89
CA GLU J 152 42.56 39.16 4.90
C GLU J 152 42.01 38.98 6.33
N GLU J 153 40.71 39.16 6.53
CA GLU J 153 40.11 39.15 7.90
C GLU J 153 39.76 37.70 8.27
N GLY J 154 39.60 36.82 7.30
CA GLY J 154 39.38 35.39 7.57
C GLY J 154 38.01 35.18 8.17
N VAL J 155 37.85 34.07 8.88
CA VAL J 155 36.54 33.61 9.41
CA VAL J 155 36.53 33.65 9.43
C VAL J 155 36.76 33.16 10.86
N THR J 156 35.71 33.17 11.65
CA THR J 156 35.71 32.67 13.04
C THR J 156 34.72 31.53 13.09
N CYS J 157 35.12 30.39 13.67
CA CYS J 157 34.22 29.27 13.96
C CYS J 157 34.46 28.82 15.41
N ALA J 158 33.48 28.13 15.95
CA ALA J 158 33.45 27.78 17.39
C ALA J 158 32.79 26.42 17.57
N VAL J 159 33.32 25.65 18.51
CA VAL J 159 32.69 24.38 18.93
C VAL J 159 32.89 24.23 20.45
N LYS J 160 31.81 23.81 21.10
CA LYS J 160 31.73 23.60 22.58
C LYS J 160 32.08 22.14 22.86
N PHE J 161 32.92 21.91 23.86
CA PHE J 161 33.27 20.57 24.40
C PHE J 161 32.80 20.45 25.84
N GLY J 162 32.04 19.41 26.12
CA GLY J 162 31.53 19.22 27.49
C GLY J 162 30.89 17.88 27.68
N SER J 163 30.58 17.57 28.93
CA SER J 163 29.86 16.32 29.25
C SER J 163 28.54 16.34 28.49
N TRP J 164 28.19 15.23 27.90
CA TRP J 164 26.87 15.08 27.24
C TRP J 164 25.77 14.91 28.30
N VAL J 165 26.08 14.20 29.39
CA VAL J 165 25.01 13.72 30.31
C VAL J 165 25.17 14.22 31.75
N TYR J 166 26.27 14.82 32.17
CA TYR J 166 26.50 15.30 33.56
C TYR J 166 26.41 16.83 33.57
N SER J 167 25.53 17.35 34.44
CA SER J 167 25.42 18.79 34.75
C SER J 167 26.66 19.26 35.50
N GLY J 168 26.77 20.55 35.72
CA GLY J 168 27.83 21.20 36.52
C GLY J 168 27.83 20.74 37.97
N PHE J 169 26.73 20.17 38.45
CA PHE J 169 26.67 19.58 39.83
C PHE J 169 27.43 18.26 39.92
N GLU J 170 27.77 17.60 38.79
CA GLU J 170 28.61 16.36 38.81
C GLU J 170 29.95 16.59 38.11
N ILE J 171 29.97 17.23 36.94
CA ILE J 171 31.24 17.52 36.21
C ILE J 171 31.34 19.03 36.00
N ASP J 172 32.35 19.63 36.60
CA ASP J 172 32.79 21.01 36.32
C ASP J 172 34.00 20.91 35.39
N LEU J 173 34.26 21.95 34.63
CA LEU J 173 35.46 22.03 33.75
C LEU J 173 36.28 23.24 34.13
N LYS J 174 37.56 23.16 33.77
CA LYS J 174 38.41 24.36 33.71
C LYS J 174 39.48 24.17 32.64
N THR J 175 40.14 25.28 32.31
CA THR J 175 41.39 25.28 31.52
C THR J 175 42.53 25.76 32.40
N ASP J 176 43.75 25.33 32.10
CA ASP J 176 44.98 25.91 32.69
C ASP J 176 45.28 27.25 32.02
N THR J 177 44.96 27.39 30.74
CA THR J 177 45.12 28.64 29.96
C THR J 177 43.94 28.76 29.01
N ASP J 178 43.53 29.99 28.69
CA ASP J 178 42.54 30.26 27.63
C ASP J 178 43.20 30.28 26.24
N GLN J 179 44.53 30.17 26.12
CA GLN J 179 45.24 30.10 24.82
C GLN J 179 45.40 28.64 24.38
N VAL J 180 44.83 28.30 23.21
CA VAL J 180 45.03 26.99 22.55
C VAL J 180 46.52 26.90 22.25
N ASP J 181 47.12 25.72 22.45
CA ASP J 181 48.53 25.45 22.11
C ASP J 181 48.66 25.33 20.59
N LEU J 182 49.42 26.26 19.99
CA LEU J 182 49.67 26.32 18.52
C LEU J 182 51.12 25.95 18.19
N SER J 183 51.87 25.39 19.15
CA SER J 183 53.31 25.06 19.01
C SER J 183 53.50 23.86 18.08
N SER J 184 52.47 23.07 17.78
CA SER J 184 52.55 21.92 16.85
C SER J 184 51.68 22.16 15.62
N TYR J 185 51.22 23.39 15.36
CA TYR J 185 50.32 23.65 14.21
C TYR J 185 51.13 23.43 12.94
N TYR J 186 50.58 22.66 12.01
CA TYR J 186 51.24 22.29 10.74
C TYR J 186 51.59 23.55 9.95
N ALA J 187 52.87 23.75 9.67
CA ALA J 187 53.38 25.03 9.11
C ALA J 187 52.97 25.18 7.64
N SER J 188 52.72 24.09 6.91
CA SER J 188 52.27 24.12 5.50
C SER J 188 50.77 23.79 5.34
N SER J 189 49.96 23.97 6.37
CA SER J 189 48.48 23.89 6.31
C SER J 189 47.97 24.87 5.24
N LYS J 190 46.85 24.55 4.61
CA LYS J 190 46.14 25.52 3.73
C LYS J 190 45.66 26.71 4.53
N TYR J 191 45.50 26.58 5.86
CA TYR J 191 44.93 27.64 6.72
C TYR J 191 45.99 28.08 7.72
N GLU J 192 46.09 29.40 7.89
CA GLU J 192 46.87 30.05 8.98
CA GLU J 192 46.85 30.10 8.96
C GLU J 192 45.90 30.40 10.11
N ILE J 193 46.36 30.24 11.34
CA ILE J 193 45.58 30.59 12.54
C ILE J 193 45.86 32.05 12.89
N LEU J 194 44.80 32.85 13.02
CA LEU J 194 44.83 34.25 13.46
C LEU J 194 44.64 34.30 14.98
N SER J 195 43.74 33.47 15.51
CA SER J 195 43.66 33.28 16.98
C SER J 195 42.96 31.95 17.28
N ALA J 196 43.23 31.44 18.48
CA ALA J 196 42.61 30.19 18.97
C ALA J 196 42.55 30.23 20.50
N THR J 197 41.33 30.26 21.04
CA THR J 197 41.04 30.39 22.49
C THR J 197 40.19 29.22 22.96
N GLN J 198 40.27 28.92 24.24
CA GLN J 198 39.56 27.80 24.89
C GLN J 198 39.02 28.34 26.20
N THR J 199 37.70 28.53 26.32
CA THR J 199 37.10 29.31 27.42
C THR J 199 35.98 28.51 28.07
N ARG J 200 36.02 28.37 29.38
CA ARG J 200 34.89 27.81 30.17
C ARG J 200 33.65 28.66 29.99
N GLN J 201 32.49 27.99 29.87
CA GLN J 201 31.16 28.61 29.61
CA GLN J 201 31.17 28.59 29.56
C GLN J 201 30.10 27.79 30.33
N VAL J 202 29.03 28.46 30.74
CA VAL J 202 27.80 27.82 31.27
C VAL J 202 26.74 27.80 30.16
N GLN J 203 26.02 26.69 30.01
CA GLN J 203 24.89 26.57 29.04
C GLN J 203 23.68 25.93 29.74
N HIS J 204 22.48 26.22 29.24
CA HIS J 204 21.21 25.53 29.60
C HIS J 204 20.61 24.87 28.36
N TYR J 205 19.81 23.84 28.59
CA TYR J 205 19.22 22.94 27.56
C TYR J 205 17.76 22.72 27.92
N SER J 206 16.91 22.56 26.89
CA SER J 206 15.42 22.46 27.02
C SER J 206 15.02 21.34 27.98
N CYS J 207 15.78 20.24 28.05
CA CYS J 207 15.38 19.02 28.81
C CYS J 207 15.42 19.28 30.31
N CYS J 208 16.28 20.17 30.81
CA CYS J 208 16.95 20.05 32.14
C CYS J 208 17.09 21.46 32.73
N PRO J 209 16.72 21.75 34.01
CA PRO J 209 16.98 23.08 34.60
C PRO J 209 18.43 23.44 34.92
N GLU J 210 19.30 22.45 35.14
CA GLU J 210 20.61 22.69 35.82
C GLU J 210 21.65 23.13 34.78
N PRO J 211 22.68 23.90 35.20
CA PRO J 211 23.72 24.41 34.30
C PRO J 211 24.62 23.26 33.82
N TYR J 212 24.98 23.26 32.53
CA TYR J 212 25.95 22.34 31.89
C TYR J 212 27.16 23.19 31.58
N ILE J 213 28.34 22.63 31.80
CA ILE J 213 29.62 23.36 31.59
C ILE J 213 30.24 22.89 30.28
N ASP J 214 30.80 23.83 29.51
CA ASP J 214 31.59 23.46 28.33
C ASP J 214 32.83 24.33 28.28
N VAL J 215 33.81 23.87 27.50
CA VAL J 215 34.96 24.69 27.05
C VAL J 215 34.67 25.04 25.58
N ASN J 216 34.60 26.33 25.28
CA ASN J 216 34.28 26.85 23.93
C ASN J 216 35.60 27.05 23.21
N LEU J 217 35.84 26.29 22.14
CA LEU J 217 37.05 26.41 21.29
C LEU J 217 36.70 27.37 20.15
N VAL J 218 37.38 28.50 20.09
CA VAL J 218 37.04 29.57 19.12
C VAL J 218 38.29 29.77 18.27
N VAL J 219 38.18 29.57 16.96
CA VAL J 219 39.35 29.60 16.07
C VAL J 219 39.05 30.61 14.96
N LYS J 220 39.92 31.60 14.80
CA LYS J 220 39.89 32.58 13.67
C LYS J 220 41.04 32.19 12.72
N PHE J 221 40.73 31.98 11.43
CA PHE J 221 41.66 31.43 10.45
C PHE J 221 41.37 32.01 9.05
N ARG J 222 42.38 31.92 8.20
CA ARG J 222 42.30 32.36 6.77
C ARG J 222 43.21 31.48 5.94
N GLU J 223 42.99 31.46 4.63
CA GLU J 223 43.90 30.84 3.67
C GLU J 223 45.28 31.48 3.82
N ARG J 224 46.36 30.70 3.77
CA ARG J 224 47.76 31.16 3.99
C ARG J 224 48.10 32.42 3.17
C2 MXQ K . -44.50 -5.69 9.48
N3 MXQ K . -44.24 -4.68 10.45
C4 MXQ K . -43.84 -3.39 9.87
C5 MXQ K . -43.50 -2.29 10.88
C6 MXQ K . -42.04 -2.29 11.28
C8 MXQ K . -42.52 -3.75 13.14
C9 MXQ K . -44.00 -3.76 12.77
C10 MXQ K . -44.37 -2.44 12.11
C11 MXQ K . -44.32 -4.89 11.84
C12 MXQ K . -44.67 -6.13 12.30
C14 MXQ K . -44.90 -7.02 10.08
C15 MXQ K . -45.40 -8.10 9.14
C16 MXQ K . -46.83 -7.84 8.65
C17 MXQ K . -47.85 -7.84 9.82
O1 MXQ K . -44.39 -5.46 8.25
N7 MXQ K . -41.70 -3.54 11.94
C13 MXQ K . -44.95 -7.23 11.42
O18 MXQ K . -47.91 -9.13 10.43
HC4B MXQ K . -44.67 -3.05 9.24
HC4A MXQ K . -42.97 -3.59 9.24
HC5 MXQ K . -43.72 -1.34 10.39
HC6B MXQ K . -41.84 -1.48 11.98
HC6A MXQ K . -41.46 -2.10 10.38
HC8B MXQ K . -42.26 -4.71 13.59
HC8A MXQ K . -42.31 -2.95 13.84
HC9 MXQ K . -44.57 -3.89 13.69
H10B MXQ K . -44.19 -1.62 12.81
H10A MXQ K . -45.43 -2.43 11.85
HC12 MXQ K . -44.70 -6.30 13.39
H15B MXQ K . -44.71 -8.22 8.31
H15A MXQ K . -45.35 -9.07 9.66
H16B MXQ K . -46.86 -6.89 8.12
H16A MXQ K . -47.12 -8.59 7.91
H17B MXQ K . -47.53 -7.18 10.63
H17A MXQ K . -48.85 -7.58 9.49
HN7 MXQ K . -40.97 -4.04 11.45
HC13 MXQ K . -45.24 -8.20 11.83
HO18 MXQ K . -47.27 -9.73 9.94
C1 NAG L . -7.98 -34.60 4.07
C2 NAG L . -7.01 -34.91 2.93
C3 NAG L . -6.38 -36.29 3.23
C4 NAG L . -5.57 -36.20 4.53
C5 NAG L . -6.52 -35.86 5.69
C6 NAG L . -5.84 -35.68 7.06
C7 NAG L . -7.65 -33.69 0.80
C8 NAG L . -6.94 -32.38 1.14
N2 NAG L . -7.67 -34.77 1.63
O3 NAG L . -5.59 -36.77 2.13
O4 NAG L . -4.85 -37.43 4.77
O5 NAG L . -7.29 -34.69 5.36
O6 NAG L . -4.99 -34.52 7.16
O7 NAG L . -8.21 -33.78 -0.29
H1 NAG L . -9.04 -34.33 4.23
H2 NAG L . -6.19 -34.17 2.92
H3 NAG L . -7.19 -37.03 3.36
H4 NAG L . -4.83 -35.40 4.44
H5 NAG L . -7.20 -36.71 5.84
H61 NAG L . -5.21 -36.55 7.28
H62 NAG L . -6.61 -35.57 7.84
H81 NAG L . -5.91 -32.56 1.29
H82 NAG L . -7.07 -31.70 0.34
H83 NAG L . -7.37 -31.98 2.02
HN2 NAG L . -8.20 -35.56 1.28
HO3 NAG L . -5.26 -37.66 2.33
HO4 NAG L . -4.33 -37.33 5.58
HO6 NAG L . -4.60 -34.47 8.05
C1 GOL M . -12.42 4.08 4.22
O1 GOL M . -12.77 2.84 4.87
C2 GOL M . -10.93 4.27 3.94
O2 GOL M . -10.22 4.13 5.17
C3 GOL M . -10.58 5.64 3.35
O3 GOL M . -9.69 5.67 2.21
H11 GOL M . -12.70 4.83 4.81
H12 GOL M . -12.89 4.14 3.36
HO1 GOL M . -13.61 2.83 4.98
H2 GOL M . -10.64 3.58 3.29
HO2 GOL M . -9.76 4.84 5.29
H31 GOL M . -10.14 6.19 4.05
H32 GOL M . -11.41 6.09 3.05
HO3 GOL M . -9.48 4.87 2.02
P PO4 N . -28.55 11.35 -1.28
O1 PO4 N . -29.97 11.62 -1.81
O2 PO4 N . -28.41 11.88 0.14
O3 PO4 N . -27.52 12.12 -2.12
O4 PO4 N . -28.28 9.82 -1.37
C1 GOL O . -38.58 -16.43 4.02
O1 GOL O . -39.52 -17.05 3.14
C2 GOL O . -39.11 -15.09 4.49
O2 GOL O . -38.11 -14.43 5.28
C3 GOL O . -39.63 -14.20 3.38
O3 GOL O . -39.05 -14.41 2.08
H11 GOL O . -37.72 -16.29 3.54
H12 GOL O . -38.43 -17.01 4.80
HO1 GOL O . -39.19 -17.79 2.90
H2 GOL O . -39.85 -15.26 5.12
HO2 GOL O . -38.00 -13.65 4.96
H31 GOL O . -39.46 -13.25 3.61
H32 GOL O . -40.61 -14.35 3.26
HO3 GOL O . -38.47 -15.02 2.15
CL CL P . -30.50 -21.26 3.42
K K Q . -31.13 -14.24 0.08
C2 MXQ R . -37.60 3.05 -36.06
N3 MXQ R . -37.77 4.42 -36.35
C4 MXQ R . -37.10 5.34 -35.39
C5 MXQ R . -37.37 6.83 -35.62
C6 MXQ R . -38.63 7.32 -34.93
C8 MXQ R . -39.92 6.81 -36.93
C9 MXQ R . -38.65 6.36 -37.67
C10 MXQ R . -37.46 7.13 -37.13
C11 MXQ R . -38.47 4.89 -37.48
C12 MXQ R . -39.03 3.97 -38.33
C14 MXQ R . -38.18 2.12 -37.07
C15 MXQ R . -37.86 0.67 -36.93
C16 MXQ R . -36.46 0.27 -37.40
C17 MXQ R . -36.27 0.49 -38.92
O1 MXQ R . -37.02 2.69 -35.05
N7 MXQ R . -39.81 6.66 -35.47
C13 MXQ R . -38.88 2.59 -38.13
O18 MXQ R . -37.11 -0.18 -39.83
HC4B MXQ R . -36.04 5.16 -35.46
HC4A MXQ R . -37.46 5.06 -34.39
HC5 MXQ R . -36.53 7.36 -35.19
HC6B MXQ R . -38.75 8.39 -35.09
HC6A MXQ R . -38.49 7.15 -33.86
HC8B MXQ R . -40.75 6.21 -37.29
HC8A MXQ R . -40.10 7.86 -37.16
HC9 MXQ R . -38.76 6.57 -38.73
H10B MXQ R . -37.59 8.20 -37.30
H10A MXQ R . -36.55 6.83 -37.64
HC12 MXQ R . -39.61 4.32 -39.19
H15B MXQ R . -38.02 0.36 -35.89
H15A MXQ R . -38.61 0.10 -37.48
H16B MXQ R . -35.72 0.85 -36.83
H16A MXQ R . -36.25 -0.76 -37.13
H17B MXQ R . -36.47 1.51 -39.21
H17A MXQ R . -35.28 0.18 -39.24
HN7 MXQ R . -40.36 6.22 -34.75
HC13 MXQ R . -39.32 1.91 -38.87
HO18 MXQ R . -37.75 -0.73 -39.31
C1 NAG S . -74.68 -17.18 -16.21
C2 NAG S . -74.72 -17.87 -14.82
C3 NAG S . -75.94 -18.83 -14.71
C4 NAG S . -77.19 -17.94 -14.72
C5 NAG S . -77.25 -16.95 -15.94
C6 NAG S . -77.88 -15.62 -15.45
C7 NAG S . -72.69 -18.16 -13.40
C8 NAG S . -71.52 -19.04 -13.06
N2 NAG S . -73.45 -18.53 -14.46
O3 NAG S . -75.94 -19.62 -13.49
O4 NAG S . -78.36 -18.77 -14.62
O5 NAG S . -75.99 -16.70 -16.65
O6 NAG S . -78.47 -14.88 -16.52
O7 NAG S . -72.89 -17.17 -12.71
H1 NAG S . -73.92 -16.95 -16.97
H2 NAG S . -74.82 -17.08 -14.06
H3 NAG S . -75.98 -19.50 -15.57
H4 NAG S . -77.17 -17.35 -13.80
H5 NAG S . -77.99 -17.40 -16.62
H61 NAG S . -77.10 -15.01 -14.99
H62 NAG S . -78.66 -15.83 -14.71
H81 NAG S . -70.86 -19.09 -13.88
H82 NAG S . -71.01 -18.64 -12.22
H83 NAG S . -71.86 -20.02 -12.83
HN2 NAG S . -73.13 -19.30 -15.02
HO3 NAG S . -76.73 -20.18 -13.47
HO4 NAG S . -79.14 -18.21 -14.50
HO6 NAG S . -78.84 -14.06 -16.17
C1 GOL T . -43.41 -0.37 -42.68
O1 GOL T . -44.68 -0.18 -43.26
C2 GOL T . -42.25 -0.50 -43.65
O2 GOL T . -42.69 -0.78 -44.98
C3 GOL T . -41.24 -1.56 -43.31
O3 GOL T . -39.89 -1.09 -43.33
H11 GOL T . -43.42 -1.20 -42.13
H12 GOL T . -43.20 0.41 -42.09
HO1 GOL T . -45.25 -0.12 -42.65
H2 GOL T . -41.76 0.36 -43.68
HO2 GOL T . -42.28 -1.48 -45.25
H31 GOL T . -41.31 -2.30 -43.98
H32 GOL T . -41.42 -1.92 -42.41
HO3 GOL T . -39.91 -0.27 -43.54
C1 GOL U . -54.38 15.73 -9.90
O1 GOL U . -55.16 14.89 -10.76
C2 GOL U . -55.06 15.99 -8.58
O2 GOL U . -54.33 16.96 -7.85
C3 GOL U . -56.51 16.42 -8.72
O3 GOL U . -56.71 17.81 -8.40
H11 GOL U . -54.22 16.60 -10.35
H12 GOL U . -53.51 15.29 -9.73
HO1 GOL U . -54.74 14.78 -11.47
H2 GOL U . -55.05 15.15 -8.05
HO2 GOL U . -54.85 17.59 -7.64
H31 GOL U . -57.08 15.89 -8.10
H32 GOL U . -56.81 16.29 -9.64
HO3 GOL U . -55.96 18.14 -8.19
C1 GOL V . -70.91 -6.32 -21.53
O1 GOL V . -71.52 -7.21 -22.47
C2 GOL V . -69.48 -6.01 -21.92
O2 GOL V . -69.49 -5.55 -23.28
C3 GOL V . -68.81 -4.96 -21.03
O3 GOL V . -67.98 -5.48 -20.00
H11 GOL V . -70.90 -6.75 -20.64
H12 GOL V . -71.42 -5.48 -21.49
HO1 GOL V . -72.31 -7.37 -22.21
H2 GOL V . -68.94 -6.83 -21.85
HO2 GOL V . -69.13 -4.80 -23.30
H31 GOL V . -69.52 -4.41 -20.59
H32 GOL V . -68.25 -4.36 -21.59
HO3 GOL V . -67.99 -6.32 -20.04
P PO4 W . -36.12 15.70 -13.75
O1 PO4 W . -37.04 14.45 -13.83
O2 PO4 W . -34.69 15.26 -14.08
O3 PO4 W . -36.16 16.25 -12.31
O4 PO4 W . -36.59 16.82 -14.73
C1 GOL X . -52.99 -17.17 -16.60
O1 GOL X . -52.50 -18.50 -16.61
C2 GOL X . -52.09 -16.19 -15.89
O2 GOL X . -50.88 -16.82 -15.46
C3 GOL X . -51.73 -14.98 -16.74
O3 GOL X . -51.05 -13.96 -16.00
H11 GOL X . -53.87 -17.16 -16.14
H12 GOL X . -53.10 -16.86 -17.53
HO1 GOL X . -53.05 -19.00 -17.02
H2 GOL X . -52.55 -15.87 -15.08
HO2 GOL X . -50.23 -16.39 -15.77
H31 GOL X . -52.55 -14.59 -17.11
H32 GOL X . -51.13 -15.26 -17.48
HO3 GOL X . -50.97 -14.22 -15.20
C1 GOL Y . -43.16 -6.97 -30.43
O1 GOL Y . -43.96 -8.11 -30.69
C2 GOL Y . -43.91 -5.72 -30.86
O2 GOL Y . -43.25 -5.17 -31.99
C3 GOL Y . -44.07 -4.70 -29.73
O3 GOL Y . -44.90 -3.58 -30.06
H11 GOL Y . -42.31 -7.04 -30.94
H12 GOL Y . -42.96 -6.92 -29.46
HO1 GOL Y . -43.53 -8.79 -30.45
H2 GOL Y . -44.81 -5.99 -31.17
HO2 GOL Y . -43.07 -4.35 -31.81
H31 GOL Y . -43.18 -4.35 -29.49
H32 GOL Y . -44.48 -5.15 -28.96
HO3 GOL Y . -45.18 -3.67 -30.85
C1 GOL Z . -66.54 -3.48 -13.54
O1 GOL Z . -65.45 -2.62 -13.22
C2 GOL Z . -66.32 -4.32 -14.77
O2 GOL Z . -67.35 -5.31 -14.84
C3 GOL Z . -66.30 -3.48 -16.04
O3 GOL Z . -65.03 -2.89 -16.30
H11 GOL Z . -67.36 -2.92 -13.69
H12 GOL Z . -66.71 -4.09 -12.77
HO1 GOL Z . -65.64 -2.18 -12.52
H2 GOL Z . -65.46 -4.78 -14.68
HO2 GOL Z . -67.74 -5.23 -15.59
H31 GOL Z . -66.95 -2.74 -15.95
H32 GOL Z . -66.54 -4.05 -16.81
HO3 GOL Z . -64.49 -3.12 -15.69
CL CL AA . -52.13 -9.96 -26.69
K K BA . -46.81 -5.71 -22.96
C2 MXQ CA . -16.33 -10.29 3.69
N3 MXQ CA . -15.40 -9.25 4.11
C4 MXQ CA . -15.97 -7.88 3.99
C5 MXQ CA . -15.01 -6.74 4.32
C6 MXQ CA . -14.16 -6.32 3.13
C8 MXQ CA . -12.43 -7.92 3.75
C9 MXQ CA . -13.24 -8.35 4.95
C10 MXQ CA . -14.07 -7.17 5.47
C11 MXQ CA . -14.14 -9.52 4.56
C12 MXQ CA . -13.68 -10.82 4.59
C14 MXQ CA . -15.84 -11.64 3.78
C15 MXQ CA . -16.83 -12.74 3.49
C16 MXQ CA . -17.73 -13.05 4.68
C17 MXQ CA . -16.99 -13.48 5.91
O1 MXQ CA . -17.47 -9.97 3.28
N7 MXQ CA . -13.26 -7.38 2.66
C13 MXQ CA . -14.56 -11.90 4.20
O18 MXQ CA . -16.29 -14.71 5.80
HC4B MXQ CA . -16.82 -7.83 4.68
HC4A MXQ CA . -16.32 -7.77 2.97
HC5 MXQ CA . -15.59 -5.87 4.64
HC6B MXQ CA . -13.54 -5.47 3.43
HC6A MXQ CA . -14.87 -5.98 2.38
HC8B MXQ CA . -11.87 -8.79 3.38
HC8A MXQ CA . -11.74 -7.15 4.06
HC9 MXQ CA . -12.57 -8.69 5.74
H10B MXQ CA . -13.41 -6.36 5.76
H10A MXQ CA . -14.64 -7.46 6.35
HC12 MXQ CA . -12.68 -11.06 4.92
H15B MXQ CA . -17.42 -12.50 2.60
H15A MXQ CA . -16.27 -13.64 3.19
H16B MXQ CA . -18.34 -12.17 4.90
H16A MXQ CA . -18.46 -13.82 4.41
H17B MXQ CA . -16.19 -12.79 6.17
H17A MXQ CA . -17.66 -13.63 6.76
HN7 MXQ CA . -13.37 -7.56 1.68
HC13 MXQ CA . -14.19 -12.91 4.27
HO18 MXQ CA . -16.43 -15.04 4.88
C1 NAG DA . -7.57 -25.11 -39.69
C2 NAG DA . -8.23 -24.89 -41.05
C3 NAG DA . -7.91 -26.16 -41.87
C4 NAG DA . -6.38 -26.27 -42.05
C5 NAG DA . -5.65 -26.33 -40.69
C6 NAG DA . -4.12 -26.21 -40.83
C7 NAG DA . -10.32 -23.42 -40.94
C8 NAG DA . -9.57 -22.11 -40.82
N2 NAG DA . -9.68 -24.63 -40.99
O3 NAG DA . -8.56 -26.15 -43.15
O4 NAG DA . -6.08 -27.43 -42.83
O5 NAG DA . -6.13 -25.32 -39.78
O6 NAG DA . -3.73 -24.93 -41.34
O7 NAG DA . -11.55 -23.39 -41.04
H1 NAG DA . -7.88 -25.16 -38.64
H2 NAG DA . -7.79 -24.03 -41.57
H3 NAG DA . -8.25 -27.04 -41.32
H4 NAG DA . -6.04 -25.37 -42.58
H5 NAG DA . -5.85 -27.33 -40.27
H61 NAG DA . -3.76 -26.97 -41.53
H62 NAG DA . -3.66 -26.35 -39.86
H81 NAG DA . -8.93 -22.00 -41.65
H82 NAG DA . -10.27 -21.31 -40.80
H83 NAG DA . -9.00 -22.11 -39.92
HN2 NAG DA . -10.32 -25.41 -40.97
HO3 NAG DA . -8.35 -26.97 -43.62
HO4 NAG DA . -5.12 -27.46 -42.98
HO6 NAG DA . -2.76 -24.89 -41.40
C1 GOL EA . -10.92 -19.47 4.31
O1 GOL EA . -12.31 -19.29 4.51
C2 GOL EA . -10.20 -18.19 4.63
O2 GOL EA . -9.58 -17.66 3.45
C3 GOL EA . -11.15 -17.23 5.28
O3 GOL EA . -12.25 -17.84 5.97
H11 GOL EA . -10.76 -19.72 3.36
H12 GOL EA . -10.58 -20.19 4.90
HO1 GOL EA . -12.70 -20.02 4.33
H2 GOL EA . -9.45 -18.40 5.24
HO2 GOL EA . -9.87 -16.88 3.32
H31 GOL EA . -11.54 -16.63 4.59
H32 GOL EA . -10.66 -16.68 5.94
HO3 GOL EA . -12.17 -18.68 5.89
C1 GOL FA . -11.15 10.11 -23.01
O1 GOL FA . -10.77 8.72 -23.06
C2 GOL FA . -11.09 10.88 -24.33
O2 GOL FA . -9.79 11.45 -24.52
C3 GOL FA . -12.08 12.05 -24.41
O3 GOL FA . -12.37 12.58 -25.71
H11 GOL FA . -10.56 10.58 -22.37
H12 GOL FA . -12.09 10.18 -22.69
HO1 GOL FA . -10.85 8.40 -22.29
H2 GOL FA . -11.29 10.27 -25.07
HO2 GOL FA . -9.88 12.28 -24.63
H31 GOL FA . -11.75 12.80 -23.88
H32 GOL FA . -12.96 11.75 -24.04
HO3 GOL FA . -11.92 12.15 -26.29
C1 GOL GA . -3.27 -16.79 -29.03
O1 GOL GA . -4.42 -17.63 -29.16
C2 GOL GA . -2.24 -17.43 -28.14
O2 GOL GA . -2.69 -17.39 -26.78
C3 GOL GA . -1.84 -18.86 -28.51
O3 GOL GA . -2.41 -19.36 -29.72
H11 GOL GA . -3.56 -15.94 -28.61
H12 GOL GA . -2.88 -16.62 -29.92
HO1 GOL GA . -4.97 -17.25 -29.67
H2 GOL GA . -1.42 -16.89 -28.07
HO2 GOL GA . -2.65 -18.19 -26.46
H31 GOL GA . -2.14 -19.47 -27.79
H32 GOL GA . -0.86 -18.91 -28.61
HO3 GOL GA . -2.90 -18.75 -30.05
P PO4 HA . -22.40 11.76 -8.56
O1 PO4 HA . -23.45 11.45 -7.47
O2 PO4 HA . -22.21 10.48 -9.42
O3 PO4 HA . -21.10 12.22 -7.86
O4 PO4 HA . -22.87 12.91 -9.47
C1 GOL IA . -18.92 -17.11 -7.28
O1 GOL IA . -19.60 -18.26 -6.79
C2 GOL IA . -18.01 -16.49 -6.23
O2 GOL IA . -18.59 -16.82 -4.97
C3 GOL IA . -17.86 -14.98 -6.27
O3 GOL IA . -16.84 -14.43 -7.11
H11 GOL IA . -19.57 -16.43 -7.57
H12 GOL IA . -18.35 -17.38 -8.05
HO1 GOL IA . -20.09 -18.57 -7.42
H2 GOL IA . -17.11 -16.87 -6.33
HO2 GOL IA . -18.71 -16.09 -4.54
H31 GOL IA . -17.65 -14.66 -5.35
H32 GOL IA . -18.70 -14.58 -6.58
HO3 GOL IA . -16.43 -15.07 -7.49
CL CL JA . -16.34 -19.88 -15.77
K K KA . -20.19 -13.37 -14.13
C1 GOL LA . -46.17 -13.28 16.32
O1 GOL LA . -44.88 -13.13 15.76
C2 GOL LA . -47.24 -13.33 15.28
O2 GOL LA . -46.82 -14.20 14.22
C3 GOL LA . -47.56 -11.98 14.73
O3 GOL LA . -48.48 -12.00 13.66
H11 GOL LA . -46.36 -12.53 16.93
H12 GOL LA . -46.20 -14.13 16.84
HO1 GOL LA . -44.31 -13.10 16.39
H2 GOL LA . -48.06 -13.71 15.68
HO2 GOL LA . -46.84 -13.76 13.50
H31 GOL LA . -46.72 -11.57 14.40
H32 GOL LA . -47.94 -11.42 15.45
HO3 GOL LA . -48.69 -12.80 13.51
C1 GOL MA . -52.42 -8.57 -12.43
O1 GOL MA . -51.63 -8.01 -11.39
C2 GOL MA . -53.84 -8.88 -11.99
O2 GOL MA . -53.85 -9.94 -11.03
C3 GOL MA . -54.54 -7.66 -11.45
O3 GOL MA . -54.48 -7.56 -10.03
H11 GOL MA . -52.00 -9.42 -12.73
H12 GOL MA . -52.46 -7.94 -13.19
HO1 GOL MA . -50.85 -7.86 -11.69
H2 GOL MA . -54.34 -9.21 -12.78
HO2 GOL MA . -54.27 -9.65 -10.34
H31 GOL MA . -55.49 -7.68 -11.71
H32 GOL MA . -54.12 -6.84 -11.82
HO3 GOL MA . -54.05 -8.23 -9.73
C2 MXQ NA . -57.76 2.50 -14.99
N3 MXQ NA . -58.16 3.71 -14.41
C4 MXQ NA . -57.06 4.72 -14.37
C5 MXQ NA . -57.41 6.04 -13.69
C6 MXQ NA . -57.18 6.02 -12.19
C8 MXQ NA . -59.46 5.27 -11.80
C9 MXQ NA . -59.74 5.28 -13.30
C10 MXQ NA . -58.89 6.38 -13.96
C11 MXQ NA . -59.43 3.94 -13.88
C12 MXQ NA . -60.36 2.93 -13.91
C14 MXQ NA . -58.80 1.41 -15.04
C15 MXQ NA . -58.47 0.18 -15.81
C16 MXQ NA . -58.57 0.40 -17.33
C17 MXQ NA . -59.94 0.71 -17.80
O1 MXQ NA . -56.61 2.32 -15.36
N7 MXQ NA . -58.05 5.09 -11.48
C13 MXQ NA . -60.04 1.64 -14.50
O18 MXQ NA . -61.04 -0.21 -17.56
HC4B MXQ NA . -56.76 4.91 -15.40
HC4A MXQ NA . -56.24 4.25 -13.83
HC5 MXQ NA . -56.78 6.82 -14.13
HC6B MXQ NA . -57.37 7.03 -11.79
HC6A MXQ NA . -56.11 5.81 -12.07
HC8B MXQ NA . -60.04 4.45 -11.37
HC8A MXQ NA . -59.79 6.21 -11.38
HC9 MXQ NA . -60.79 5.50 -13.45
H10B MXQ NA . -59.15 7.35 -13.56
H10A MXQ NA . -59.09 6.40 -15.04
HC12 MXQ NA . -61.35 3.09 -13.50
H15B MXQ NA . -57.48 -0.19 -15.53
H15A MXQ NA . -59.15 -0.62 -15.50
H16B MXQ NA . -57.89 1.21 -17.62
H16A MXQ NA . -58.19 -0.47 -17.86
H17B MXQ NA . -60.36 1.58 -17.29
H17A MXQ NA . -59.98 0.84 -18.87
HN7 MXQ NA . -57.53 4.46 -10.88
HC13 MXQ NA . -60.81 0.87 -14.52
HO18 MXQ NA . -60.68 -0.99 -17.08
C1 NAG OA . -49.84 -29.39 18.31
C2 NAG OA . -48.50 -29.86 18.89
C3 NAG OA . -48.69 -31.28 19.47
C4 NAG OA . -49.52 -31.11 20.75
C5 NAG OA . -50.79 -30.25 20.57
C6 NAG OA . -51.03 -29.45 21.85
C7 NAG OA . -47.14 -30.35 16.85
C8 NAG OA . -45.81 -30.04 16.22
N2 NAG OA . -47.35 -29.70 18.00
O3 NAG OA . -47.44 -31.95 19.73
O4 NAG OA . -49.86 -32.40 21.26
O5 NAG OA . -50.83 -29.35 19.40
O6 NAG OA . -52.38 -28.94 21.94
O7 NAG OA . -47.95 -31.14 16.36
H1 NAG OA . -50.32 -29.08 17.38
H2 NAG OA . -48.19 -29.19 19.71
H3 NAG OA . -49.27 -31.91 18.78
H4 NAG OA . -48.87 -30.61 21.49
H5 NAG OA . -51.62 -30.97 20.49
H61 NAG OA . -50.35 -28.59 21.88
H62 NAG OA . -50.85 -30.09 22.72
H81 NAG OA . -45.03 -30.32 16.89
H82 NAG OA . -45.71 -30.59 15.32
H83 NAG OA . -45.75 -29.01 16.02
HN2 NAG OA . -46.63 -29.03 18.26
HO3 NAG OA . -47.63 -32.84 20.09
HO4 NAG OA . -50.30 -32.30 22.12
HO6 NAG OA . -52.48 -28.45 22.77
P PO4 PA . -36.95 13.83 -4.56
O1 PO4 PA . -37.96 14.86 -4.00
O2 PO4 PA . -35.56 14.19 -4.02
O3 PO4 PA . -37.30 12.37 -4.15
O4 PO4 PA . -36.95 13.89 -6.09
C1 GOL QA . -61.63 14.11 10.50
O1 GOL QA . -62.17 15.31 11.06
C2 GOL QA . -62.22 13.78 9.15
O2 GOL QA . -62.21 12.36 8.96
C3 GOL QA . -61.50 14.46 8.00
O3 GOL QA . -62.28 14.58 6.80
H11 GOL QA . -61.83 13.35 11.12
H12 GOL QA . -60.66 14.21 10.40
HO1 GOL QA . -61.80 15.44 11.81
H2 GOL QA . -63.16 14.08 9.14
HO2 GOL QA . -61.79 12.20 8.24
H31 GOL QA . -60.69 13.94 7.77
H32 GOL QA . -61.24 15.37 8.27
HO3 GOL QA . -63.04 14.22 6.95
C1 GOL RA . -39.22 7.60 12.81
O1 GOL RA . -40.11 6.56 12.50
C2 GOL RA . -38.80 7.42 14.25
O2 GOL RA . -39.53 8.28 15.12
C3 GOL RA . -37.35 7.74 14.41
O3 GOL RA . -37.10 9.08 14.04
H11 GOL RA . -39.68 8.47 12.69
H12 GOL RA . -38.44 7.56 12.22
HO1 GOL RA . -40.36 6.66 11.69
H2 GOL RA . -38.96 6.49 14.50
HO2 GOL RA . -38.98 8.76 15.54
H31 GOL RA . -36.81 7.13 13.84
H32 GOL RA . -37.09 7.61 15.36
HO3 GOL RA . -37.83 9.43 13.79
CL CL SA . -52.58 -15.19 -3.39
K K TA . -47.55 -9.57 -5.36
C1 GOL UA . -20.88 -11.21 -27.84
O1 GOL UA . -21.40 -10.31 -28.83
C2 GOL UA . -21.93 -12.19 -27.32
O2 GOL UA . -22.75 -12.72 -28.38
C3 GOL UA . -22.83 -11.58 -26.27
O3 GOL UA . -23.59 -10.48 -26.79
H11 GOL UA . -20.56 -10.69 -27.06
H12 GOL UA . -20.15 -11.73 -28.24
HO1 GOL UA . -20.78 -9.80 -29.07
H2 GOL UA . -21.46 -12.97 -26.92
HO2 GOL UA . -23.55 -12.56 -28.18
H31 GOL UA . -22.28 -11.25 -25.52
H32 GOL UA . -23.47 -12.27 -25.95
HO3 GOL UA . -23.38 -10.37 -27.60
C2 MXQ VA . -12.08 -4.81 -24.55
N3 MXQ VA . -11.44 -3.60 -24.89
C4 MXQ VA . -11.77 -2.48 -23.96
C5 MXQ VA . -11.18 -1.12 -24.35
C6 MXQ VA . -12.07 -0.37 -25.34
C8 MXQ VA . -10.89 -1.32 -27.23
C9 MXQ VA . -9.98 -2.10 -26.28
C10 MXQ VA . -9.79 -1.32 -24.96
C11 MXQ VA . -10.56 -3.46 -26.00
C12 MXQ VA . -10.31 -4.54 -26.80
C14 MXQ VA . -11.76 -5.94 -25.41
C15 MXQ VA . -12.31 -7.28 -25.00
C16 MXQ VA . -11.55 -7.89 -23.81
C17 MXQ VA . -10.08 -8.19 -24.22
O1 MXQ VA . -12.89 -4.92 -23.60
N7 MXQ VA . -12.20 -1.02 -26.65
C13 MXQ VA . -10.93 -5.81 -26.49
O18 MXQ VA . -9.75 -9.04 -25.30
HC4B MXQ VA . -11.38 -2.77 -22.99
HC4A MXQ VA . -12.86 -2.42 -23.94
HC5 MXQ VA . -11.11 -0.53 -23.45
HC6B MXQ VA . -11.63 0.61 -25.50
HC6A MXQ VA . -13.01 -0.24 -24.81
HC8B MXQ VA . -11.01 -1.91 -28.13
HC8A MXQ VA . -10.40 -0.37 -27.47
HC9 MXQ VA . -9.01 -2.23 -26.76
H10B MXQ VA . -9.32 -0.36 -25.17
H10A MXQ VA . -9.14 -1.87 -24.29
HC12 MXQ VA . -9.65 -4.48 -27.67
H15B MXQ VA . -13.37 -7.19 -24.79
H15A MXQ VA . -12.27 -7.96 -25.85
H16B MXQ VA . -11.61 -7.19 -22.97
H16A MXQ VA . -12.07 -8.77 -23.45
H17B MXQ VA . -9.56 -7.30 -24.57
H17A MXQ VA . -9.53 -8.66 -23.41
HN7 MXQ VA . -13.17 -1.15 -26.91
HC13 MXQ VA . -10.68 -6.66 -27.13
HO18 MXQ VA . -10.61 -9.37 -25.70
C1 NAG WA . -48.20 -13.96 -52.45
C2 NAG WA . -49.73 -14.04 -52.45
C3 NAG WA . -50.27 -14.65 -53.75
C4 NAG WA . -49.65 -13.88 -54.93
C5 NAG WA . -48.14 -14.14 -54.91
C6 NAG WA . -47.39 -13.65 -56.17
C7 NAG WA . -50.54 -14.42 -50.12
C8 NAG WA . -50.79 -12.96 -49.81
N2 NAG WA . -50.10 -14.86 -51.31
O3 NAG WA . -51.70 -14.61 -53.76
O4 NAG WA . -50.26 -14.22 -56.17
O5 NAG WA . -47.63 -13.52 -53.72
O6 NAG WA . -47.93 -12.41 -56.65
O7 NAG WA . -50.73 -15.24 -49.23
H1 NAG WA . -47.38 -14.16 -51.74
H2 NAG WA . -50.12 -13.03 -52.36
H3 NAG WA . -49.96 -15.71 -53.83
H4 NAG WA . -49.82 -12.80 -54.79
H5 NAG WA . -47.95 -15.22 -54.89
H61 NAG WA . -47.47 -14.40 -56.96
H62 NAG WA . -46.34 -13.50 -55.92
H81 NAG WA . -51.53 -12.59 -50.47
H82 NAG WA . -51.13 -12.87 -48.81
H83 NAG WA . -49.89 -12.42 -49.94
HN2 NAG WA . -50.04 -15.87 -51.39
HO3 NAG WA . -52.02 -15.00 -54.57
HO4 NAG WA . -49.86 -13.70 -56.89
HO6 NAG WA . -47.44 -12.13 -57.43
C1 GOL XA . -7.35 -10.76 -30.21
O1 GOL XA . -7.56 -11.06 -28.83
C2 GOL XA . -8.68 -10.52 -30.86
O2 GOL XA . -9.22 -11.79 -31.21
C3 GOL XA . -8.64 -9.56 -32.01
O3 GOL XA . -9.56 -9.83 -33.06
H11 GOL XA . -6.89 -11.53 -30.64
H12 GOL XA . -6.79 -9.96 -30.29
HO1 GOL XA . -6.82 -11.18 -28.47
H2 GOL XA . -9.30 -10.15 -30.17
HO2 GOL XA . -9.42 -11.78 -32.03
H31 GOL XA . -7.74 -9.58 -32.42
H32 GOL XA . -8.85 -8.65 -31.69
HO3 GOL XA . -10.00 -10.52 -32.86
C1 GOL YA . -36.67 17.34 -31.54
O1 GOL YA . -36.42 16.20 -32.37
C2 GOL YA . -38.04 17.93 -31.78
O2 GOL YA . -38.00 19.32 -31.46
C3 GOL YA . -38.60 17.82 -33.19
O3 GOL YA . -37.94 18.65 -34.13
H11 GOL YA . -35.99 18.03 -31.73
H12 GOL YA . -36.61 17.07 -30.59
HO1 GOL YA . -35.65 15.91 -32.20
H2 GOL YA . -38.69 17.48 -31.18
HO2 GOL YA . -38.30 19.75 -32.13
H31 GOL YA . -39.56 18.06 -33.18
H32 GOL YA . -38.50 16.87 -33.50
HO3 GOL YA . -37.34 19.09 -33.72
P PO4 ZA . -27.23 14.45 -16.10
O1 PO4 ZA . -28.36 15.41 -15.61
O2 PO4 ZA . -26.54 13.78 -14.87
O3 PO4 ZA . -26.21 15.28 -16.93
O4 PO4 ZA . -27.86 13.31 -16.99
C1 GOL AB . -27.56 -0.14 -28.80
O1 GOL AB . -27.90 -1.49 -28.48
C2 GOL AB . -26.18 0.20 -28.28
O2 GOL AB . -25.20 -0.40 -29.13
C3 GOL AB . -25.90 1.68 -28.19
O3 GOL AB . -25.53 2.10 -26.87
H11 GOL AB . -28.22 0.47 -28.40
H12 GOL AB . -27.57 -0.03 -29.79
HO1 GOL AB . -28.67 -1.65 -28.78
H2 GOL AB . -26.02 -0.21 -27.39
HO2 GOL AB . -24.68 0.22 -29.39
H31 GOL AB . -26.71 2.18 -28.46
H32 GOL AB . -25.15 1.91 -28.80
HO3 GOL AB . -25.54 1.43 -26.37
C1 GOL BB . -34.51 -20.65 -41.42
O1 GOL BB . -34.29 -20.59 -40.01
C2 GOL BB . -35.63 -19.71 -41.86
O2 GOL BB . -35.49 -19.43 -43.25
C3 GOL BB . -37.02 -20.24 -41.57
O3 GOL BB . -37.47 -21.18 -42.56
H11 GOL BB . -34.77 -21.57 -41.68
H12 GOL BB . -33.68 -20.39 -41.89
HO1 GOL BB . -33.66 -21.14 -39.82
H2 GOL BB . -35.52 -18.85 -41.37
HO2 GOL BB . -36.22 -19.62 -43.63
H31 GOL BB . -37.66 -19.48 -41.57
H32 GOL BB . -37.03 -20.70 -40.70
HO3 GOL BB . -36.86 -21.27 -43.14
CL CL CB . -29.68 -13.03 -34.28
K K DB . -29.85 -8.17 -28.21
C2 MXQ EB . 30.81 -22.05 -0.45
N3 MXQ EB . 30.40 -21.75 -1.79
C4 MXQ EB . 30.78 -20.38 -2.21
C5 MXQ EB . 30.30 -19.97 -3.59
C6 MXQ EB . 28.91 -19.34 -3.56
C8 MXQ EB . 27.90 -21.51 -3.86
C9 MXQ EB . 29.27 -22.19 -3.96
C10 MXQ EB . 30.29 -21.19 -4.52
C11 MXQ EB . 29.72 -22.64 -2.60
C12 MXQ EB . 29.40 -23.88 -2.12
C14 MXQ EB . 30.46 -23.40 0.00
C15 MXQ EB . 30.98 -23.85 1.33
C16 MXQ EB . 32.46 -24.21 1.26
C17 MXQ EB . 32.75 -25.38 0.27
O1 MXQ EB . 31.33 -21.17 0.30
N7 MXQ EB . 27.91 -20.28 -3.06
C13 MXQ EB . 29.77 -24.28 -0.80
O18 MXQ EB . 32.09 -26.60 0.66
HC4B MXQ EB . 31.87 -20.33 -2.18
HC4A MXQ EB . 30.37 -19.70 -1.46
HC5 MXQ EB . 31.00 -19.22 -3.98
HC6B MXQ EB . 28.63 -19.05 -4.57
HC6A MXQ EB . 29.01 -18.43 -2.95
HC8B MXQ EB . 27.20 -22.22 -3.43
HC8A MXQ EB . 27.57 -21.25 -4.87
HC9 MXQ EB . 29.19 -23.06 -4.62
H10B MXQ EB . 30.01 -20.91 -5.53
H10A MXQ EB . 31.27 -21.66 -4.56
HC12 MXQ EB . 28.85 -24.59 -2.74
H15B MXQ EB . 30.79 -23.08 2.08
H15A MXQ EB . 30.39 -24.70 1.67
H16B MXQ EB . 33.03 -23.32 0.98
H16A MXQ EB . 32.83 -24.46 2.26
H17B MXQ EB . 32.35 -25.19 -0.72
H17A MXQ EB . 33.82 -25.61 0.22
HN7 MXQ EB . 27.42 -19.92 -2.26
HC13 MXQ EB . 29.52 -25.28 -0.46
HO18 MXQ EB . 31.59 -26.42 1.49
C1 NAG FB . -4.04 -18.16 30.40
C2 NAG FB . -4.31 -17.05 31.40
C3 NAG FB . -5.46 -17.45 32.36
C4 NAG FB . -6.70 -17.91 31.57
C5 NAG FB . -6.33 -19.04 30.59
C6 NAG FB . -7.51 -19.50 29.73
C7 NAG FB . -2.36 -15.56 32.01
C8 NAG FB . -2.63 -14.54 30.93
N2 NAG FB . -3.08 -16.71 32.14
O3 NAG FB . -5.80 -16.33 33.22
O4 NAG FB . -7.74 -18.35 32.47
O5 NAG FB . -5.24 -18.63 29.74
O6 NAG FB . -8.13 -18.40 29.02
O7 NAG FB . -1.48 -15.33 32.81
H1 NAG FB . -3.17 -18.72 30.01
H2 NAG FB . -4.61 -16.15 30.87
H3 NAG FB . -5.11 -18.28 32.99
H4 NAG FB . -7.09 -17.06 31.00
H5 NAG FB . -6.03 -19.91 31.18
H61 NAG FB . -8.27 -19.96 30.36
H62 NAG FB . -7.16 -20.22 28.99
H81 NAG FB . -3.61 -14.16 31.02
H82 NAG FB . -1.93 -13.73 31.03
H83 NAG FB . -2.51 -14.98 29.97
HN2 NAG FB . -2.71 -17.37 32.81
HO3 NAG FB . -6.48 -16.60 33.85
HO4 NAG FB . -8.53 -18.58 31.96
HO6 NAG FB . -8.86 -18.74 28.49
C1 GOL GB . 10.08 4.73 1.95
O1 GOL GB . 9.75 3.41 2.38
C2 GOL GB . 9.03 5.79 2.30
O2 GOL GB . 7.75 5.34 1.85
C3 GOL GB . 9.30 7.18 1.71
O3 GOL GB . 9.24 8.29 2.62
H11 GOL GB . 10.17 4.74 0.95
H12 GOL GB . 10.94 5.01 2.36
HO1 GOL GB . 10.37 2.89 2.15
H2 GOL GB . 9.01 5.88 3.29
HO2 GOL GB . 7.42 5.94 1.35
H31 GOL GB . 8.62 7.37 1.01
H32 GOL GB . 10.20 7.19 1.31
HO3 GOL GB . 9.06 8.00 3.40
C1 GOL HB . 10.68 -25.13 27.07
O1 GOL HB . 9.71 -25.89 27.81
C2 GOL HB . 10.82 -25.62 25.64
O2 GOL HB . 9.56 -26.10 25.16
C3 GOL HB . 11.87 -26.68 25.46
O3 GOL HB . 13.18 -26.14 25.25
H11 GOL HB . 11.56 -25.22 27.50
H12 GOL HB . 10.40 -24.18 27.04
HO1 GOL HB . 9.69 -25.58 28.60
H2 GOL HB . 11.06 -24.84 25.07
HO2 GOL HB . 9.68 -26.89 24.88
H31 GOL HB . 11.65 -27.24 24.67
H32 GOL HB . 11.90 -27.25 26.27
HO3 GOL HB . 13.13 -25.30 25.27
P PO4 IB . 28.03 3.53 -2.12
O1 PO4 IB . 27.38 2.74 -0.96
O2 PO4 IB . 29.57 3.31 -2.08
O3 PO4 IB . 27.75 5.03 -1.93
O4 PO4 IB . 27.48 3.09 -3.52
C1 GOL JB . 26.90 -22.54 12.61
O1 GOL JB . 25.83 -23.49 12.65
C2 GOL JB . 26.68 -21.56 11.50
O2 GOL JB . 27.69 -20.57 11.54
C3 GOL JB . 26.63 -22.25 10.14
O3 GOL JB . 25.32 -22.30 9.58
H11 GOL JB . 27.75 -23.02 12.45
H12 GOL JB . 26.94 -22.07 13.47
HO1 GOL JB . 25.99 -24.03 13.28
H2 GOL JB . 25.80 -21.11 11.65
HO2 GOL JB . 28.08 -20.56 10.78
H31 GOL JB . 26.96 -23.18 10.24
H32 GOL JB . 27.22 -21.76 9.51
HO3 GOL JB . 24.79 -21.92 10.13
CL CL KB . 18.14 -21.29 17.26
K K LB . 22.24 -15.31 14.48
C1 GOL MB . 14.58 -7.35 24.14
O1 GOL MB . 15.22 -8.63 24.24
C2 GOL MB . 14.05 -7.11 22.74
O2 GOL MB . 13.73 -5.72 22.58
C3 GOL MB . 14.99 -7.61 21.66
O3 GOL MB . 16.37 -7.65 22.04
H11 GOL MB . 15.24 -6.65 24.37
H12 GOL MB . 13.82 -7.32 24.78
HO1 GOL MB . 15.50 -8.73 25.03
H2 GOL MB . 13.19 -7.58 22.65
HO2 GOL MB . 14.13 -5.44 21.88
H31 GOL MB . 14.93 -7.01 20.87
H32 GOL MB . 14.73 -8.52 21.41
HO3 GOL MB . 16.43 -7.38 22.84
C2 MXQ NB . 9.50 -6.56 11.87
N3 MXQ NB . 8.83 -5.64 11.03
C4 MXQ NB . 9.73 -4.98 10.04
C5 MXQ NB . 9.07 -3.94 9.13
C6 MXQ NB . 9.10 -2.54 9.72
C8 MXQ NB . 6.95 -2.97 10.85
C9 MXQ NB . 6.87 -4.35 10.21
C10 MXQ NB . 7.60 -4.33 8.87
C11 MXQ NB . 7.47 -5.38 11.13
C12 MXQ NB . 6.74 -5.98 12.10
C14 MXQ NB . 8.66 -7.23 12.86
C15 MXQ NB . 9.25 -8.33 13.65
C16 MXQ NB . 9.34 -9.63 12.86
C17 MXQ NB . 8.01 -10.21 12.51
O1 MXQ NB . 10.72 -6.73 11.78
N7 MXQ NB . 8.31 -2.45 10.96
C13 MXQ NB . 7.35 -6.91 13.00
O18 MXQ NB . 7.11 -10.52 13.51
HC4B MXQ NB . 10.16 -5.77 9.42
HC4A MXQ NB . 10.53 -4.51 10.62
HC5 MXQ NB . 9.61 -3.92 8.18
HC6B MXQ NB . 8.66 -1.85 9.00
HC6A MXQ NB . 10.15 -2.30 9.85
HC8B MXQ NB . 6.51 -3.07 11.85
HC8A MXQ NB . 6.35 -2.29 10.25
HC9 MXQ NB . 5.82 -4.60 10.04
H10B MXQ NB . 7.13 -3.62 8.20
H10A MXQ NB . 7.54 -5.31 8.41
HC12 MXQ NB . 5.68 -5.75 12.23
H15B MXQ NB . 10.23 -8.04 14.03
H15A MXQ NB . 8.67 -8.49 14.56
H16B MXQ NB . 9.91 -9.45 11.95
H16A MXQ NB . 9.92 -10.37 13.41
H17B MXQ NB . 7.41 -9.51 11.93
H17A MXQ NB . 8.12 -11.15 11.97
HN7 MXQ NB . 8.85 -2.03 11.71
HC13 MXQ NB . 6.71 -7.41 13.74
HO18 MXQ NB . 7.54 -10.29 14.38
C1 NAG OB . 18.48 12.17 53.42
C2 NAG OB . 19.71 12.26 54.33
C3 NAG OB . 19.11 12.21 55.75
C4 NAG OB . 17.96 13.25 55.94
C5 NAG OB . 17.67 14.18 54.73
C6 NAG OB . 18.62 15.40 54.66
C7 NAG OB . 21.89 11.49 53.23
C8 NAG OB . 22.06 12.75 52.40
N2 NAG OB . 20.79 11.30 54.04
O3 NAG OB . 20.13 12.40 56.76
O4 NAG OB . 16.73 12.54 56.15
O5 NAG OB . 17.69 13.40 53.49
O6 NAG OB . 17.95 16.64 54.93
O7 NAG OB . 22.79 10.65 53.17
H1 NAG OB . 18.00 11.47 52.72
H2 NAG OB . 20.24 13.21 54.22
H3 NAG OB . 18.70 11.21 55.91
H4 NAG OB . 18.25 13.86 56.79
H5 NAG OB . 16.67 14.61 54.87
H61 NAG OB . 19.05 15.47 53.67
H62 NAG OB . 19.40 15.29 55.41
H81 NAG OB . 22.08 13.60 53.04
H82 NAG OB . 22.96 12.69 51.86
H83 NAG OB . 21.24 12.84 51.73
HN2 NAG OB . 20.75 10.38 54.47
HO3 NAG OB . 19.73 12.29 57.64
HO4 NAG OB . 16.03 13.17 56.35
HO6 NAG OB . 18.59 17.37 54.87
C1 GOL PB . 2.55 -8.28 17.76
O1 GOL PB . 1.61 -7.61 18.61
C2 GOL PB . 2.13 -9.60 17.12
O2 GOL PB . 3.18 -10.54 17.03
C3 GOL PB . 1.02 -10.36 17.80
O3 GOL PB . 0.63 -11.48 17.00
H11 GOL PB . 3.36 -8.49 18.28
H12 GOL PB . 2.79 -7.68 17.00
HO1 GOL PB . 1.97 -6.89 18.90
H2 GOL PB . 1.81 -9.41 16.20
HO2 GOL PB . 2.91 -11.27 17.38
H31 GOL PB . 0.24 -9.76 17.91
H32 GOL PB . 1.33 -10.67 18.68
HO3 GOL PB . 1.12 -11.49 16.31
C1 GOL QB . 24.31 23.60 16.68
O1 GOL QB . 23.55 22.91 17.69
C2 GOL QB . 25.03 24.87 17.18
O2 GOL QB . 24.06 25.85 17.56
C3 GOL QB . 25.95 25.50 16.13
O3 GOL QB . 27.25 25.92 16.61
H11 GOL QB . 23.70 23.89 15.95
H12 GOL QB . 25.01 23.01 16.32
HO1 GOL QB . 23.19 22.23 17.33
H2 GOL QB . 25.57 24.62 17.96
HO2 GOL QB . 24.22 26.56 17.12
H31 GOL QB . 25.51 26.31 15.76
H32 GOL QB . 26.12 24.84 15.41
HO3 GOL QB . 27.30 25.74 17.43
C1 GOL RB . -5.18 5.09 17.32
O1 GOL RB . -4.39 6.27 17.36
C2 GOL RB . -4.80 4.09 18.39
O2 GOL RB . -4.72 4.74 19.66
C3 GOL RB . -3.49 3.36 18.12
O3 GOL RB . -3.64 2.09 17.46
H11 GOL RB . -5.08 4.66 16.44
H12 GOL RB . -6.13 5.34 17.46
HO1 GOL RB . -4.64 6.79 16.75
H2 GOL RB . -5.51 3.40 18.46
HO2 GOL RB . -3.96 4.58 19.99
H31 GOL RB . -3.02 3.19 18.96
H32 GOL RB . -2.91 3.92 17.53
HO3 GOL RB . -4.47 1.96 17.34
P PO4 SB . 26.81 10.79 3.49
O1 PO4 SB . 25.58 11.52 2.89
O2 PO4 SB . 26.64 10.49 5.02
O3 PO4 SB . 27.00 9.46 2.72
O4 PO4 SB . 28.04 11.73 3.30
CL CL TB . 16.44 -2.50 31.99
K K UB . 20.55 -1.27 25.51
C1 GOL VB . 26.85 -30.45 0.04
O1 GOL VB . 25.50 -30.58 0.48
C2 GOL VB . 27.75 -31.52 0.60
O2 GOL VB . 27.97 -31.29 1.98
C3 GOL VB . 29.08 -31.57 -0.08
O3 GOL VB . 29.90 -30.47 0.32
H11 GOL VB . 27.20 -29.58 0.32
H12 GOL VB . 26.87 -30.53 -0.95
HO1 GOL VB . 25.04 -29.95 0.13
H2 GOL VB . 27.31 -32.40 0.48
HO2 GOL VB . 28.82 -31.23 2.10
H31 GOL VB . 28.95 -31.52 -1.06
H32 GOL VB . 29.55 -32.41 0.16
HO3 GOL VB . 29.47 -30.00 0.86
C2 MXQ WB . 56.24 -10.92 8.42
N3 MXQ WB . 56.64 -10.62 7.10
C4 MXQ WB . 55.96 -9.43 6.53
C5 MXQ WB . 56.34 -9.09 5.10
C6 MXQ WB . 55.47 -9.81 4.08
C8 MXQ WB . 57.04 -11.66 3.98
C9 MXQ WB . 57.95 -10.96 5.01
C10 MXQ WB . 57.80 -9.45 4.87
C11 MXQ WB . 57.56 -11.39 6.39
C12 MXQ WB . 58.07 -12.52 6.96
C14 MXQ WB . 56.87 -12.15 9.02
C15 MXQ WB . 56.56 -12.45 10.45
C16 MXQ WB . 57.27 -11.51 11.40
C17 MXQ WB . 58.77 -11.65 11.32
O1 MXQ WB . 55.40 -10.22 9.02
N7 MXQ WB . 55.66 -11.25 4.21
C13 MXQ WB . 57.73 -12.93 8.30
O18 MXQ WB . 59.19 -12.96 11.67
HC4B MXQ WB . 56.20 -8.59 7.18
HC4A MXQ WB . 54.88 -9.64 6.59
HC5 MXQ WB . 56.19 -8.02 4.97
HC6B MXQ WB . 55.77 -9.53 3.07
HC6A MXQ WB . 54.45 -9.48 4.24
HC8B MXQ WB . 57.13 -12.73 4.09
HC8A MXQ WB . 57.33 -11.36 2.97
HC9 MXQ WB . 59.00 -11.24 4.83
H10B MXQ WB . 58.12 -9.13 3.87
H10A MXQ WB . 58.45 -8.96 5.60
HC12 MXQ WB . 58.77 -13.14 6.38
H15B MXQ WB . 55.49 -12.42 10.60
H15A MXQ WB . 56.83 -13.48 10.66
H16B MXQ WB . 56.97 -10.49 11.18
H16A MXQ WB . 56.93 -11.69 12.41
H17B MXQ WB . 59.14 -11.53 10.29
H17A MXQ WB . 59.27 -10.95 11.98
HN7 MXQ WB . 54.79 -11.72 4.45
HC13 MXQ WB . 58.19 -13.82 8.74
HO18 MXQ WB . 58.38 -13.48 11.89
C1 NAG XB . 24.38 -45.26 8.95
C2 NAG XB . 22.85 -45.29 9.12
C3 NAG XB . 22.39 -46.74 9.40
C4 NAG XB . 22.73 -47.59 8.15
C5 NAG XB . 24.28 -47.59 8.01
C6 NAG XB . 24.83 -48.46 6.87
C7 NAG XB . 21.93 -43.08 9.92
C8 NAG XB . 21.79 -42.47 8.54
N2 NAG XB . 22.41 -44.33 10.14
O3 NAG XB . 21.00 -46.80 9.74
O4 NAG XB . 22.13 -48.90 8.23
O5 NAG XB . 24.77 -46.22 7.91
O6 NAG XB . 24.89 -47.80 5.59
O7 NAG XB . 21.56 -42.41 10.87
H1 NAG XB . 25.26 -44.76 9.34
H2 NAG XB . 22.36 -44.96 8.19
H3 NAG XB . 22.95 -47.14 10.26
H4 NAG XB . 22.31 -47.13 7.24
H5 NAG XB . 24.70 -48.06 8.90
H61 NAG XB . 24.19 -49.34 6.73
H62 NAG XB . 25.84 -48.79 7.10
H81 NAG XB . 21.15 -43.07 7.95
H82 NAG XB . 21.38 -41.50 8.63
H83 NAG XB . 22.74 -42.42 8.08
HN2 NAG XB . 22.47 -44.60 11.12
HO3 NAG XB . 20.76 -47.72 9.94
HO4 NAG XB . 22.34 -49.39 7.42
HO6 NAG XB . 25.24 -48.41 4.92
C1 GOL YB . 62.32 -17.58 10.96
O1 GOL YB . 61.77 -16.51 11.71
C2 GOL YB . 61.19 -18.48 10.56
O2 GOL YB . 60.86 -19.25 11.71
C3 GOL YB . 61.51 -19.35 9.39
O3 GOL YB . 60.39 -20.07 8.90
H11 GOL YB . 62.97 -18.07 11.52
H12 GOL YB . 62.77 -17.22 10.16
HO1 GOL YB . 62.40 -15.99 11.93
H2 GOL YB . 60.41 -17.92 10.33
HO2 GOL YB . 60.91 -20.07 11.50
H31 GOL YB . 62.19 -20.02 9.65
H32 GOL YB . 61.85 -18.80 8.65
HO3 GOL YB . 59.72 -19.87 9.38
C1 GOL ZB . 28.49 -11.89 -11.20
O1 GOL ZB . 29.07 -13.05 -10.60
C2 GOL ZB . 27.09 -12.11 -11.78
O2 GOL ZB . 27.16 -13.21 -12.69
C3 GOL ZB . 26.49 -10.89 -12.50
O3 GOL ZB . 25.12 -10.55 -12.17
H11 GOL ZB . 29.07 -11.58 -11.94
H12 GOL ZB . 28.41 -11.17 -10.53
HO1 GOL ZB . 29.83 -12.85 -10.30
H2 GOL ZB . 26.48 -12.35 -11.05
HO2 GOL ZB . 26.85 -12.95 -13.44
H31 GOL ZB . 26.50 -11.05 -13.48
H32 GOL ZB . 27.03 -10.09 -12.29
HO3 GOL ZB . 24.84 -11.09 -11.59
P PO4 AC . 37.21 2.28 -3.29
O1 PO4 AC . 35.94 2.94 -3.86
O2 PO4 AC . 36.85 0.90 -2.70
O3 PO4 AC . 37.80 3.18 -2.17
O4 PO4 AC . 38.25 2.13 -4.42
C1 GOL BC . 42.55 -14.07 4.77
O1 GOL BC . 43.10 -15.23 4.13
C2 GOL BC . 41.37 -13.60 3.96
O2 GOL BC . 41.84 -12.87 2.82
C3 GOL BC . 40.50 -14.76 3.52
O3 GOL BC . 40.24 -15.70 4.56
H11 GOL BC . 43.24 -13.36 4.81
H12 GOL BC . 42.26 -14.31 5.69
HO1 GOL BC . 43.76 -15.49 4.58
H2 GOL BC . 40.82 -12.99 4.53
HO2 GOL BC . 41.54 -13.25 2.13
H31 GOL BC . 40.95 -15.25 2.78
H32 GOL BC . 39.63 -14.41 3.20
HO3 GOL BC . 40.62 -15.42 5.26
C1 GOL CC . 48.31 -19.34 14.90
O1 GOL CC . 47.81 -18.98 16.19
C2 GOL CC . 48.45 -18.13 14.00
O2 GOL CC . 48.57 -18.57 12.64
C3 GOL CC . 47.30 -17.15 14.12
O3 GOL CC . 47.17 -16.60 15.43
H11 GOL CC . 47.68 -19.97 14.47
H12 GOL CC . 49.20 -19.77 15.00
HO1 GOL CC . 47.75 -19.70 16.65
H2 GOL CC . 49.29 -17.65 14.25
HO2 GOL CC . 47.97 -18.18 12.19
H31 GOL CC . 46.46 -17.63 13.90
H32 GOL CC . 47.42 -16.41 13.49
HO3 GOL CC . 47.78 -16.93 15.92
C1 GOL DC . 36.04 -36.86 17.76
O1 GOL DC . 35.86 -38.20 18.21
C2 GOL DC . 37.31 -36.65 16.95
O2 GOL DC . 37.51 -37.76 16.08
C3 GOL DC . 38.55 -36.46 17.81
O3 GOL DC . 38.80 -35.07 18.11
H11 GOL DC . 36.09 -36.26 18.56
H12 GOL DC . 35.28 -36.59 17.19
HO1 GOL DC . 35.14 -38.24 18.65
H2 GOL DC . 37.20 -35.86 16.38
HO2 GOL DC . 38.28 -38.08 16.22
H31 GOL DC . 39.35 -36.80 17.33
H32 GOL DC . 38.43 -36.93 18.67
HO3 GOL DC . 38.20 -34.60 17.74
CL CL EC . 41.28 -25.92 13.70
K K FC . 39.75 -18.47 12.04
C2 MXQ GC . 50.42 11.45 26.10
N3 MXQ GC . 51.11 12.42 25.30
C4 MXQ GC . 50.35 12.90 24.11
C5 MXQ GC . 51.15 13.78 23.15
C6 MXQ GC . 51.99 12.96 22.17
C8 MXQ GC . 53.90 13.06 23.65
C9 MXQ GC . 53.06 13.85 24.67
C10 MXQ GC . 52.04 14.72 23.92
C11 MXQ GC . 52.39 12.89 25.61
C12 MXQ GC . 53.03 12.42 26.74
C14 MXQ GC . 51.17 11.01 27.34
C15 MXQ GC . 50.42 10.16 28.33
C16 MXQ GC . 49.47 11.00 29.18
C17 MXQ GC . 50.14 12.00 30.04
O1 MXQ GC . 49.29 11.00 25.80
N7 MXQ GC . 53.08 12.23 22.80
C13 MXQ GC . 52.43 11.47 27.62
O18 MXQ GC . 50.95 11.50 31.04
HC4B MXQ GC . 49.50 13.47 24.48
HC4A MXQ GC . 50.00 12.01 23.59
HC5 MXQ GC . 50.42 14.36 22.56
HC6B MXQ GC . 52.43 13.66 21.45
HC6A MXQ GC . 51.27 12.34 21.65
HC8B MXQ GC . 54.61 12.46 24.21
HC8A MXQ GC . 54.44 13.79 23.03
HC9 MXQ GC . 53.73 14.50 25.24
H10B MXQ GC . 52.56 15.42 23.25
H10A MXQ GC . 51.47 15.32 24.64
HC12 MXQ GC . 54.03 12.78 26.97
H15B MXQ GC . 49.89 9.36 27.82
H15A MXQ GC . 51.14 9.65 28.97
H16B MXQ GC . 48.76 11.50 28.52
H16A MXQ GC . 48.85 10.35 29.79
H17B MXQ GC . 50.85 12.61 29.48
H17A MXQ GC . 49.41 12.63 30.55
HN7 MXQ GC . 53.08 11.25 22.53
HC13 MXQ GC . 52.96 11.15 28.52
HO18 MXQ GC . 50.92 10.51 30.98
C1 NAG HC . 65.15 -32.36 19.58
C2 NAG HC . 64.76 -33.32 18.42
C3 NAG HC . 65.20 -34.75 18.77
C4 NAG HC . 66.72 -34.75 18.89
C5 NAG HC . 67.17 -33.78 20.00
C6 NAG HC . 68.72 -33.67 20.05
C7 NAG HC . 62.26 -33.36 18.70
C8 NAG HC . 60.98 -33.27 17.92
N2 NAG HC . 63.38 -33.27 17.95
O3 NAG HC . 64.76 -35.68 17.75
O4 NAG HC . 67.17 -36.10 19.12
O5 NAG HC . 66.58 -32.46 19.85
O6 NAG HC . 69.21 -32.46 19.44
O7 NAG HC . 62.27 -33.49 19.92
H1 NAG HC . 64.70 -31.64 20.27
H2 NAG HC . 65.29 -33.01 17.52
H3 NAG HC . 64.77 -35.06 19.73
H4 NAG HC . 67.16 -34.42 17.93
H5 NAG HC . 66.87 -34.22 20.96
H61 NAG HC . 69.16 -34.51 19.52
H62 NAG HC . 69.05 -33.66 21.09
H81 NAG HC . 60.95 -34.07 17.21
H82 NAG HC . 60.16 -33.35 18.57
H83 NAG HC . 60.94 -32.34 17.41
HN2 NAG HC . 63.21 -33.15 16.97
HO3 NAG HC . 65.04 -36.57 17.99
HO4 NAG HC . 68.13 -36.12 19.16
HO6 NAG HC . 70.18 -32.44 19.51
C1 GOL IC . 58.07 10.13 32.66
O1 GOL IC . 58.35 9.01 31.83
C2 GOL IC . 56.71 10.03 33.27
O2 GOL IC . 55.78 10.23 32.22
C3 GOL IC . 56.44 11.06 34.34
O3 GOL IC . 55.06 11.43 34.35
H11 GOL IC . 58.10 10.95 32.10
H12 GOL IC . 58.75 10.19 33.38
HO1 GOL IC . 59.12 9.11 31.50
H2 GOL IC . 56.62 9.14 33.69
HO2 GOL IC . 55.28 10.89 32.44
H31 GOL IC . 57.00 11.86 34.18
H32 GOL IC . 56.67 10.67 35.23
HO3 GOL IC . 54.67 11.00 33.73
P PO4 JC . 41.71 8.73 1.86
O1 PO4 JC . 40.57 9.39 2.68
O2 PO4 JC . 42.15 7.45 2.58
O3 PO4 JC . 42.87 9.77 1.67
O4 PO4 JC . 41.18 8.35 0.47
C1 GOL KC . 50.68 -1.41 27.80
O1 GOL KC . 51.29 -0.20 27.33
C2 GOL KC . 49.37 -1.19 28.51
O2 GOL KC . 49.46 -1.66 29.84
C3 GOL KC . 48.93 0.26 28.51
O3 GOL KC . 49.92 1.12 29.07
H11 GOL KC . 51.29 -1.87 28.43
H12 GOL KC . 50.50 -2.01 27.01
HO1 GOL KC . 52.02 -0.41 26.96
H2 GOL KC . 48.67 -1.72 28.05
HO2 GOL KC . 49.24 -1.03 30.36
H31 GOL KC . 48.11 0.35 29.04
H32 GOL KC . 48.77 0.55 27.58
HO3 GOL KC . 50.58 0.64 29.30
C1 GOL LC . 53.76 -3.68 -6.83
O1 GOL LC . 52.98 -4.82 -7.25
C2 GOL LC . 54.63 -3.87 -5.60
O2 GOL LC . 54.72 -5.24 -5.21
C3 GOL LC . 54.21 -3.11 -4.36
O3 GOL LC . 54.85 -3.57 -3.16
H11 GOL LC . 53.15 -2.93 -6.62
H12 GOL LC . 54.37 -3.42 -7.55
HO1 GOL LC . 52.54 -4.59 -7.94
H2 GOL LC . 55.55 -3.57 -5.81
HO2 GOL LC . 54.51 -5.29 -4.39
H31 GOL LC . 53.23 -3.20 -4.24
H32 GOL LC . 54.43 -2.15 -4.47
HO3 GOL LC . 55.37 -4.21 -3.38
C1 GOL MC . 69.47 -7.40 24.31
O1 GOL MC . 68.47 -7.24 25.30
C2 GOL MC . 68.88 -7.31 22.92
O2 GOL MC . 69.84 -7.70 21.94
C3 GOL MC . 68.38 -5.92 22.58
O3 GOL MC . 67.09 -5.63 23.13
H11 GOL MC . 69.89 -8.30 24.41
H12 GOL MC . 70.16 -6.70 24.41
HO1 GOL MC . 68.84 -7.29 26.06
H2 GOL MC . 68.12 -7.94 22.86
HO2 GOL MC . 69.92 -7.06 21.38
H31 GOL MC . 68.30 -5.83 21.59
H32 GOL MC . 69.01 -5.25 22.94
HO3 GOL MC . 66.83 -6.32 23.56
CL CL NC . 53.75 -10.05 26.28
K K OC . 48.78 -6.38 21.60
C2 MXQ PC . 21.60 14.27 28.11
N3 MXQ PC . 21.57 15.57 27.60
C4 MXQ PC . 21.70 15.63 26.12
C5 MXQ PC . 21.79 17.04 25.54
C6 MXQ PC . 23.22 17.59 25.54
C8 MXQ PC . 22.87 18.60 27.72
C9 MXQ PC . 21.43 18.07 27.76
C10 MXQ PC . 20.88 17.98 26.32
C11 MXQ PC . 21.41 16.72 28.40
C12 MXQ PC . 21.29 16.57 29.75
C14 MXQ PC . 21.41 14.15 29.57
C15 MXQ PC . 21.29 12.77 30.13
C16 MXQ PC . 19.90 12.15 29.89
C17 MXQ PC . 18.74 12.93 30.56
O1 MXQ PC . 21.78 13.26 27.39
N7 MXQ PC . 23.75 17.77 26.89
C13 MXQ PC . 21.28 15.28 30.34
O18 MXQ PC . 18.76 13.22 31.95
HC4B MXQ PC . 20.83 15.13 25.70
HC4A MXQ PC . 22.60 15.08 25.86
HC5 MXQ PC . 21.46 16.98 24.50
HC6B MXQ PC . 23.21 18.56 25.05
HC6A MXQ PC . 23.79 16.90 24.92
HC8B MXQ PC . 23.25 18.62 28.74
HC8A MXQ PC . 22.86 19.61 27.30
HC9 MXQ PC . 20.82 18.75 28.34
H10B MXQ PC . 20.86 18.97 25.88
H10A MXQ PC . 19.85 17.61 26.35
HC12 MXQ PC . 21.18 17.44 30.40
H15B MXQ PC . 22.06 12.13 29.74
H15A MXQ PC . 21.49 12.81 31.21
H16B MXQ PC . 19.72 12.08 28.82
H16A MXQ PC . 19.88 11.12 30.24
H17B MXQ PC . 18.65 13.95 30.18
H17A MXQ PC . 17.79 12.40 30.45
HN7 MXQ PC . 24.64 17.29 27.01
HC13 MXQ PC . 21.14 15.21 31.42
HO18 MXQ PC . 19.60 12.83 32.31
C1 NAG QC . 62.49 3.15 47.45
C2 NAG QC . 63.76 2.31 47.28
C3 NAG QC . 64.15 1.85 48.71
C4 NAG QC . 64.44 3.10 49.57
C5 NAG QC . 63.49 4.31 49.36
C6 NAG QC . 64.16 5.64 49.70
C7 NAG QC . 62.86 0.23 46.15
C8 NAG QC . 62.91 -0.59 44.87
N2 NAG QC . 63.67 1.31 46.20
O3 NAG QC . 65.28 0.95 48.72
O4 NAG QC . 64.39 2.73 50.96
O5 NAG QC . 62.93 4.39 48.02
O6 NAG QC . 65.10 6.06 48.68
O7 NAG QC . 62.12 -0.05 47.07
H1 NAG QC . 61.40 3.17 47.32
H2 NAG QC . 64.58 2.92 46.87
H3 NAG QC . 63.31 1.30 49.15
H4 NAG QC . 65.46 3.42 49.31
H5 NAG QC . 62.67 4.19 50.08
H61 NAG QC . 64.70 5.54 50.65
H62 NAG QC . 63.40 6.42 49.81
H81 NAG QC . 63.89 -0.97 44.73
H82 NAG QC . 62.23 -1.40 44.95
H83 NAG QC . 62.64 0.02 44.05
HN2 NAG QC . 64.28 1.41 45.39
HO3 NAG QC . 65.45 0.66 49.63
HO4 NAG QC . 64.68 3.48 51.50
HO6 NAG QC . 65.50 6.89 48.94
C1 GOL RC . 20.97 16.95 38.16
O1 GOL RC . 22.20 16.76 37.49
C2 GOL RC . 19.98 15.84 37.89
O2 GOL RC . 20.61 14.57 38.01
C3 GOL RC . 19.34 15.87 36.54
O3 GOL RC . 18.37 14.84 36.38
H11 GOL RC . 20.56 17.80 37.83
H12 GOL RC . 21.11 17.01 39.13
HO1 GOL RC . 22.71 17.41 37.68
H2 GOL RC . 19.26 15.90 38.57
HO2 GOL RC . 20.47 14.13 37.30
H31 GOL RC . 20.04 15.75 35.85
H32 GOL RC . 18.89 16.74 36.41
HO3 GOL RC . 18.34 14.40 37.09
C1 GOL SC . 51.57 18.54 13.05
O1 GOL SC . 51.47 18.60 14.48
C2 GOL SC . 52.95 18.94 12.57
O2 GOL SC . 53.93 18.13 13.22
C3 GOL SC . 53.11 18.88 11.05
O3 GOL SC . 54.12 17.98 10.54
H11 GOL SC . 50.91 19.15 12.66
H12 GOL SC . 51.40 17.61 12.76
HO1 GOL SC . 50.68 18.36 14.70
H2 GOL SC . 53.15 19.86 12.87
HO2 GOL SC . 54.41 17.76 12.62
H31 GOL SC . 53.36 19.77 10.71
H32 GOL SC . 52.26 18.59 10.65
HO3 GOL SC . 54.50 17.60 11.19
P PO4 TC . 35.17 14.09 6.13
O1 PO4 TC . 33.80 13.36 5.88
O2 PO4 TC . 35.80 13.53 7.41
O3 PO4 TC . 34.97 15.60 6.25
O4 PO4 TC . 36.12 13.81 4.95
C1 GOL UC . 29.66 5.73 34.56
O1 GOL UC . 29.03 4.45 34.62
C2 GOL UC . 28.94 6.63 33.59
O2 GOL UC . 29.72 7.79 33.28
C3 GOL UC . 28.56 5.91 32.31
O3 GOL UC . 29.63 5.13 31.78
H11 GOL UC . 30.60 5.61 34.26
H12 GOL UC . 29.65 6.14 35.46
HO1 GOL UC . 29.46 3.97 35.17
H2 GOL UC . 28.11 6.96 34.02
HO2 GOL UC . 29.81 7.83 32.43
H31 GOL UC . 28.29 6.56 31.63
H32 GOL UC . 27.80 5.29 32.50
HO3 GOL UC . 30.30 5.22 32.29
CL CL VC . 38.38 4.36 37.54
K K WC . 36.93 4.27 29.93
#